data_9L2I
#
_entry.id   9L2I
#
_cell.length_a   1.00
_cell.length_b   1.00
_cell.length_c   1.00
_cell.angle_alpha   90.00
_cell.angle_beta   90.00
_cell.angle_gamma   90.00
#
_symmetry.space_group_name_H-M   'P 1'
#
loop_
_entity.id
_entity.type
_entity.pdbx_description
1 polymer 'Methane monooxygenase'
2 polymer 'Methane monooxygenase'
3 polymer 'Methane monooxygenase'
4 non-polymer 'FE (III) ION'
5 water water
#
loop_
_entity_poly.entity_id
_entity_poly.type
_entity_poly.pdbx_seq_one_letter_code
_entity_poly.pdbx_strand_id
1 'polypeptide(L)'
;MAISLATKAATDALKVNRAPVGVEPQEVHKWLQSFNWDFKENRTKYATKYHMANQTKEQFKVIAKEYARMEAAKDERQFG
TLLDGLTRLGAGNKVHPRWGETMKVISNFLEVGEYNAIAASAMLWDSATAAEQKNGYLAQVLDEIRHTHQCAFINHYYSK
HYHDPAGHNDARRTRAIGPLWKGMKRVFADGFISGDAVECSVNLQLVGEACFTNPLIVAVTEWASANGDEITPTVFLSVE
TDELRHMANGYQTVVSIANDPAAAKYLNTDLNNAFWTQQKYFTPALGYLFEYGSKFKVEPWVKTWNRWVYEDWGGIWIGR
LGKYGVESPRSLRDAKTDAYWAHHDLALAAYALWPLGFARLALPDEEDQEWFEANYPGWADHYGKIYNEWKKLGYEDPKS
GFIPYAWLLANGHDVYIDRVSQVPFIPSLAKGSGSLRVHEFNGKKHSLTDDWGERMWLSEPERYECHNLFEQYEGRELSE
VIAEGHGVRSDGKTLIAQPHVRGDNLWTLEDIKRAGCVFPNPLAKF
;
A,D
2 'polypeptide(L)'
;MSQPQSSQVTKRGLTDPERAAIIAAAVPDHALDTQRKYHYFIQPRWKRLSEYEQLSCYAQPNPDWIAGGLDWGDWTQKFH
GGRPSWGNESTELRTTDWYRHRDPARRWHAPYVKDKSEEARYTQRFLAAYSSEGSIRTIDAYWRDEILNKYYGALLYNEY
GLFNAHSSVGRDCLSDTIRQSATFAGLDKVDNAQMIQMERLFIAKLVPGFDASTDVPKKIWTTDPIYAGARGAVEEIWQG
IQDWNEILWAGHAVYDATFGQFARREFFQRLATVYGDTLTPFFTAQSQTYFQTTRGAIEDLFVYCLANDPEFGAHNRTFL
NAWTEHYLARSVTALKDFVGIYAKVEKVAGATDRAGVSEALQRVFGDWKVDYADKIGFNIDVDQKVDAVLAGFKN
;
B,E
3 'polypeptide(L)'
;MAKREPIHENSTRTEWEGKIAKLNSVDQATKFIQDFRVAYSSPFRKSYDLDVDYQYIERKIEERLSVLKTEKLSVADLVT
KATTGEDAAAVEAAWIAKMKAAESKYAAERIHIEFRQLYKPPVLPVNVFLRTDAALGTILMELRNTDYYATPLEGLRKER
GVKVLHLQA
;
C,F
#
loop_
_chem_comp.id
_chem_comp.type
_chem_comp.name
_chem_comp.formula
FE non-polymer 'FE (III) ION' 'Fe 3'
#
# COMPACT_ATOMS: atom_id res chain seq x y z
N VAL A 16 -29.63 -24.72 5.60
CA VAL A 16 -28.30 -24.16 5.74
C VAL A 16 -28.27 -22.74 5.20
N ASN A 17 -27.84 -21.79 6.04
CA ASN A 17 -27.78 -20.39 5.64
C ASN A 17 -26.70 -20.18 4.59
N ARG A 18 -26.95 -19.21 3.70
CA ARG A 18 -26.00 -18.86 2.66
C ARG A 18 -25.77 -17.34 2.56
N ALA A 19 -26.21 -16.57 3.55
CA ALA A 19 -25.99 -15.15 3.53
C ALA A 19 -24.50 -14.84 3.67
N PRO A 20 -23.99 -13.81 3.00
CA PRO A 20 -22.57 -13.45 3.15
C PRO A 20 -22.24 -13.02 4.56
N VAL A 21 -21.43 -13.79 5.26
CA VAL A 21 -21.08 -13.54 6.66
C VAL A 21 -19.58 -13.31 6.74
N GLY A 22 -19.18 -12.17 7.30
CA GLY A 22 -17.78 -11.87 7.50
C GLY A 22 -17.42 -11.86 8.97
N VAL A 23 -16.46 -12.70 9.36
CA VAL A 23 -16.09 -12.81 10.76
C VAL A 23 -15.33 -11.57 11.20
N GLU A 24 -15.42 -11.25 12.50
CA GLU A 24 -14.76 -10.10 13.07
C GLU A 24 -13.74 -10.55 14.13
N PRO A 25 -12.70 -9.74 14.37
CA PRO A 25 -11.68 -10.13 15.36
C PRO A 25 -12.19 -10.16 16.80
N GLN A 26 -13.40 -9.66 17.07
CA GLN A 26 -13.88 -9.57 18.44
C GLN A 26 -14.01 -10.96 19.07
N GLU A 27 -14.60 -11.91 18.33
CA GLU A 27 -14.75 -13.26 18.85
C GLU A 27 -13.40 -13.93 19.06
N VAL A 28 -12.47 -13.72 18.13
CA VAL A 28 -11.14 -14.29 18.27
C VAL A 28 -10.46 -13.76 19.53
N HIS A 29 -10.56 -12.46 19.77
CA HIS A 29 -9.98 -11.90 20.98
C HIS A 29 -10.69 -12.41 22.23
N LYS A 30 -12.00 -12.62 22.15
CA LYS A 30 -12.75 -13.14 23.28
C LYS A 30 -12.26 -14.53 23.66
N TRP A 31 -12.03 -15.39 22.66
CA TRP A 31 -11.51 -16.73 22.93
C TRP A 31 -10.03 -16.73 23.28
N LEU A 32 -9.30 -15.67 22.90
CA LEU A 32 -7.89 -15.57 23.24
C LEU A 32 -7.67 -15.65 24.75
N GLN A 33 -8.58 -15.11 25.55
CA GLN A 33 -8.44 -15.20 27.00
C GLN A 33 -8.49 -16.65 27.47
N SER A 34 -9.37 -17.45 26.88
CA SER A 34 -9.48 -18.86 27.21
C SER A 34 -8.44 -19.73 26.52
N PHE A 35 -7.63 -19.16 25.63
CA PHE A 35 -6.58 -19.93 24.97
C PHE A 35 -5.63 -20.58 25.98
N ASN A 36 -5.38 -19.95 27.12
CA ASN A 36 -4.43 -20.48 28.09
C ASN A 36 -4.95 -21.77 28.74
N TRP A 37 -4.01 -22.61 29.17
CA TRP A 37 -4.29 -23.78 29.98
C TRP A 37 -3.32 -23.81 31.16
N ASP A 38 -3.80 -24.28 32.31
CA ASP A 38 -3.12 -24.07 33.59
C ASP A 38 -2.44 -25.35 34.06
N PHE A 39 -1.19 -25.21 34.52
CA PHE A 39 -0.43 -26.31 35.13
C PHE A 39 0.70 -25.74 35.96
N LYS A 40 1.31 -26.60 36.77
CA LYS A 40 2.18 -26.15 37.86
C LYS A 40 3.52 -25.59 37.38
N GLU A 41 4.20 -26.27 36.44
CA GLU A 41 5.60 -25.93 36.18
C GLU A 41 5.74 -24.63 35.40
N ASN A 42 4.65 -24.16 34.80
CA ASN A 42 4.69 -22.87 34.11
C ASN A 42 5.01 -21.75 35.11
N ARG A 43 6.02 -20.95 34.78
CA ARG A 43 6.45 -19.86 35.64
C ARG A 43 7.16 -18.83 34.78
N THR A 44 7.30 -17.62 35.32
CA THR A 44 8.06 -16.59 34.63
C THR A 44 9.53 -16.99 34.60
N LYS A 45 10.13 -16.92 33.41
CA LYS A 45 11.52 -17.38 33.26
C LYS A 45 12.48 -16.45 33.98
N TYR A 46 12.21 -15.16 33.98
CA TYR A 46 13.10 -14.18 34.57
C TYR A 46 12.75 -13.95 36.03
N ALA A 47 13.75 -13.45 36.77
CA ALA A 47 13.53 -13.12 38.18
C ALA A 47 12.47 -12.03 38.31
N THR A 48 11.62 -12.16 39.32
CA THR A 48 10.59 -11.17 39.59
C THR A 48 10.06 -11.37 40.99
N LYS A 49 9.55 -10.29 41.58
CA LYS A 49 8.87 -10.34 42.86
C LYS A 49 7.37 -10.11 42.74
N TYR A 50 6.88 -9.70 41.58
CA TYR A 50 5.47 -9.46 41.35
C TYR A 50 4.91 -10.49 40.38
N HIS A 51 3.67 -10.91 40.62
CA HIS A 51 2.92 -11.74 39.69
C HIS A 51 1.57 -11.09 39.44
N MET A 52 1.34 -10.67 38.21
CA MET A 52 0.08 -10.01 37.87
C MET A 52 -1.06 -11.02 37.88
N ALA A 53 -2.29 -10.49 37.90
CA ALA A 53 -3.47 -11.35 37.92
C ALA A 53 -3.51 -12.24 36.68
N ASN A 54 -3.93 -13.49 36.88
CA ASN A 54 -3.99 -14.44 35.77
C ASN A 54 -4.96 -13.97 34.70
N GLN A 55 -6.03 -13.29 35.09
CA GLN A 55 -6.97 -12.68 34.15
C GLN A 55 -6.71 -11.18 34.10
N THR A 56 -6.67 -10.63 32.89
CA THR A 56 -6.41 -9.22 32.70
C THR A 56 -7.00 -8.77 31.38
N LYS A 57 -7.96 -7.85 31.42
CA LYS A 57 -8.56 -7.32 30.21
C LYS A 57 -7.67 -6.25 29.60
N GLU A 58 -7.78 -6.10 28.28
CA GLU A 58 -7.02 -5.11 27.53
C GLU A 58 -7.97 -4.10 26.90
N GLN A 59 -7.53 -2.84 26.85
CA GLN A 59 -8.38 -1.79 26.30
C GLN A 59 -8.63 -2.00 24.81
N PHE A 60 -7.62 -2.46 24.08
CA PHE A 60 -7.71 -2.64 22.63
C PHE A 60 -7.94 -4.11 22.30
N LYS A 61 -8.97 -4.37 21.50
CA LYS A 61 -9.30 -5.72 21.05
C LYS A 61 -8.52 -5.97 19.77
N VAL A 62 -7.28 -6.44 19.91
CA VAL A 62 -6.33 -6.49 18.81
C VAL A 62 -5.92 -7.93 18.55
N ILE A 63 -6.02 -8.35 17.29
CA ILE A 63 -5.49 -9.62 16.83
C ILE A 63 -4.32 -9.32 15.88
N ALA A 64 -3.56 -10.36 15.55
CA ALA A 64 -2.42 -10.20 14.66
C ALA A 64 -2.84 -9.66 13.30
N LYS A 65 -3.98 -10.15 12.78
CA LYS A 65 -4.42 -9.74 11.45
C LYS A 65 -4.88 -8.29 11.44
N GLU A 66 -5.72 -7.91 12.41
CA GLU A 66 -6.18 -6.53 12.50
C GLU A 66 -5.02 -5.58 12.76
N TYR A 67 -4.10 -5.97 13.64
CA TYR A 67 -2.91 -5.16 13.89
C TYR A 67 -2.09 -5.00 12.61
N ALA A 68 -1.93 -6.08 11.85
CA ALA A 68 -1.17 -6.02 10.60
C ALA A 68 -1.82 -5.06 9.62
N ARG A 69 -3.13 -5.14 9.46
CA ARG A 69 -3.82 -4.25 8.54
C ARG A 69 -3.66 -2.80 8.97
N MET A 70 -3.88 -2.52 10.26
CA MET A 70 -3.78 -1.16 10.76
C MET A 70 -2.38 -0.60 10.58
N GLU A 71 -1.35 -1.40 10.86
CA GLU A 71 0.02 -0.94 10.70
C GLU A 71 0.40 -0.79 9.24
N ALA A 72 -0.03 -1.72 8.40
CA ALA A 72 0.35 -1.70 6.99
C ALA A 72 -0.22 -0.49 6.28
N ALA A 73 -1.47 -0.13 6.59
CA ALA A 73 -2.07 1.03 5.93
C ALA A 73 -1.24 2.29 6.17
N LYS A 74 -0.96 2.59 7.43
CA LYS A 74 -0.19 3.79 7.75
C LYS A 74 1.25 3.67 7.29
N ASP A 75 1.83 2.47 7.32
CA ASP A 75 3.21 2.29 6.90
C ASP A 75 3.43 2.62 5.43
N GLU A 76 2.58 2.05 4.58
CA GLU A 76 2.67 2.39 3.13
C GLU A 76 2.41 3.87 2.99
N ARG A 77 1.35 4.35 3.64
CA ARG A 77 0.97 5.76 3.48
C ARG A 77 2.21 6.61 3.68
N GLN A 78 2.92 6.41 4.79
CA GLN A 78 4.06 7.26 5.11
C GLN A 78 5.25 6.98 4.18
N PHE A 79 5.49 5.72 3.81
CA PHE A 79 6.54 5.47 2.83
C PHE A 79 6.23 6.09 1.48
N GLY A 80 4.98 6.01 1.02
CA GLY A 80 4.63 6.67 -0.22
C GLY A 80 4.83 8.17 -0.14
N THR A 81 4.41 8.77 0.97
CA THR A 81 4.61 10.21 1.15
C THR A 81 6.08 10.57 1.07
N LEU A 82 6.92 9.88 1.85
CA LEU A 82 8.34 10.21 1.89
C LEU A 82 9.02 9.95 0.55
N LEU A 83 8.62 8.88 -0.14
CA LEU A 83 9.28 8.51 -1.39
C LEU A 83 8.82 9.33 -2.58
N ASP A 84 7.64 9.95 -2.53
CA ASP A 84 7.22 10.81 -3.64
C ASP A 84 7.35 12.30 -3.31
N GLY A 85 6.63 12.78 -2.30
CA GLY A 85 6.52 14.22 -2.10
C GLY A 85 7.82 14.85 -1.63
N LEU A 86 8.47 14.20 -0.65
CA LEU A 86 9.70 14.77 -0.09
C LEU A 86 10.81 14.84 -1.13
N THR A 87 10.94 13.81 -1.96
CA THR A 87 11.98 13.83 -2.98
C THR A 87 11.61 14.72 -4.16
N ARG A 88 10.31 14.91 -4.43
CA ARG A 88 9.93 15.82 -5.51
C ARG A 88 10.15 17.27 -5.10
N LEU A 89 9.79 17.62 -3.87
CA LEU A 89 10.03 18.97 -3.39
C LEU A 89 11.50 19.23 -3.09
N GLY A 90 12.32 18.19 -3.01
CA GLY A 90 13.70 18.37 -2.60
C GLY A 90 13.86 18.88 -1.20
N ALA A 91 12.95 18.50 -0.29
CA ALA A 91 12.98 18.99 1.08
C ALA A 91 14.12 18.40 1.89
N GLY A 92 14.77 17.33 1.41
CA GLY A 92 15.90 16.79 2.13
C GLY A 92 17.06 17.77 2.24
N ASN A 93 17.34 18.49 1.15
CA ASN A 93 18.42 19.47 1.15
C ASN A 93 18.00 20.80 1.75
N LYS A 94 16.71 21.13 1.72
CA LYS A 94 16.23 22.42 2.23
C LYS A 94 15.94 22.34 3.72
N VAL A 95 17.01 22.04 4.48
CA VAL A 95 16.95 22.01 5.93
C VAL A 95 18.15 22.76 6.48
N HIS A 96 18.01 23.31 7.68
CA HIS A 96 19.12 23.98 8.33
C HIS A 96 20.11 22.93 8.81
N PRO A 97 21.39 23.04 8.46
CA PRO A 97 22.34 21.97 8.81
C PRO A 97 22.43 21.68 10.31
N ARG A 98 22.25 22.70 11.15
CA ARG A 98 22.19 22.47 12.59
C ARG A 98 21.10 21.46 12.92
N TRP A 99 19.90 21.67 12.39
CA TRP A 99 18.81 20.72 12.61
C TRP A 99 19.09 19.40 11.91
N GLY A 100 19.86 19.41 10.83
CA GLY A 100 20.26 18.15 10.22
C GLY A 100 21.06 17.28 11.18
N GLU A 101 22.07 17.88 11.82
CA GLU A 101 22.84 17.15 12.82
C GLU A 101 21.98 16.75 14.01
N THR A 102 21.07 17.64 14.43
CA THR A 102 20.21 17.34 15.57
C THR A 102 19.31 16.14 15.29
N MET A 103 18.68 16.10 14.12
CA MET A 103 17.86 14.95 13.75
C MET A 103 18.72 13.71 13.54
N LYS A 104 19.96 13.89 13.06
CA LYS A 104 20.88 12.77 12.98
C LYS A 104 21.05 12.09 14.34
N VAL A 105 21.39 12.88 15.35
CA VAL A 105 21.62 12.29 16.68
C VAL A 105 20.31 11.79 17.28
N ILE A 106 19.20 12.49 17.03
CA ILE A 106 17.90 12.06 17.54
C ILE A 106 17.54 10.68 16.99
N SER A 107 17.66 10.51 15.68
CA SER A 107 17.35 9.21 15.08
C SER A 107 18.30 8.13 15.57
N ASN A 108 19.59 8.45 15.65
CA ASN A 108 20.56 7.47 16.12
C ASN A 108 20.23 7.00 17.54
N PHE A 109 19.78 7.91 18.40
CA PHE A 109 19.54 7.53 19.79
C PHE A 109 18.18 6.83 19.94
N LEU A 110 17.16 7.31 19.22
CA LEU A 110 15.84 6.70 19.34
C LEU A 110 15.77 5.32 18.71
N GLU A 111 16.59 5.02 17.69
CA GLU A 111 16.55 3.68 17.13
C GLU A 111 16.98 2.64 18.16
N VAL A 112 18.07 2.90 18.87
CA VAL A 112 18.51 1.96 19.90
C VAL A 112 17.59 2.01 21.11
N GLY A 113 17.00 3.18 21.40
CA GLY A 113 16.01 3.23 22.46
C GLY A 113 14.84 2.30 22.19
N GLU A 114 14.32 2.33 20.96
CA GLU A 114 13.19 1.47 20.62
C GLU A 114 13.61 0.01 20.47
N TYR A 115 14.88 -0.25 20.12
CA TYR A 115 15.35 -1.62 20.08
C TYR A 115 15.38 -2.23 21.50
N ASN A 116 15.97 -1.51 22.44
CA ASN A 116 15.90 -2.00 23.81
C ASN A 116 14.47 -1.97 24.33
N ALA A 117 13.61 -1.14 23.74
CA ALA A 117 12.18 -1.21 24.06
C ALA A 117 11.58 -2.54 23.64
N ILE A 118 11.89 -3.03 22.44
CA ILE A 118 11.34 -4.33 22.05
C ILE A 118 11.92 -5.42 22.94
N ALA A 119 13.19 -5.29 23.33
CA ALA A 119 13.78 -6.27 24.24
C ALA A 119 13.03 -6.29 25.57
N ALA A 120 12.80 -5.12 26.16
CA ALA A 120 12.13 -5.07 27.46
C ALA A 120 10.68 -5.52 27.36
N SER A 121 9.99 -5.17 26.27
CA SER A 121 8.63 -5.64 26.09
C SER A 121 8.59 -7.15 25.89
N ALA A 122 9.61 -7.72 25.25
CA ALA A 122 9.72 -9.17 25.20
C ALA A 122 9.89 -9.76 26.60
N MET A 123 10.67 -9.09 27.45
CA MET A 123 10.75 -9.51 28.85
C MET A 123 9.38 -9.49 29.51
N LEU A 124 8.64 -8.41 29.32
CA LEU A 124 7.28 -8.31 29.87
C LEU A 124 6.41 -9.47 29.40
N TRP A 125 6.42 -9.73 28.09
CA TRP A 125 5.61 -10.81 27.53
C TRP A 125 6.05 -12.16 28.06
N ASP A 126 7.36 -12.32 28.36
CA ASP A 126 7.80 -13.55 29.01
C ASP A 126 7.26 -13.64 30.43
N SER A 127 7.17 -12.52 31.14
CA SER A 127 6.69 -12.48 32.51
C SER A 127 5.20 -12.13 32.59
N ALA A 128 4.42 -12.49 31.57
CA ALA A 128 2.99 -12.19 31.52
C ALA A 128 2.21 -13.49 31.62
N THR A 129 1.26 -13.54 32.54
CA THR A 129 0.44 -14.73 32.72
C THR A 129 -0.80 -14.71 31.83
N ALA A 130 -1.47 -13.55 31.74
CA ALA A 130 -2.69 -13.46 30.98
C ALA A 130 -2.41 -13.54 29.48
N ALA A 131 -3.21 -14.33 28.77
CA ALA A 131 -3.07 -14.45 27.33
C ALA A 131 -3.38 -13.12 26.64
N GLU A 132 -4.40 -12.42 27.11
CA GLU A 132 -4.73 -11.11 26.54
C GLU A 132 -3.60 -10.12 26.77
N GLN A 133 -3.03 -10.12 27.97
CA GLN A 133 -1.86 -9.29 28.23
C GLN A 133 -0.67 -9.71 27.38
N LYS A 134 -0.52 -11.02 27.14
CA LYS A 134 0.56 -11.49 26.28
C LYS A 134 0.39 -10.97 24.86
N ASN A 135 -0.83 -10.99 24.34
CA ASN A 135 -1.08 -10.46 23.00
C ASN A 135 -0.83 -8.96 22.95
N GLY A 136 -1.24 -8.23 24.00
CA GLY A 136 -0.93 -6.81 24.05
C GLY A 136 0.57 -6.54 24.05
N TYR A 137 1.33 -7.35 24.80
CA TYR A 137 2.78 -7.19 24.82
C TYR A 137 3.40 -7.53 23.47
N LEU A 138 2.86 -8.54 22.79
CA LEU A 138 3.35 -8.87 21.45
C LEU A 138 3.10 -7.73 20.47
N ALA A 139 1.91 -7.12 20.56
CA ALA A 139 1.62 -5.95 19.73
C ALA A 139 2.58 -4.82 20.04
N GLN A 140 2.90 -4.63 21.33
CA GLN A 140 3.90 -3.64 21.73
C GLN A 140 5.25 -3.95 21.07
N VAL A 141 5.64 -5.22 21.09
CA VAL A 141 6.94 -5.61 20.52
C VAL A 141 7.00 -5.28 19.04
N LEU A 142 5.95 -5.68 18.30
CA LEU A 142 5.93 -5.42 16.86
C LEU A 142 5.89 -3.93 16.57
N ASP A 143 5.11 -3.17 17.35
CA ASP A 143 5.04 -1.73 17.13
C ASP A 143 6.39 -1.06 17.34
N GLU A 144 7.11 -1.47 18.40
CA GLU A 144 8.41 -0.85 18.63
C GLU A 144 9.46 -1.34 17.63
N ILE A 145 9.30 -2.56 17.09
CA ILE A 145 10.14 -2.96 15.97
C ILE A 145 9.90 -2.04 14.77
N ARG A 146 8.63 -1.75 14.49
CA ARG A 146 8.30 -0.76 13.47
C ARG A 146 8.99 0.56 13.77
N HIS A 147 8.96 0.99 15.03
CA HIS A 147 9.59 2.26 15.40
C HIS A 147 11.09 2.25 15.12
N THR A 148 11.76 1.15 15.47
CA THR A 148 13.18 1.01 15.15
C THR A 148 13.44 1.16 13.66
N HIS A 149 12.65 0.45 12.85
CA HIS A 149 12.88 0.49 11.42
C HIS A 149 12.55 1.86 10.83
N GLN A 150 11.55 2.57 11.38
CA GLN A 150 11.25 3.91 10.91
C GLN A 150 12.37 4.88 11.24
N CYS A 151 12.94 4.78 12.44
CA CYS A 151 14.08 5.63 12.78
C CYS A 151 15.27 5.34 11.86
N ALA A 152 15.54 4.05 11.62
CA ALA A 152 16.62 3.69 10.71
C ALA A 152 16.34 4.20 9.30
N PHE A 153 15.08 4.20 8.89
CA PHE A 153 14.73 4.68 7.56
C PHE A 153 14.86 6.19 7.46
N ILE A 154 14.56 6.92 8.54
CA ILE A 154 14.82 8.36 8.58
C ILE A 154 16.31 8.62 8.39
N ASN A 155 17.14 7.85 9.11
CA ASN A 155 18.58 7.98 8.95
C ASN A 155 19.00 7.67 7.51
N HIS A 156 18.40 6.63 6.92
CA HIS A 156 18.74 6.24 5.55
C HIS A 156 18.41 7.35 4.57
N TYR A 157 17.21 7.94 4.70
CA TYR A 157 16.82 9.00 3.77
C TYR A 157 17.67 10.24 3.96
N TYR A 158 18.02 10.58 5.21
CA TYR A 158 18.92 11.70 5.44
C TYR A 158 20.27 11.44 4.81
N SER A 159 20.79 10.22 4.93
CA SER A 159 22.06 9.88 4.29
C SER A 159 21.96 10.01 2.78
N LYS A 160 20.83 9.60 2.20
CA LYS A 160 20.68 9.58 0.76
C LYS A 160 20.48 10.97 0.16
N HIS A 161 19.80 11.87 0.87
CA HIS A 161 19.41 13.16 0.30
C HIS A 161 20.06 14.36 0.96
N TYR A 162 20.12 14.37 2.30
CA TYR A 162 20.72 15.50 3.01
C TYR A 162 22.19 15.65 2.63
N HIS A 163 22.68 16.90 2.68
CA HIS A 163 24.00 17.22 2.16
C HIS A 163 25.13 16.79 3.08
N ASP A 164 24.84 16.40 4.32
CA ASP A 164 25.89 15.88 5.19
C ASP A 164 25.63 14.41 5.50
N PRO A 165 26.09 13.50 4.64
CA PRO A 165 25.76 12.09 4.80
C PRO A 165 26.58 11.39 5.88
N ALA A 166 27.77 11.90 6.16
CA ALA A 166 28.75 11.18 6.97
C ALA A 166 28.18 10.77 8.32
N GLY A 167 27.52 11.69 9.02
CA GLY A 167 27.01 11.37 10.34
C GLY A 167 25.99 10.25 10.32
N HIS A 168 25.18 10.18 9.27
CA HIS A 168 24.20 9.12 9.14
C HIS A 168 24.80 7.84 8.56
N ASN A 169 25.83 7.95 7.71
CA ASN A 169 26.42 6.77 7.11
C ASN A 169 27.05 5.87 8.18
N ASP A 170 27.89 6.44 9.04
CA ASP A 170 28.55 5.71 10.11
C ASP A 170 27.89 5.95 11.46
N ALA A 171 26.55 6.05 11.49
CA ALA A 171 25.85 6.38 12.71
C ALA A 171 26.08 5.32 13.79
N ARG A 172 25.97 4.04 13.43
CA ARG A 172 26.11 2.98 14.42
C ARG A 172 27.56 2.75 14.82
N ARG A 173 28.49 2.87 13.87
CA ARG A 173 29.89 2.55 14.17
C ARG A 173 30.55 3.62 15.02
N THR A 174 30.29 4.89 14.74
CA THR A 174 30.91 5.98 15.46
C THR A 174 30.12 6.44 16.68
N ARG A 175 29.01 5.77 16.99
CA ARG A 175 28.19 6.16 18.13
C ARG A 175 28.92 5.94 19.45
N ALA A 176 29.79 4.92 19.52
CA ALA A 176 30.43 4.57 20.78
C ALA A 176 31.41 5.64 21.25
N ILE A 177 31.94 6.44 20.34
CA ILE A 177 32.97 7.41 20.71
C ILE A 177 32.39 8.53 21.57
N GLY A 178 31.16 8.96 21.28
CA GLY A 178 30.55 10.07 21.95
C GLY A 178 30.29 9.81 23.43
N PRO A 179 30.35 10.87 24.24
CA PRO A 179 30.11 10.72 25.68
C PRO A 179 28.64 10.61 26.03
N LEU A 180 27.79 11.32 25.30
CA LEU A 180 26.35 11.25 25.53
C LEU A 180 25.79 9.87 25.23
N TRP A 181 26.51 9.07 24.44
CA TRP A 181 26.03 7.74 24.09
C TRP A 181 25.91 6.85 25.33
N LYS A 182 26.85 6.98 26.27
CA LYS A 182 26.76 6.21 27.50
C LYS A 182 25.51 6.58 28.30
N GLY A 183 25.20 7.87 28.38
CA GLY A 183 24.00 8.28 29.09
C GLY A 183 22.73 7.79 28.44
N MET A 184 22.67 7.88 27.10
CA MET A 184 21.48 7.39 26.41
C MET A 184 21.36 5.86 26.55
N LYS A 185 22.50 5.16 26.54
CA LYS A 185 22.50 3.74 26.84
C LYS A 185 21.91 3.48 28.22
N ARG A 186 22.31 4.28 29.20
CA ARG A 186 21.85 4.02 30.59
C ARG A 186 20.34 4.32 30.70
N VAL A 187 19.84 5.29 29.95
CA VAL A 187 18.44 5.68 30.14
C VAL A 187 17.49 4.80 29.34
N PHE A 188 17.80 4.51 28.06
CA PHE A 188 16.90 3.66 27.28
C PHE A 188 17.45 2.27 27.00
N ALA A 189 18.74 2.13 26.72
CA ALA A 189 19.25 0.81 26.35
C ALA A 189 19.28 -0.12 27.57
N ASP A 190 20.05 0.24 28.59
CA ASP A 190 20.10 -0.56 29.80
C ASP A 190 19.12 -0.11 30.86
N GLY A 191 18.40 0.99 30.63
CA GLY A 191 17.42 1.44 31.60
C GLY A 191 16.16 0.60 31.63
N PHE A 192 15.92 -0.16 30.56
CA PHE A 192 14.64 -0.91 30.45
C PHE A 192 14.86 -2.42 30.62
N ILE A 193 16.00 -2.96 30.17
CA ILE A 193 16.20 -4.40 30.24
C ILE A 193 16.88 -4.83 31.54
N SER A 194 17.65 -3.95 32.16
CA SER A 194 18.43 -4.38 33.35
C SER A 194 17.55 -4.59 34.58
N GLY A 195 16.47 -3.82 34.72
CA GLY A 195 15.68 -3.90 35.94
C GLY A 195 14.96 -5.23 36.07
N ASP A 196 14.13 -5.31 37.10
CA ASP A 196 13.21 -6.43 37.24
C ASP A 196 11.98 -6.17 36.36
N ALA A 197 11.32 -7.27 35.96
CA ALA A 197 10.37 -7.22 34.85
C ALA A 197 9.30 -6.16 35.05
N VAL A 198 8.67 -6.14 36.22
CA VAL A 198 7.66 -5.08 36.48
C VAL A 198 8.35 -3.72 36.35
N GLU A 199 9.43 -3.52 37.10
CA GLU A 199 10.10 -2.19 37.09
C GLU A 199 10.41 -1.83 35.64
N CYS A 200 10.86 -2.81 34.85
CA CYS A 200 11.27 -2.48 33.47
C CYS A 200 10.06 -1.88 32.76
N SER A 201 8.90 -2.51 32.98
CA SER A 201 7.66 -2.04 32.35
C SER A 201 7.52 -0.54 32.59
N VAL A 202 7.50 -0.11 33.85
CA VAL A 202 7.25 1.34 34.03
C VAL A 202 8.38 2.13 33.40
N ASN A 203 9.65 1.78 33.64
CA ASN A 203 10.70 2.60 32.99
C ASN A 203 10.52 2.50 31.47
N LEU A 204 10.49 1.28 30.91
CA LEU A 204 10.43 1.13 29.43
C LEU A 204 9.11 1.72 28.91
N GLN A 205 8.04 1.62 29.69
CA GLN A 205 6.72 2.06 29.15
C GLN A 205 6.18 3.32 29.86
N LEU A 206 5.62 3.18 31.05
CA LEU A 206 4.96 4.34 31.72
C LEU A 206 5.90 5.55 31.85
N VAL A 207 7.12 5.35 32.36
CA VAL A 207 7.99 6.53 32.64
C VAL A 207 8.23 7.28 31.33
N GLY A 208 8.45 6.54 30.24
CA GLY A 208 8.70 7.17 28.93
C GLY A 208 7.41 7.61 28.28
N GLU A 209 6.51 6.65 28.00
CA GLU A 209 5.25 6.97 27.28
C GLU A 209 4.58 8.21 27.90
N ALA A 210 4.52 8.30 29.23
CA ALA A 210 3.78 9.42 29.85
C ALA A 210 4.73 10.62 29.98
N CYS A 211 5.72 10.55 30.86
CA CYS A 211 6.57 11.74 31.15
C CYS A 211 7.48 12.16 29.98
N PHE A 212 7.85 11.23 29.09
CA PHE A 212 8.86 11.62 28.06
C PHE A 212 8.39 11.39 26.61
N THR A 213 8.07 10.16 26.23
CA THR A 213 7.78 9.88 24.79
C THR A 213 6.56 10.64 24.26
N ASN A 214 5.43 10.63 24.98
CA ASN A 214 4.24 11.39 24.52
C ASN A 214 4.65 12.81 24.14
N PRO A 215 5.21 13.62 25.06
CA PRO A 215 5.61 14.99 24.74
C PRO A 215 6.76 15.00 23.74
N LEU A 216 7.82 14.23 24.01
CA LEU A 216 9.00 14.29 23.13
C LEU A 216 8.52 14.38 21.68
N ILE A 217 7.62 13.48 21.27
CA ILE A 217 7.21 13.46 19.83
C ILE A 217 6.65 14.81 19.38
N VAL A 218 5.53 15.23 19.94
CA VAL A 218 4.89 16.48 19.52
C VAL A 218 5.93 17.60 19.44
N ALA A 219 6.87 17.65 20.39
CA ALA A 219 7.89 18.68 20.35
C ALA A 219 8.80 18.52 19.13
N VAL A 220 9.20 17.29 18.81
CA VAL A 220 10.05 17.07 17.66
C VAL A 220 9.33 17.45 16.38
N THR A 221 8.08 17.02 16.25
CA THR A 221 7.31 17.44 15.04
C THR A 221 7.28 18.96 14.97
N GLU A 222 6.86 19.63 16.03
CA GLU A 222 6.69 21.09 15.98
C GLU A 222 8.01 21.78 15.62
N TRP A 223 9.10 21.36 16.26
CA TRP A 223 10.39 22.02 16.01
C TRP A 223 10.91 21.71 14.62
N ALA A 224 10.69 20.49 14.11
CA ALA A 224 11.07 20.16 12.75
C ALA A 224 10.25 20.97 11.74
N SER A 225 8.96 21.15 12.01
CA SER A 225 8.15 22.02 11.17
C SER A 225 8.69 23.44 11.18
N ALA A 226 9.09 23.92 12.36
CA ALA A 226 9.66 25.27 12.46
C ALA A 226 10.94 25.39 11.66
N ASN A 227 11.84 24.40 11.76
CA ASN A 227 13.11 24.49 11.06
C ASN A 227 12.98 24.21 9.57
N GLY A 228 12.03 23.36 9.18
CA GLY A 228 11.78 23.13 7.77
C GLY A 228 12.20 21.79 7.23
N ASP A 229 12.02 20.73 8.01
CA ASP A 229 12.19 19.36 7.55
C ASP A 229 10.88 18.61 7.75
N GLU A 230 10.31 18.13 6.65
CA GLU A 230 9.05 17.40 6.68
C GLU A 230 9.24 15.89 6.70
N ILE A 231 10.48 15.41 6.71
CA ILE A 231 10.73 13.98 6.73
C ILE A 231 10.36 13.39 8.09
N THR A 232 10.86 13.99 9.17
CA THR A 232 10.62 13.45 10.51
C THR A 232 9.15 13.47 10.94
N PRO A 233 8.41 14.60 10.82
CA PRO A 233 7.06 14.69 11.38
C PRO A 233 6.18 13.47 11.07
N THR A 234 6.11 13.10 9.79
CA THR A 234 5.22 12.02 9.38
C THR A 234 5.54 10.74 10.14
N VAL A 235 6.82 10.36 10.18
CA VAL A 235 7.23 9.16 10.89
C VAL A 235 6.92 9.26 12.37
N PHE A 236 7.18 10.44 12.96
CA PHE A 236 6.98 10.57 14.40
C PHE A 236 5.50 10.54 14.76
N LEU A 237 4.64 11.12 13.92
CA LEU A 237 3.21 11.02 14.14
C LEU A 237 2.73 9.57 14.01
N SER A 238 3.25 8.84 13.01
CA SER A 238 2.90 7.44 12.89
C SER A 238 3.34 6.65 14.12
N VAL A 239 4.49 7.01 14.69
CA VAL A 239 4.94 6.39 15.93
C VAL A 239 3.99 6.72 17.08
N GLU A 240 3.54 7.97 17.15
CA GLU A 240 2.63 8.38 18.22
C GLU A 240 1.32 7.62 18.15
N THR A 241 0.87 7.30 16.94
CA THR A 241 -0.34 6.49 16.77
C THR A 241 -0.23 5.18 17.57
N ASP A 242 0.89 4.48 17.45
CA ASP A 242 1.10 3.26 18.22
C ASP A 242 1.38 3.58 19.69
N GLU A 243 1.99 4.73 19.96
CA GLU A 243 2.30 5.10 21.34
C GLU A 243 1.04 5.29 22.16
N LEU A 244 -0.06 5.68 21.53
CA LEU A 244 -1.33 5.74 22.25
C LEU A 244 -1.76 4.36 22.74
N ARG A 245 -1.65 3.36 21.87
CA ARG A 245 -1.94 1.99 22.27
C ARG A 245 -0.97 1.53 23.35
N HIS A 246 0.29 1.96 23.27
CA HIS A 246 1.25 1.67 24.32
C HIS A 246 0.80 2.25 25.65
N MET A 247 0.30 3.48 25.63
CA MET A 247 -0.21 4.06 26.89
C MET A 247 -1.32 3.14 27.40
N ALA A 248 -2.32 2.84 26.57
CA ALA A 248 -3.44 2.04 27.05
C ALA A 248 -2.96 0.71 27.64
N ASN A 249 -2.01 0.06 26.96
CA ASN A 249 -1.47 -1.20 27.46
C ASN A 249 -0.76 -1.01 28.80
N GLY A 250 -0.02 0.10 28.91
CA GLY A 250 0.64 0.40 30.21
C GLY A 250 -0.40 0.51 31.31
N TYR A 251 -1.41 1.35 31.09
CA TYR A 251 -2.42 1.53 32.12
C TYR A 251 -3.05 0.20 32.50
N GLN A 252 -3.36 -0.63 31.50
CA GLN A 252 -3.98 -1.93 31.79
C GLN A 252 -3.04 -2.83 32.58
N THR A 253 -1.76 -2.84 32.23
CA THR A 253 -0.82 -3.72 32.92
C THR A 253 -0.52 -3.23 34.34
N VAL A 254 -0.59 -1.91 34.57
CA VAL A 254 -0.46 -1.43 35.94
C VAL A 254 -1.70 -1.78 36.74
N VAL A 255 -2.88 -1.72 36.11
CA VAL A 255 -4.09 -2.20 36.77
C VAL A 255 -3.94 -3.66 37.15
N SER A 256 -3.38 -4.47 36.25
CA SER A 256 -3.18 -5.88 36.53
C SER A 256 -2.19 -6.09 37.67
N ILE A 257 -1.09 -5.33 37.68
CA ILE A 257 -0.07 -5.51 38.71
C ILE A 257 -0.55 -5.05 40.08
N ALA A 258 -1.64 -4.27 40.13
CA ALA A 258 -2.20 -3.86 41.40
C ALA A 258 -2.82 -5.05 42.12
N ASN A 259 -3.33 -4.78 43.33
CA ASN A 259 -3.93 -5.76 44.23
C ASN A 259 -2.95 -6.83 44.67
N ASP A 260 -1.65 -6.63 44.44
CA ASP A 260 -0.59 -7.54 44.88
C ASP A 260 -0.04 -7.06 46.21
N PRO A 261 0.07 -7.93 47.21
CA PRO A 261 0.58 -7.47 48.51
C PRO A 261 1.98 -6.88 48.44
N ALA A 262 2.85 -7.44 47.58
CA ALA A 262 4.19 -6.90 47.45
C ALA A 262 4.20 -5.58 46.67
N ALA A 263 3.15 -5.33 45.88
CA ALA A 263 3.13 -4.12 45.06
C ALA A 263 3.15 -2.87 45.92
N ALA A 264 2.37 -2.85 47.00
CA ALA A 264 2.32 -1.69 47.89
C ALA A 264 3.64 -1.44 48.61
N LYS A 265 4.56 -2.40 48.59
CA LYS A 265 5.82 -2.26 49.30
C LYS A 265 6.97 -1.76 48.43
N TYR A 266 6.90 -1.97 47.11
CA TYR A 266 8.02 -1.64 46.24
C TYR A 266 7.64 -0.82 45.01
N LEU A 267 6.35 -0.71 44.68
CA LEU A 267 5.96 -0.04 43.44
C LEU A 267 6.33 1.44 43.45
N ASN A 268 6.08 2.13 44.56
CA ASN A 268 6.42 3.55 44.63
C ASN A 268 7.93 3.75 44.55
N THR A 269 8.70 2.90 45.22
CA THR A 269 10.16 3.00 45.14
C THR A 269 10.65 2.79 43.72
N ASP A 270 10.10 1.78 43.03
CA ASP A 270 10.48 1.54 41.65
C ASP A 270 10.09 2.71 40.75
N LEU A 271 8.91 3.30 41.00
CA LEU A 271 8.48 4.45 40.21
C LEU A 271 9.44 5.62 40.38
N ASN A 272 9.82 5.92 41.62
CA ASN A 272 10.77 7.00 41.85
C ASN A 272 12.12 6.71 41.21
N ASN A 273 12.60 5.47 41.35
CA ASN A 273 13.85 5.07 40.71
C ASN A 273 13.79 5.32 39.20
N ALA A 274 12.75 4.80 38.55
CA ALA A 274 12.66 4.92 37.10
C ALA A 274 12.54 6.38 36.67
N PHE A 275 11.71 7.15 37.36
CA PHE A 275 11.53 8.56 36.99
C PHE A 275 12.82 9.33 37.11
N TRP A 276 13.53 9.18 38.23
CA TRP A 276 14.77 9.92 38.43
C TRP A 276 15.82 9.49 37.42
N THR A 277 15.97 8.17 37.22
CA THR A 277 17.00 7.68 36.30
C THR A 277 16.73 8.15 34.88
N GLN A 278 15.47 8.24 34.51
CA GLN A 278 15.13 8.67 33.14
C GLN A 278 15.34 10.18 33.01
N GLN A 279 14.91 10.97 34.00
CA GLN A 279 14.94 12.42 33.86
C GLN A 279 16.37 12.95 33.94
N LYS A 280 17.21 12.36 34.80
CA LYS A 280 18.54 12.90 35.07
C LYS A 280 19.35 13.12 33.80
N TYR A 281 19.22 12.22 32.82
CA TYR A 281 19.86 12.41 31.53
C TYR A 281 18.91 12.87 30.44
N PHE A 282 17.63 12.54 30.55
CA PHE A 282 16.67 12.91 29.48
C PHE A 282 16.57 14.43 29.39
N THR A 283 16.41 15.11 30.53
CA THR A 283 16.20 16.56 30.49
C THR A 283 17.36 17.30 29.84
N PRO A 284 18.61 17.16 30.30
CA PRO A 284 19.70 17.90 29.64
C PRO A 284 19.88 17.52 28.18
N ALA A 285 19.65 16.25 27.84
CA ALA A 285 19.89 15.80 26.47
C ALA A 285 18.99 16.53 25.48
N LEU A 286 17.69 16.47 25.73
CA LEU A 286 16.75 17.19 24.84
C LEU A 286 17.06 18.69 24.93
N GLY A 287 17.21 19.22 26.14
CA GLY A 287 17.45 20.66 26.26
C GLY A 287 18.55 21.11 25.33
N TYR A 288 19.66 20.37 25.31
CA TYR A 288 20.76 20.66 24.39
C TYR A 288 20.33 20.47 22.95
N LEU A 289 19.66 19.36 22.65
CA LEU A 289 19.37 19.03 21.27
C LEU A 289 18.29 19.92 20.67
N PHE A 290 17.53 20.63 21.50
CA PHE A 290 16.50 21.55 21.03
C PHE A 290 16.97 23.00 21.05
N GLU A 291 17.38 23.50 22.21
CA GLU A 291 17.75 24.91 22.30
C GLU A 291 19.03 25.20 21.53
N TYR A 292 20.03 24.34 21.65
CA TYR A 292 21.33 24.56 21.04
C TYR A 292 21.48 23.91 19.68
N GLY A 293 20.48 23.14 19.24
CA GLY A 293 20.54 22.45 17.96
C GLY A 293 19.66 23.01 16.87
N SER A 294 19.04 24.18 17.05
CA SER A 294 18.14 24.74 16.06
C SER A 294 18.38 26.24 15.94
N LYS A 295 18.08 26.77 14.75
CA LYS A 295 18.12 28.21 14.53
C LYS A 295 16.79 28.87 14.83
N PHE A 296 15.68 28.21 14.50
CA PHE A 296 14.33 28.74 14.72
C PHE A 296 13.72 28.01 15.91
N LYS A 297 13.54 28.73 17.01
CA LYS A 297 12.99 28.17 18.24
C LYS A 297 11.56 28.66 18.42
N VAL A 298 10.66 27.74 18.74
CA VAL A 298 9.25 28.10 18.90
C VAL A 298 8.94 28.55 20.32
N GLU A 299 9.57 27.94 21.32
CA GLU A 299 9.20 28.17 22.72
C GLU A 299 10.30 27.66 23.63
N PRO A 300 10.60 28.37 24.73
CA PRO A 300 11.72 27.96 25.59
C PRO A 300 11.54 26.55 26.13
N TRP A 301 12.66 25.82 26.22
CA TRP A 301 12.60 24.40 26.56
C TRP A 301 12.25 24.16 28.02
N VAL A 302 12.61 25.09 28.92
CA VAL A 302 12.29 24.90 30.33
C VAL A 302 10.78 24.86 30.54
N LYS A 303 10.05 25.77 29.89
CA LYS A 303 8.60 25.83 30.07
C LYS A 303 7.93 24.57 29.53
N THR A 304 8.29 24.15 28.32
CA THR A 304 7.67 22.97 27.74
C THR A 304 8.05 21.71 28.51
N TRP A 305 9.31 21.62 28.96
CA TRP A 305 9.68 20.46 29.78
C TRP A 305 8.85 20.41 31.05
N ASN A 306 8.77 21.52 31.78
CA ASN A 306 7.97 21.54 33.01
C ASN A 306 6.54 21.14 32.72
N ARG A 307 5.93 21.75 31.69
CA ARG A 307 4.54 21.48 31.39
C ARG A 307 4.32 20.00 31.10
N TRP A 308 5.07 19.47 30.13
CA TRP A 308 4.86 18.07 29.71
C TRP A 308 5.19 17.06 30.82
N VAL A 309 6.23 17.32 31.61
CA VAL A 309 6.62 16.31 32.60
C VAL A 309 5.70 16.35 33.80
N TYR A 310 5.17 17.52 34.17
CA TYR A 310 4.41 17.61 35.41
C TYR A 310 2.93 17.88 35.17
N GLU A 311 2.58 18.98 34.50
CA GLU A 311 1.19 19.46 34.55
C GLU A 311 0.22 18.48 33.90
N ASP A 312 0.59 17.91 32.75
CA ASP A 312 -0.30 17.00 32.03
C ASP A 312 0.14 15.54 32.16
N TRP A 313 1.02 15.27 33.12
CA TRP A 313 1.44 13.86 33.36
C TRP A 313 1.08 13.47 34.79
N GLY A 314 1.54 14.24 35.77
CA GLY A 314 1.33 13.88 37.16
C GLY A 314 -0.13 13.91 37.56
N GLY A 315 -0.84 14.97 37.17
CA GLY A 315 -2.24 15.08 37.51
C GLY A 315 -3.04 13.88 37.05
N ILE A 316 -3.00 13.60 35.74
CA ILE A 316 -3.81 12.52 35.19
C ILE A 316 -3.35 11.16 35.71
N TRP A 317 -2.04 10.93 35.80
CA TRP A 317 -1.57 9.60 36.17
C TRP A 317 -1.76 9.33 37.66
N ILE A 318 -1.57 10.33 38.51
CA ILE A 318 -1.89 10.14 39.92
C ILE A 318 -3.39 9.99 40.12
N GLY A 319 -4.21 10.69 39.32
CA GLY A 319 -5.64 10.46 39.37
C GLY A 319 -6.01 9.04 39.01
N ARG A 320 -5.32 8.47 38.01
CA ARG A 320 -5.63 7.12 37.55
C ARG A 320 -4.94 6.02 38.37
N LEU A 321 -3.94 6.35 39.17
CA LEU A 321 -3.16 5.34 39.86
C LEU A 321 -3.27 5.39 41.38
N GLY A 322 -3.41 6.58 41.96
CA GLY A 322 -3.55 6.70 43.40
C GLY A 322 -4.77 6.01 43.96
N LYS A 323 -5.80 5.82 43.13
CA LYS A 323 -6.92 4.98 43.53
C LYS A 323 -6.46 3.55 43.81
N TYR A 324 -5.38 3.12 43.16
CA TYR A 324 -4.81 1.79 43.36
C TYR A 324 -3.67 1.78 44.36
N GLY A 325 -3.33 2.93 44.95
CA GLY A 325 -2.27 2.99 45.94
C GLY A 325 -0.91 3.31 45.36
N VAL A 326 -0.82 4.40 44.59
CA VAL A 326 0.43 4.83 43.97
C VAL A 326 0.73 6.24 44.44
N GLU A 327 1.95 6.46 44.91
CA GLU A 327 2.39 7.76 45.42
C GLU A 327 3.28 8.45 44.39
N SER A 328 3.02 9.73 44.18
CA SER A 328 3.84 10.50 43.24
C SER A 328 5.26 10.64 43.78
N PRO A 329 6.27 10.52 42.91
CA PRO A 329 7.65 10.74 43.36
C PRO A 329 7.85 12.17 43.82
N ARG A 330 8.57 12.32 44.92
CA ARG A 330 8.88 13.64 45.46
C ARG A 330 10.17 14.20 44.88
N SER A 331 10.84 13.47 44.01
CA SER A 331 12.06 13.97 43.37
C SER A 331 11.78 15.08 42.36
N LEU A 332 10.52 15.31 42.01
CA LEU A 332 10.20 16.33 41.02
C LEU A 332 10.57 17.73 41.50
N ARG A 333 10.47 17.97 42.81
CA ARG A 333 10.85 19.29 43.34
C ARG A 333 12.34 19.54 43.13
N ASP A 334 13.17 18.51 43.30
CA ASP A 334 14.57 18.63 42.93
C ASP A 334 14.77 18.52 41.43
N ALA A 335 13.89 17.78 40.75
CA ALA A 335 14.03 17.58 39.31
C ALA A 335 13.92 18.90 38.55
N LYS A 336 12.95 19.74 38.93
CA LYS A 336 12.78 21.01 38.23
C LYS A 336 13.95 21.96 38.51
N THR A 337 14.43 21.98 39.77
CA THR A 337 15.59 22.80 40.10
C THR A 337 16.81 22.37 39.30
N ASP A 338 17.01 21.05 39.14
CA ASP A 338 18.06 20.58 38.26
C ASP A 338 17.81 21.02 36.83
N ALA A 339 16.59 20.81 36.34
CA ALA A 339 16.27 21.04 34.93
C ALA A 339 16.45 22.50 34.54
N TYR A 340 16.32 23.42 35.49
CA TYR A 340 16.44 24.83 35.15
C TYR A 340 17.80 25.18 34.57
N TRP A 341 18.84 24.39 34.82
CA TRP A 341 20.15 24.64 34.25
C TRP A 341 20.87 23.38 33.78
N ALA A 342 20.26 22.20 33.88
CA ALA A 342 20.95 20.97 33.48
C ALA A 342 21.21 20.94 31.99
N HIS A 343 20.26 21.44 31.18
CA HIS A 343 20.48 21.46 29.74
C HIS A 343 21.65 22.36 29.39
N HIS A 344 21.78 23.51 30.06
CA HIS A 344 22.92 24.39 29.80
C HIS A 344 24.23 23.78 30.29
N ASP A 345 24.19 23.08 31.42
CA ASP A 345 25.41 22.40 31.89
C ASP A 345 25.86 21.35 30.88
N LEU A 346 24.93 20.52 30.41
CA LEU A 346 25.28 19.55 29.38
C LEU A 346 25.66 20.24 28.07
N ALA A 347 25.14 21.43 27.82
CA ALA A 347 25.55 22.19 26.65
C ALA A 347 27.01 22.57 26.72
N LEU A 348 27.43 23.08 27.88
CA LEU A 348 28.85 23.39 28.06
C LEU A 348 29.70 22.14 27.93
N ALA A 349 29.25 21.03 28.53
CA ALA A 349 30.02 19.79 28.45
C ALA A 349 30.14 19.31 27.01
N ALA A 350 29.06 19.37 26.24
CA ALA A 350 29.07 18.90 24.86
C ALA A 350 29.90 19.80 23.96
N TYR A 351 29.81 21.12 24.15
CA TYR A 351 30.65 22.01 23.38
C TYR A 351 32.12 21.81 23.72
N ALA A 352 32.41 21.42 24.98
CA ALA A 352 33.79 21.08 25.33
C ALA A 352 34.23 19.79 24.65
N LEU A 353 33.37 18.76 24.65
CA LEU A 353 33.73 17.44 24.15
C LEU A 353 33.22 17.17 22.74
N TRP A 354 33.04 18.24 21.95
CA TRP A 354 32.64 18.07 20.55
C TRP A 354 33.49 17.10 19.74
N PRO A 355 34.83 17.05 19.85
CA PRO A 355 35.57 16.10 19.00
C PRO A 355 35.19 14.66 19.23
N LEU A 356 34.74 14.31 20.43
CA LEU A 356 34.33 12.93 20.70
C LEU A 356 33.02 12.60 20.01
N GLY A 357 32.07 13.54 19.99
CA GLY A 357 30.78 13.29 19.37
C GLY A 357 30.86 13.24 17.86
N PHE A 358 29.83 12.66 17.25
CA PHE A 358 29.80 12.56 15.79
C PHE A 358 29.12 13.77 15.16
N ALA A 359 28.08 14.31 15.80
CA ALA A 359 27.32 15.40 15.21
C ALA A 359 28.16 16.68 15.12
N ARG A 360 27.94 17.43 14.05
CA ARG A 360 28.55 18.75 13.91
C ARG A 360 27.74 19.77 14.70
N LEU A 361 28.44 20.69 15.36
CA LEU A 361 27.78 21.66 16.24
C LEU A 361 28.20 23.08 15.88
N ALA A 362 27.31 24.02 16.19
CA ALA A 362 27.55 25.44 15.99
C ALA A 362 27.31 26.18 17.31
N LEU A 363 28.25 27.03 17.68
CA LEU A 363 28.10 27.82 18.89
C LEU A 363 26.94 28.80 18.72
N PRO A 364 26.20 29.09 19.78
CA PRO A 364 25.07 30.02 19.66
C PRO A 364 25.53 31.40 19.18
N ASP A 365 24.71 32.01 18.34
CA ASP A 365 25.02 33.31 17.75
C ASP A 365 24.46 34.42 18.64
N GLU A 366 24.68 35.67 18.23
CA GLU A 366 24.25 36.80 19.03
C GLU A 366 22.73 36.82 19.20
N GLU A 367 21.99 36.50 18.14
CA GLU A 367 20.54 36.37 18.27
C GLU A 367 20.18 35.21 19.19
N ASP A 368 20.91 34.10 19.09
CA ASP A 368 20.70 32.99 20.01
C ASP A 368 21.03 33.38 21.44
N GLN A 369 22.12 34.13 21.63
CA GLN A 369 22.50 34.56 22.97
C GLN A 369 21.45 35.47 23.59
N GLU A 370 20.93 36.42 22.82
CA GLU A 370 19.90 37.31 23.37
C GLU A 370 18.60 36.57 23.59
N TRP A 371 18.27 35.59 22.74
CA TRP A 371 17.10 34.75 22.98
C TRP A 371 17.24 34.00 24.30
N PHE A 372 18.41 33.40 24.53
CA PHE A 372 18.64 32.66 25.77
C PHE A 372 18.55 33.59 26.97
N GLU A 373 19.15 34.77 26.89
CA GLU A 373 19.10 35.70 28.02
C GLU A 373 17.69 36.18 28.30
N ALA A 374 16.92 36.48 27.24
CA ALA A 374 15.54 36.90 27.43
C ALA A 374 14.71 35.80 28.06
N ASN A 375 14.90 34.55 27.62
CA ASN A 375 14.09 33.47 28.15
C ASN A 375 14.68 32.90 29.44
N TYR A 376 16.00 32.84 29.55
CA TYR A 376 16.68 32.36 30.76
C TYR A 376 17.44 33.51 31.40
N PRO A 377 16.92 34.11 32.47
CA PRO A 377 17.67 35.17 33.16
C PRO A 377 18.99 34.62 33.70
N GLY A 378 20.03 35.44 33.60
CA GLY A 378 21.35 35.04 34.05
C GLY A 378 22.06 34.06 33.16
N TRP A 379 21.56 33.80 31.95
CA TRP A 379 22.26 32.91 31.04
C TRP A 379 23.53 33.56 30.48
N ALA A 380 23.48 34.87 30.24
CA ALA A 380 24.59 35.58 29.63
C ALA A 380 25.84 35.49 30.50
N ASP A 381 25.78 36.04 31.71
CA ASP A 381 26.97 36.15 32.53
C ASP A 381 27.58 34.80 32.88
N HIS A 382 26.84 33.71 32.72
CA HIS A 382 27.37 32.40 33.02
C HIS A 382 27.95 31.71 31.77
N TYR A 383 27.18 31.69 30.68
CA TYR A 383 27.56 30.90 29.51
C TYR A 383 27.97 31.72 28.30
N GLY A 384 27.39 32.91 28.12
CA GLY A 384 27.60 33.66 26.90
C GLY A 384 29.05 34.09 26.72
N LYS A 385 29.68 34.60 27.77
CA LYS A 385 31.10 34.90 27.65
C LYS A 385 31.91 33.64 27.39
N ILE A 386 31.67 32.59 28.18
CA ILE A 386 32.43 31.36 27.98
C ILE A 386 32.42 30.96 26.51
N TYR A 387 31.26 31.04 25.88
CA TYR A 387 31.19 30.82 24.43
C TYR A 387 31.95 31.90 23.66
N ASN A 388 31.96 33.14 24.14
CA ASN A 388 32.62 34.21 23.42
C ASN A 388 34.16 34.04 23.40
N GLU A 389 34.76 33.81 24.56
CA GLU A 389 36.19 33.50 24.58
C GLU A 389 36.50 32.18 23.90
N TRP A 390 35.56 31.22 23.87
CA TRP A 390 35.79 30.05 23.04
C TRP A 390 35.86 30.41 21.57
N LYS A 391 34.94 31.27 21.12
CA LYS A 391 34.92 31.68 19.72
C LYS A 391 36.17 32.46 19.35
N LYS A 392 36.59 33.40 20.20
CA LYS A 392 37.73 34.24 19.88
C LYS A 392 39.07 33.53 20.01
N LEU A 393 39.09 32.33 20.60
CA LEU A 393 40.30 31.53 20.70
C LEU A 393 40.42 30.51 19.58
N GLY A 394 39.88 30.82 18.41
CA GLY A 394 39.97 29.92 17.27
C GLY A 394 39.22 28.62 17.45
N TYR A 395 37.99 28.67 17.97
CA TYR A 395 37.17 27.48 18.10
C TYR A 395 36.93 26.83 16.74
N GLU A 396 36.46 27.63 15.77
CA GLU A 396 36.16 27.09 14.45
C GLU A 396 37.43 26.87 13.63
N ASP A 397 38.42 27.74 13.80
CA ASP A 397 39.59 27.72 12.92
C ASP A 397 40.40 26.44 13.13
N PRO A 398 40.61 25.63 12.08
CA PRO A 398 41.49 24.46 12.23
C PRO A 398 42.94 24.84 12.46
N LYS A 399 43.39 25.98 11.96
CA LYS A 399 44.78 26.38 12.15
C LYS A 399 45.06 26.85 13.57
N SER A 400 44.02 27.18 14.34
CA SER A 400 44.24 27.61 15.72
C SER A 400 44.76 26.47 16.58
N GLY A 401 44.27 25.25 16.36
CA GLY A 401 44.68 24.12 17.18
C GLY A 401 44.23 24.25 18.61
N PHE A 402 43.00 24.71 18.84
CA PHE A 402 42.47 24.94 20.17
C PHE A 402 41.46 23.85 20.53
N ILE A 403 41.61 23.29 21.73
CA ILE A 403 40.72 22.26 22.23
C ILE A 403 40.01 22.81 23.46
N PRO A 404 38.67 22.83 23.48
CA PRO A 404 37.97 23.36 24.66
C PRO A 404 38.28 22.59 25.94
N TYR A 405 38.52 21.29 25.85
CA TYR A 405 38.89 20.53 27.04
C TYR A 405 40.22 20.98 27.60
N ALA A 406 41.18 21.29 26.72
CA ALA A 406 42.46 21.82 27.18
C ALA A 406 42.29 23.15 27.90
N TRP A 407 41.43 24.02 27.36
CA TRP A 407 41.15 25.28 28.04
C TRP A 407 40.50 25.06 29.39
N LEU A 408 39.56 24.11 29.46
CA LEU A 408 38.91 23.80 30.72
C LEU A 408 39.91 23.29 31.75
N LEU A 409 40.82 22.41 31.33
CA LEU A 409 41.86 21.93 32.23
C LEU A 409 42.78 23.07 32.69
N ALA A 410 43.13 23.96 31.77
CA ALA A 410 43.99 25.09 32.13
C ALA A 410 43.28 26.06 33.06
N ASN A 411 41.96 26.15 32.97
CA ASN A 411 41.18 27.08 33.79
C ASN A 411 40.71 26.46 35.10
N GLY A 412 41.06 25.21 35.38
CA GLY A 412 40.70 24.58 36.62
C GLY A 412 39.30 24.01 36.67
N HIS A 413 38.55 24.06 35.57
CA HIS A 413 37.22 23.48 35.50
C HIS A 413 37.32 22.15 34.77
N ASP A 414 37.13 21.05 35.51
CA ASP A 414 37.37 19.71 34.99
C ASP A 414 36.09 18.88 35.13
N VAL A 415 35.74 18.15 34.07
CA VAL A 415 34.45 17.49 33.97
C VAL A 415 34.56 16.06 34.48
N TYR A 416 33.60 15.65 35.29
CA TYR A 416 33.50 14.30 35.84
C TYR A 416 32.13 13.74 35.52
N ILE A 417 32.08 12.55 34.92
CA ILE A 417 30.79 11.94 34.61
C ILE A 417 30.33 11.10 35.78
N ASP A 418 29.02 11.03 35.95
CA ASP A 418 28.45 10.22 37.02
C ASP A 418 28.70 8.74 36.77
N ARG A 419 28.81 7.98 37.87
CA ARG A 419 28.94 6.53 37.75
C ARG A 419 27.60 5.88 37.43
N VAL A 420 26.50 6.44 37.93
CA VAL A 420 25.20 5.81 37.76
C VAL A 420 24.58 6.20 36.42
N SER A 421 24.51 7.50 36.13
CA SER A 421 23.86 8.00 34.93
C SER A 421 24.81 8.28 33.78
N GLN A 422 26.12 8.36 34.05
CA GLN A 422 27.13 8.62 33.02
C GLN A 422 26.83 9.88 32.23
N VAL A 423 26.38 10.91 32.93
CA VAL A 423 26.15 12.23 32.35
C VAL A 423 27.38 13.09 32.60
N PRO A 424 27.90 13.78 31.59
CA PRO A 424 28.98 14.74 31.85
C PRO A 424 28.53 15.81 32.81
N PHE A 425 29.42 16.19 33.73
CA PHE A 425 29.05 17.11 34.81
C PHE A 425 30.26 17.97 35.14
N ILE A 426 30.08 19.28 35.09
CA ILE A 426 31.08 20.25 35.53
C ILE A 426 30.63 20.80 36.89
N PRO A 427 31.43 20.63 37.94
CA PRO A 427 30.99 21.14 39.25
C PRO A 427 31.11 22.65 39.37
N SER A 428 32.20 23.24 38.87
CA SER A 428 32.42 24.67 39.06
C SER A 428 31.53 25.52 38.15
N LEU A 429 31.17 25.00 36.98
CA LEU A 429 30.48 25.79 35.96
C LEU A 429 29.01 25.41 35.82
N ALA A 430 28.41 24.81 36.86
CA ALA A 430 27.00 24.44 36.85
C ALA A 430 26.24 25.28 37.85
N LYS A 431 25.14 25.88 37.41
CA LYS A 431 24.23 26.61 38.30
C LYS A 431 23.13 25.74 38.86
N GLY A 432 22.88 24.56 38.29
CA GLY A 432 21.86 23.68 38.80
C GLY A 432 22.25 22.98 40.08
N SER A 433 21.26 22.34 40.70
CA SER A 433 21.51 21.62 41.94
C SER A 433 22.30 20.35 41.66
N GLY A 434 22.78 19.73 42.73
CA GLY A 434 23.65 18.58 42.62
C GLY A 434 25.10 18.94 42.87
N SER A 435 25.86 17.98 43.39
CA SER A 435 27.23 18.24 43.80
C SER A 435 28.11 17.05 43.44
N LEU A 436 29.41 17.32 43.36
CA LEU A 436 30.40 16.27 43.09
C LEU A 436 30.65 15.43 44.33
N ARG A 437 30.73 14.11 44.13
CA ARG A 437 31.08 13.19 45.20
C ARG A 437 32.04 12.16 44.65
N VAL A 438 33.17 11.97 45.34
CA VAL A 438 34.21 11.04 44.93
C VAL A 438 34.33 9.97 46.00
N HIS A 439 34.29 8.70 45.58
CA HIS A 439 34.26 7.57 46.50
C HIS A 439 35.35 6.57 46.15
N GLU A 440 35.93 5.97 47.18
CA GLU A 440 37.01 5.01 47.05
C GLU A 440 36.53 3.63 47.47
N PHE A 441 36.67 2.64 46.59
CA PHE A 441 36.15 1.30 46.85
C PHE A 441 37.09 0.28 46.21
N ASN A 442 37.83 -0.44 47.05
CA ASN A 442 38.73 -1.51 46.61
C ASN A 442 39.74 -1.04 45.56
N GLY A 443 40.31 0.14 45.79
CA GLY A 443 41.37 0.64 44.94
C GLY A 443 40.93 1.40 43.71
N LYS A 444 39.62 1.52 43.48
CA LYS A 444 39.08 2.23 42.32
C LYS A 444 38.26 3.41 42.80
N LYS A 445 38.53 4.59 42.24
CA LYS A 445 37.76 5.78 42.57
C LYS A 445 36.49 5.84 41.73
N HIS A 446 35.44 6.41 42.32
CA HIS A 446 34.14 6.51 41.68
C HIS A 446 33.62 7.94 41.82
N SER A 447 32.97 8.43 40.76
CA SER A 447 32.44 9.79 40.72
C SER A 447 30.93 9.73 40.78
N LEU A 448 30.35 10.41 41.77
CA LEU A 448 28.91 10.50 41.93
C LEU A 448 28.50 11.97 41.90
N THR A 449 27.44 12.26 41.16
CA THR A 449 27.00 13.63 40.96
C THR A 449 25.67 13.97 41.63
N ASP A 450 24.94 12.98 42.15
CA ASP A 450 23.64 13.23 42.75
C ASP A 450 23.47 12.34 43.97
N ASP A 451 22.67 12.82 44.93
CA ASP A 451 22.43 12.06 46.16
C ASP A 451 21.68 10.77 45.86
N TRP A 452 20.65 10.83 45.00
CA TRP A 452 19.94 9.62 44.62
C TRP A 452 20.86 8.65 43.89
N GLY A 453 21.69 9.17 42.98
CA GLY A 453 22.66 8.31 42.31
C GLY A 453 23.67 7.73 43.28
N GLU A 454 24.12 8.53 44.25
CA GLU A 454 25.06 8.02 45.25
C GLU A 454 24.43 6.89 46.05
N ARG A 455 23.18 7.06 46.48
CA ARG A 455 22.48 6.01 47.21
C ARG A 455 22.34 4.75 46.36
N MET A 456 21.97 4.93 45.09
CA MET A 456 21.76 3.80 44.20
C MET A 456 23.05 3.02 43.99
N TRP A 457 24.16 3.73 43.80
CA TRP A 457 25.45 3.07 43.65
C TRP A 457 25.89 2.40 44.94
N LEU A 458 25.62 3.05 46.08
CA LEU A 458 26.07 2.52 47.36
C LEU A 458 25.37 1.21 47.70
N SER A 459 24.04 1.18 47.54
CA SER A 459 23.29 -0.03 47.86
C SER A 459 23.65 -1.17 46.92
N GLU A 460 23.87 -0.87 45.64
CA GLU A 460 24.06 -1.87 44.60
C GLU A 460 25.35 -1.57 43.83
N PRO A 461 26.51 -1.81 44.44
CA PRO A 461 27.77 -1.60 43.69
C PRO A 461 27.90 -2.49 42.48
N GLU A 462 27.37 -3.72 42.54
CA GLU A 462 27.45 -4.63 41.41
C GLU A 462 26.52 -4.22 40.27
N ARG A 463 25.54 -3.36 40.54
CA ARG A 463 24.64 -2.92 39.48
C ARG A 463 25.38 -2.18 38.39
N TYR A 464 26.20 -1.20 38.76
CA TYR A 464 26.82 -0.28 37.81
C TYR A 464 28.32 -0.50 37.79
N GLU A 465 28.83 -0.96 36.65
CA GLU A 465 30.26 -1.13 36.43
C GLU A 465 30.72 -0.44 35.16
N CYS A 466 29.96 0.54 34.68
CA CYS A 466 30.29 1.20 33.42
C CYS A 466 31.66 1.86 33.50
N HIS A 467 32.45 1.66 32.45
CA HIS A 467 33.82 2.17 32.41
C HIS A 467 33.78 3.60 31.89
N ASN A 468 34.24 4.53 32.73
CA ASN A 468 34.39 5.92 32.31
C ASN A 468 35.33 5.99 31.11
N LEU A 469 34.94 6.80 30.11
CA LEU A 469 35.75 6.92 28.91
C LEU A 469 37.12 7.50 29.20
N PHE A 470 37.28 8.18 30.33
CA PHE A 470 38.58 8.80 30.65
C PHE A 470 39.65 7.74 30.86
N GLU A 471 39.34 6.68 31.61
CA GLU A 471 40.30 5.57 31.71
C GLU A 471 40.31 4.70 30.47
N GLN A 472 39.24 4.72 29.67
CA GLN A 472 39.25 4.02 28.40
C GLN A 472 40.27 4.62 27.45
N TYR A 473 40.38 5.95 27.43
CA TYR A 473 41.29 6.65 26.55
C TYR A 473 42.56 7.14 27.26
N GLU A 474 42.80 6.67 28.48
CA GLU A 474 44.02 7.05 29.18
C GLU A 474 45.24 6.56 28.43
N GLY A 475 46.22 7.46 28.26
CA GLY A 475 47.40 7.13 27.48
C GLY A 475 47.18 7.10 26.00
N ARG A 476 46.00 7.50 25.53
CA ARG A 476 45.65 7.47 24.12
C ARG A 476 45.44 8.90 23.64
N GLU A 477 46.16 9.25 22.57
CA GLU A 477 46.01 10.59 21.97
C GLU A 477 44.61 10.68 21.36
N LEU A 478 44.05 11.88 21.31
CA LEU A 478 42.68 12.05 20.83
C LEU A 478 42.55 11.70 19.35
N SER A 479 43.51 12.14 18.53
CA SER A 479 43.44 11.84 17.10
C SER A 479 43.57 10.34 16.86
N GLU A 480 44.42 9.67 17.63
CA GLU A 480 44.53 8.21 17.51
C GLU A 480 43.22 7.54 17.88
N VAL A 481 42.55 8.02 18.93
CA VAL A 481 41.25 7.47 19.33
C VAL A 481 40.24 7.66 18.21
N ILE A 482 40.20 8.84 17.61
CA ILE A 482 39.26 9.10 16.53
C ILE A 482 39.55 8.19 15.34
N ALA A 483 40.83 8.04 14.98
CA ALA A 483 41.19 7.22 13.83
C ALA A 483 40.84 5.76 14.06
N GLU A 484 41.16 5.22 15.24
CA GLU A 484 40.86 3.82 15.52
C GLU A 484 39.38 3.58 15.76
N GLY A 485 38.62 4.62 16.09
CA GLY A 485 37.19 4.51 16.27
C GLY A 485 36.38 4.77 15.02
N HIS A 486 37.03 4.85 13.85
CA HIS A 486 36.37 5.15 12.59
C HIS A 486 35.69 6.51 12.61
N GLY A 487 36.21 7.43 13.42
CA GLY A 487 35.67 8.78 13.49
C GLY A 487 36.12 9.68 12.37
N VAL A 488 36.92 9.16 11.43
CA VAL A 488 37.33 9.95 10.28
C VAL A 488 36.24 9.92 9.22
N ARG A 489 36.26 10.91 8.33
CA ARG A 489 35.32 10.98 7.22
C ARG A 489 35.70 9.92 6.17
N SER A 490 34.90 9.86 5.10
CA SER A 490 35.16 8.89 4.05
C SER A 490 36.47 9.18 3.32
N ASP A 491 36.81 10.47 3.18
CA ASP A 491 38.05 10.84 2.48
C ASP A 491 39.26 10.37 3.26
N GLY A 492 39.18 10.31 4.58
CA GLY A 492 40.28 9.86 5.41
C GLY A 492 41.13 10.96 6.01
N LYS A 493 40.75 12.23 5.84
CA LYS A 493 41.54 13.34 6.34
C LYS A 493 40.80 14.26 7.29
N THR A 494 39.48 14.17 7.38
CA THR A 494 38.68 15.07 8.20
C THR A 494 37.80 14.28 9.15
N LEU A 495 37.33 14.97 10.19
CA LEU A 495 36.56 14.34 11.27
C LEU A 495 35.07 14.34 10.96
N ILE A 496 34.36 13.38 11.56
CA ILE A 496 32.92 13.30 11.40
C ILE A 496 32.25 14.58 11.91
N ALA A 497 32.67 15.03 13.09
CA ALA A 497 32.14 16.26 13.68
C ALA A 497 33.02 17.45 13.31
N GLN A 498 32.42 18.63 13.38
CA GLN A 498 33.12 19.88 13.08
C GLN A 498 32.73 20.93 14.12
N PRO A 499 33.64 21.86 14.42
CA PRO A 499 33.28 22.95 15.34
C PRO A 499 32.29 23.93 14.77
N HIS A 500 32.11 23.94 13.45
CA HIS A 500 31.25 24.90 12.77
C HIS A 500 30.21 24.17 11.93
N VAL A 501 28.98 24.70 11.95
CA VAL A 501 27.93 24.19 11.07
C VAL A 501 28.20 24.52 9.61
N ARG A 502 29.11 25.45 9.34
CA ARG A 502 29.43 25.83 7.97
C ARG A 502 30.17 24.72 7.26
N GLY A 503 30.05 24.70 5.93
CA GLY A 503 30.72 23.70 5.12
C GLY A 503 32.06 24.15 4.57
N ASP A 504 32.78 24.97 5.32
CA ASP A 504 34.09 25.44 4.91
C ASP A 504 35.04 25.37 6.10
N ASN A 505 36.33 25.13 5.79
CA ASN A 505 37.37 25.00 6.81
C ASN A 505 37.07 23.86 7.78
N LEU A 506 36.77 22.69 7.23
CA LEU A 506 36.53 21.51 8.04
C LEU A 506 37.82 21.08 8.73
N TRP A 507 37.71 20.73 10.01
CA TRP A 507 38.88 20.33 10.78
C TRP A 507 39.43 18.99 10.29
N THR A 508 40.76 18.87 10.34
CA THR A 508 41.45 17.67 9.94
C THR A 508 42.07 16.98 11.14
N LEU A 509 42.34 15.69 11.01
CA LEU A 509 42.93 14.94 12.11
C LEU A 509 44.34 15.42 12.43
N GLU A 510 45.04 15.97 11.43
CA GLU A 510 46.36 16.55 11.69
C GLU A 510 46.25 17.77 12.60
N ASP A 511 45.17 18.53 12.50
CA ASP A 511 44.94 19.64 13.42
C ASP A 511 44.76 19.12 14.84
N ILE A 512 44.04 18.01 15.02
CA ILE A 512 43.89 17.40 16.33
C ILE A 512 45.25 16.92 16.85
N LYS A 513 46.06 16.34 15.96
CA LYS A 513 47.40 15.93 16.35
C LYS A 513 48.24 17.12 16.81
N ARG A 514 48.14 18.24 16.11
CA ARG A 514 48.84 19.45 16.53
C ARG A 514 48.34 19.93 17.89
N ALA A 515 47.03 19.84 18.13
CA ALA A 515 46.47 20.22 19.43
C ALA A 515 47.04 19.35 20.54
N GLY A 516 47.12 18.04 20.31
CA GLY A 516 47.73 17.13 21.27
C GLY A 516 47.01 16.98 22.58
N CYS A 517 45.68 16.84 22.56
CA CYS A 517 44.94 16.62 23.79
C CYS A 517 45.13 15.20 24.28
N VAL A 518 45.41 15.05 25.58
CA VAL A 518 45.65 13.76 26.20
C VAL A 518 44.72 13.63 27.41
N PHE A 519 44.04 12.50 27.52
CA PHE A 519 43.09 12.32 28.61
C PHE A 519 43.84 12.11 29.93
N PRO A 520 43.58 12.93 30.95
CA PRO A 520 44.36 12.87 32.19
C PRO A 520 43.75 12.07 33.34
N ASN A 521 42.63 11.37 33.13
CA ASN A 521 41.90 10.71 34.21
C ASN A 521 41.50 11.72 35.27
N PRO A 522 40.53 12.58 34.99
CA PRO A 522 40.15 13.62 35.98
C PRO A 522 39.71 13.05 37.31
N LEU A 523 39.02 11.90 37.31
CA LEU A 523 38.59 11.31 38.57
C LEU A 523 39.79 10.80 39.37
N ALA A 524 40.82 10.32 38.69
CA ALA A 524 42.01 9.82 39.38
C ALA A 524 42.70 10.92 40.17
N LYS A 525 42.61 12.17 39.70
CA LYS A 525 43.16 13.36 40.37
C LYS A 525 44.49 13.14 41.07
N THR B 10 2.95 28.22 14.44
CA THR B 10 2.02 27.55 13.54
C THR B 10 2.43 27.72 12.09
N LYS B 11 3.68 28.12 11.88
CA LYS B 11 4.21 28.34 10.54
C LYS B 11 5.30 27.31 10.24
N ARG B 12 5.22 26.70 9.07
CA ARG B 12 6.20 25.69 8.68
C ARG B 12 7.43 26.34 8.09
N GLY B 13 8.59 25.72 8.34
CA GLY B 13 9.83 26.27 7.84
C GLY B 13 9.94 26.25 6.33
N LEU B 14 9.43 25.18 5.70
CA LEU B 14 9.54 25.06 4.25
C LEU B 14 8.60 26.01 3.53
N THR B 15 7.38 26.17 4.05
CA THR B 15 6.38 26.98 3.36
C THR B 15 6.62 28.48 3.52
N ASP B 16 7.10 28.91 4.68
CA ASP B 16 7.24 30.33 4.95
C ASP B 16 8.31 30.93 4.04
N PRO B 17 8.06 32.09 3.43
CA PRO B 17 9.00 32.66 2.47
C PRO B 17 10.35 33.05 3.06
N GLU B 18 10.34 33.90 4.09
CA GLU B 18 11.60 34.38 4.64
C GLU B 18 12.35 33.26 5.37
N ARG B 19 11.62 32.36 6.02
CA ARG B 19 12.27 31.22 6.67
C ARG B 19 12.96 30.33 5.64
N ALA B 20 12.28 30.06 4.52
CA ALA B 20 12.89 29.26 3.45
C ALA B 20 14.09 29.99 2.85
N ALA B 21 14.00 31.31 2.71
CA ALA B 21 15.13 32.07 2.20
C ALA B 21 16.33 31.96 3.12
N ILE B 22 16.11 32.06 4.44
CA ILE B 22 17.20 31.92 5.39
C ILE B 22 17.80 30.52 5.31
N ILE B 23 16.94 29.49 5.21
CA ILE B 23 17.43 28.13 5.12
C ILE B 23 18.28 27.94 3.86
N ALA B 24 17.80 28.47 2.73
CA ALA B 24 18.54 28.34 1.48
C ALA B 24 19.86 29.11 1.52
N ALA B 25 19.90 30.24 2.23
CA ALA B 25 21.15 30.97 2.40
C ALA B 25 22.12 30.18 3.27
N ALA B 26 21.61 29.50 4.29
CA ALA B 26 22.49 28.80 5.23
C ALA B 26 23.04 27.50 4.68
N VAL B 27 22.27 26.79 3.85
CA VAL B 27 22.69 25.47 3.40
C VAL B 27 23.93 25.58 2.52
N PRO B 28 24.95 24.73 2.71
CA PRO B 28 26.13 24.79 1.86
C PRO B 28 25.81 24.35 0.43
N ASP B 29 26.61 24.86 -0.51
CA ASP B 29 26.41 24.57 -1.92
C ASP B 29 26.87 23.17 -2.31
N HIS B 30 27.93 22.66 -1.68
CA HIS B 30 28.54 21.40 -2.06
C HIS B 30 28.29 20.34 -0.99
N ALA B 31 28.11 19.10 -1.43
CA ALA B 31 27.97 17.99 -0.52
C ALA B 31 29.29 17.74 0.21
N LEU B 32 29.19 17.44 1.51
CA LEU B 32 30.39 17.28 2.31
C LEU B 32 31.00 15.90 2.17
N ASP B 33 30.18 14.85 2.06
CA ASP B 33 30.66 13.49 1.91
C ASP B 33 30.27 12.95 0.53
N THR B 34 31.21 12.29 -0.12
CA THR B 34 30.98 11.79 -1.47
C THR B 34 29.92 10.69 -1.50
N GLN B 35 29.99 9.74 -0.57
CA GLN B 35 29.16 8.54 -0.63
C GLN B 35 27.88 8.75 0.16
N ARG B 36 26.74 8.46 -0.48
CA ARG B 36 25.44 8.52 0.17
C ARG B 36 25.00 7.18 0.77
N LYS B 37 25.79 6.12 0.58
CA LYS B 37 25.38 4.80 1.00
C LYS B 37 25.21 4.72 2.51
N TYR B 38 24.11 4.13 2.95
CA TYR B 38 23.80 3.99 4.36
C TYR B 38 24.49 2.75 4.92
N HIS B 39 25.39 2.96 5.89
CA HIS B 39 26.13 1.88 6.54
C HIS B 39 26.90 1.04 5.52
N TYR B 40 27.81 1.71 4.81
CA TYR B 40 28.61 1.03 3.79
C TYR B 40 29.52 -0.03 4.40
N PHE B 41 29.93 0.16 5.66
CA PHE B 41 30.87 -0.76 6.30
C PHE B 41 30.24 -2.11 6.62
N ILE B 42 28.92 -2.25 6.51
CA ILE B 42 28.27 -3.54 6.76
C ILE B 42 28.62 -4.50 5.63
N GLN B 43 29.12 -5.67 5.99
CA GLN B 43 29.46 -6.68 4.99
C GLN B 43 28.17 -7.31 4.45
N PRO B 44 27.91 -7.22 3.14
CA PRO B 44 26.66 -7.79 2.61
C PRO B 44 26.79 -9.27 2.27
N ARG B 45 25.82 -10.07 2.70
CA ARG B 45 25.84 -11.49 2.37
C ARG B 45 25.69 -11.71 0.86
N TRP B 46 24.79 -10.96 0.23
CA TRP B 46 24.58 -11.07 -1.20
C TRP B 46 25.57 -10.15 -1.93
N LYS B 47 25.39 -10.01 -3.24
CA LYS B 47 26.31 -9.19 -4.03
C LYS B 47 26.25 -7.73 -3.63
N ARG B 48 25.05 -7.19 -3.42
CA ARG B 48 24.86 -5.80 -3.07
C ARG B 48 24.24 -5.69 -1.68
N LEU B 49 24.53 -4.57 -1.01
CA LEU B 49 23.97 -4.31 0.31
C LEU B 49 22.45 -4.21 0.21
N SER B 50 21.74 -5.19 0.76
CA SER B 50 20.29 -5.18 0.68
C SER B 50 19.71 -4.13 1.63
N GLU B 51 18.54 -3.62 1.26
CA GLU B 51 17.89 -2.57 2.04
C GLU B 51 17.50 -3.09 3.42
N TYR B 52 17.08 -4.36 3.49
CA TYR B 52 16.85 -5.01 4.77
C TYR B 52 18.14 -5.07 5.60
N GLU B 53 19.25 -5.45 4.97
CA GLU B 53 20.54 -5.38 5.64
C GLU B 53 20.90 -3.94 5.98
N GLN B 54 20.55 -3.01 5.09
CA GLN B 54 20.89 -1.60 5.30
C GLN B 54 20.24 -1.06 6.56
N LEU B 55 19.03 -1.50 6.89
CA LEU B 55 18.38 -1.02 8.12
C LEU B 55 18.66 -1.92 9.30
N SER B 56 18.25 -3.19 9.21
CA SER B 56 18.16 -4.03 10.40
C SER B 56 19.52 -4.31 11.02
N CYS B 57 20.53 -4.57 10.19
CA CYS B 57 21.82 -5.01 10.69
C CYS B 57 22.47 -3.92 11.56
N TYR B 58 23.21 -4.38 12.57
CA TYR B 58 23.94 -3.53 13.51
C TYR B 58 23.04 -2.61 14.32
N ALA B 59 21.72 -2.87 14.34
CA ALA B 59 20.85 -2.09 15.19
C ALA B 59 21.06 -2.39 16.67
N GLN B 60 21.74 -3.49 16.98
CA GLN B 60 22.00 -3.86 18.36
C GLN B 60 23.34 -3.28 18.81
N PRO B 61 23.37 -2.47 19.87
CA PRO B 61 24.66 -2.03 20.42
C PRO B 61 25.29 -3.13 21.26
N ASN B 62 26.34 -3.75 20.73
CA ASN B 62 27.05 -4.80 21.42
C ASN B 62 28.44 -4.35 21.80
N PRO B 63 28.83 -4.45 23.07
CA PRO B 63 30.20 -4.13 23.46
C PRO B 63 31.20 -5.09 22.80
N ASP B 64 32.47 -4.73 22.92
CA ASP B 64 33.52 -5.49 22.24
C ASP B 64 33.63 -6.92 22.78
N TRP B 65 33.26 -7.15 24.04
CA TRP B 65 33.32 -8.48 24.60
C TRP B 65 32.15 -9.36 24.17
N ILE B 66 31.27 -8.86 23.33
CA ILE B 66 30.28 -9.67 22.62
C ILE B 66 30.78 -9.85 21.19
N ALA B 67 30.65 -11.06 20.68
CA ALA B 67 31.22 -11.39 19.36
C ALA B 67 30.69 -10.43 18.30
N GLY B 68 31.62 -9.87 17.52
CA GLY B 68 31.26 -8.88 16.51
C GLY B 68 30.65 -7.62 17.08
N GLY B 69 31.18 -7.12 18.19
CA GLY B 69 30.65 -5.96 18.86
C GLY B 69 31.41 -4.70 18.51
N LEU B 70 30.71 -3.71 17.96
CA LEU B 70 31.34 -2.45 17.60
C LEU B 70 31.58 -1.58 18.84
N ASP B 71 30.67 -1.63 19.81
CA ASP B 71 30.78 -0.79 20.99
C ASP B 71 31.90 -1.28 21.91
N TRP B 72 32.19 -0.48 22.93
CA TRP B 72 33.22 -0.77 23.90
C TRP B 72 32.69 -0.56 25.30
N GLY B 73 33.32 -1.23 26.26
CA GLY B 73 32.99 -1.05 27.66
C GLY B 73 31.90 -1.98 28.14
N ASP B 74 31.92 -2.26 29.43
CA ASP B 74 30.92 -3.12 30.03
C ASP B 74 29.56 -2.44 30.03
N TRP B 75 28.52 -3.24 30.26
CA TRP B 75 27.15 -2.71 30.28
C TRP B 75 27.02 -1.63 31.33
N THR B 76 26.42 -0.51 30.93
CA THR B 76 26.28 0.63 31.83
C THR B 76 25.30 0.35 32.97
N GLN B 77 24.46 -0.68 32.82
CA GLN B 77 23.55 -1.07 33.93
C GLN B 77 23.18 -2.55 33.76
N LYS B 78 23.80 -3.42 34.57
CA LYS B 78 23.56 -4.85 34.46
C LYS B 78 22.30 -5.24 35.22
N PHE B 79 21.93 -6.51 35.13
CA PHE B 79 20.92 -7.07 36.01
C PHE B 79 21.36 -6.93 37.46
N HIS B 80 20.40 -7.09 38.37
CA HIS B 80 20.73 -7.10 39.78
C HIS B 80 21.57 -8.34 40.08
N GLY B 81 22.71 -8.14 40.71
CA GLY B 81 23.73 -9.16 40.77
C GLY B 81 24.79 -8.95 39.70
N GLY B 82 25.65 -9.96 39.56
CA GLY B 82 26.77 -9.85 38.65
C GLY B 82 26.46 -10.17 37.20
N ARG B 83 25.28 -10.74 36.92
CA ARG B 83 24.98 -11.14 35.56
C ARG B 83 24.76 -9.93 34.66
N PRO B 84 25.42 -9.85 33.51
CA PRO B 84 25.20 -8.72 32.60
C PRO B 84 23.82 -8.78 31.98
N SER B 85 23.39 -7.63 31.46
CA SER B 85 22.09 -7.55 30.82
C SER B 85 22.03 -8.42 29.57
N TRP B 86 23.07 -8.38 28.75
CA TRP B 86 23.08 -9.05 27.46
C TRP B 86 24.37 -9.84 27.27
N GLY B 87 24.83 -10.52 28.32
CA GLY B 87 26.03 -11.31 28.23
C GLY B 87 25.84 -12.56 27.39
N ASN B 88 26.96 -13.14 26.97
CA ASN B 88 26.94 -14.33 26.14
C ASN B 88 26.73 -15.61 26.94
N GLU B 89 26.53 -15.51 28.26
CA GLU B 89 26.25 -16.70 29.06
C GLU B 89 24.85 -17.23 28.82
N SER B 90 23.95 -16.41 28.29
CA SER B 90 22.59 -16.87 28.03
C SER B 90 22.56 -18.00 27.00
N THR B 91 23.37 -17.88 25.96
CA THR B 91 23.47 -18.92 24.95
C THR B 91 24.56 -19.91 25.29
N GLU B 92 24.38 -21.14 24.81
CA GLU B 92 25.39 -22.19 24.94
C GLU B 92 26.25 -22.34 23.71
N LEU B 93 25.74 -21.94 22.55
CA LEU B 93 26.51 -21.96 21.32
C LEU B 93 27.35 -20.69 21.20
N ARG B 94 28.48 -20.83 20.50
CA ARG B 94 29.41 -19.69 20.33
C ARG B 94 29.71 -19.48 18.85
N THR B 95 29.79 -18.22 18.42
CA THR B 95 30.04 -17.87 17.03
C THR B 95 31.07 -16.75 16.97
N THR B 96 31.73 -16.64 15.82
CA THR B 96 32.72 -15.58 15.64
C THR B 96 32.06 -14.21 15.67
N ASP B 97 30.90 -14.07 15.05
CA ASP B 97 30.13 -12.83 15.08
C ASP B 97 28.65 -13.16 15.04
N TRP B 98 27.87 -12.41 15.84
CA TRP B 98 26.44 -12.64 15.93
C TRP B 98 25.64 -11.94 14.85
N TYR B 99 26.26 -11.04 14.09
CA TYR B 99 25.57 -10.27 13.05
C TYR B 99 25.65 -10.91 11.68
N ARG B 100 26.25 -12.10 11.57
CA ARG B 100 26.38 -12.74 10.26
C ARG B 100 25.05 -13.24 9.72
N HIS B 101 24.07 -13.45 10.58
CA HIS B 101 22.79 -14.00 10.14
C HIS B 101 22.02 -12.98 9.32
N ARG B 102 21.52 -13.41 8.16
CA ARG B 102 20.67 -12.59 7.32
C ARG B 102 19.50 -13.44 6.85
N ASP B 103 18.28 -12.92 7.02
CA ASP B 103 17.09 -13.67 6.61
C ASP B 103 17.09 -13.87 5.10
N PRO B 104 16.83 -15.07 4.60
CA PRO B 104 16.86 -15.30 3.15
C PRO B 104 15.81 -14.51 2.40
N ALA B 105 14.75 -14.08 3.05
CA ALA B 105 13.68 -13.32 2.40
C ALA B 105 13.89 -11.82 2.47
N ARG B 106 14.96 -11.35 3.11
CA ARG B 106 15.20 -9.93 3.31
C ARG B 106 13.99 -9.26 3.95
N ARG B 107 13.44 -9.93 4.96
CA ARG B 107 12.12 -9.62 5.51
C ARG B 107 12.28 -8.78 6.76
N TRP B 108 12.23 -7.47 6.60
CA TRP B 108 12.14 -6.56 7.75
C TRP B 108 10.67 -6.26 8.03
N HIS B 109 10.40 -5.27 8.89
CA HIS B 109 9.05 -5.09 9.41
C HIS B 109 8.05 -4.72 8.32
N ALA B 110 8.43 -3.82 7.41
CA ALA B 110 7.47 -3.34 6.43
C ALA B 110 6.97 -4.43 5.49
N PRO B 111 7.82 -5.20 4.79
CA PRO B 111 7.26 -6.28 3.95
C PRO B 111 6.53 -7.34 4.74
N TYR B 112 6.98 -7.63 5.96
CA TYR B 112 6.31 -8.65 6.77
C TYR B 112 4.90 -8.20 7.13
N VAL B 113 4.75 -6.96 7.61
CA VAL B 113 3.43 -6.48 7.98
C VAL B 113 2.56 -6.32 6.73
N LYS B 114 3.17 -5.95 5.61
CA LYS B 114 2.37 -5.88 4.35
C LYS B 114 1.79 -7.27 4.10
N ASP B 115 2.67 -8.28 4.04
CA ASP B 115 2.20 -9.63 3.73
C ASP B 115 1.20 -10.14 4.76
N LYS B 116 1.33 -9.69 6.02
CA LYS B 116 0.41 -10.19 7.02
C LYS B 116 -0.97 -9.54 6.85
N SER B 117 -0.99 -8.26 6.52
CA SER B 117 -2.25 -7.60 6.15
C SER B 117 -2.82 -8.19 4.88
N GLU B 118 -1.94 -8.66 3.99
CA GLU B 118 -2.46 -9.37 2.80
C GLU B 118 -3.22 -10.60 3.32
N GLU B 119 -2.58 -11.40 4.17
CA GLU B 119 -3.25 -12.61 4.60
C GLU B 119 -4.59 -12.28 5.25
N ALA B 120 -4.62 -11.25 6.08
CA ALA B 120 -5.87 -10.85 6.74
C ALA B 120 -6.95 -10.49 5.72
N ARG B 121 -6.62 -9.61 4.78
CA ARG B 121 -7.61 -9.12 3.83
C ARG B 121 -8.12 -10.23 2.92
N TYR B 122 -7.20 -11.02 2.36
CA TYR B 122 -7.64 -12.10 1.48
C TYR B 122 -8.44 -13.15 2.24
N THR B 123 -8.02 -13.48 3.47
CA THR B 123 -8.76 -14.45 4.25
C THR B 123 -10.18 -13.96 4.50
N GLN B 124 -10.34 -12.68 4.87
CA GLN B 124 -11.68 -12.15 5.10
C GLN B 124 -12.52 -12.18 3.82
N ARG B 125 -11.92 -11.76 2.71
CA ARG B 125 -12.72 -11.71 1.46
C ARG B 125 -13.17 -13.14 1.13
N PHE B 126 -12.20 -14.03 0.95
CA PHE B 126 -12.53 -15.40 0.57
C PHE B 126 -13.50 -16.04 1.56
N LEU B 127 -13.38 -15.69 2.84
CA LEU B 127 -14.26 -16.27 3.85
C LEU B 127 -15.69 -15.79 3.65
N ALA B 128 -15.86 -14.50 3.35
CA ALA B 128 -17.19 -13.99 3.04
C ALA B 128 -17.75 -14.62 1.78
N ALA B 129 -16.91 -14.80 0.76
CA ALA B 129 -17.37 -15.44 -0.47
C ALA B 129 -17.81 -16.88 -0.21
N TYR B 130 -17.04 -17.62 0.59
CA TYR B 130 -17.40 -18.99 0.93
C TYR B 130 -18.71 -19.03 1.71
N SER B 131 -18.90 -18.09 2.64
CA SER B 131 -20.17 -18.02 3.35
C SER B 131 -21.32 -17.76 2.40
N SER B 132 -21.12 -16.89 1.42
CA SER B 132 -22.17 -16.61 0.45
C SER B 132 -22.50 -17.83 -0.40
N GLU B 133 -21.47 -18.58 -0.83
CA GLU B 133 -21.70 -19.75 -1.66
C GLU B 133 -22.32 -20.91 -0.90
N GLY B 134 -22.11 -20.98 0.41
CA GLY B 134 -22.67 -22.08 1.18
C GLY B 134 -22.12 -23.44 0.81
N SER B 135 -20.83 -23.51 0.48
CA SER B 135 -20.20 -24.77 0.12
C SER B 135 -19.99 -25.69 1.31
N ILE B 136 -20.23 -25.21 2.53
CA ILE B 136 -19.97 -26.03 3.73
C ILE B 136 -20.90 -27.23 3.78
N ARG B 137 -22.09 -27.13 3.19
CA ARG B 137 -23.09 -28.18 3.35
C ARG B 137 -22.70 -29.49 2.69
N THR B 138 -21.76 -29.46 1.73
CA THR B 138 -21.30 -30.69 1.11
C THR B 138 -20.18 -31.36 1.89
N ILE B 139 -19.71 -30.76 2.99
CA ILE B 139 -18.68 -31.38 3.79
C ILE B 139 -19.21 -32.64 4.45
N ASP B 140 -18.30 -33.53 4.82
CA ASP B 140 -18.69 -34.74 5.55
C ASP B 140 -19.19 -34.34 6.93
N ALA B 141 -20.35 -34.89 7.32
CA ALA B 141 -20.92 -34.56 8.62
C ALA B 141 -20.03 -35.05 9.75
N TYR B 142 -19.55 -36.30 9.65
CA TYR B 142 -18.71 -36.86 10.69
C TYR B 142 -17.41 -36.08 10.83
N TRP B 143 -16.78 -35.74 9.70
CA TRP B 143 -15.49 -35.05 9.72
C TRP B 143 -15.59 -33.74 10.49
N ARG B 144 -16.39 -32.80 9.98
CA ARG B 144 -16.50 -31.49 10.63
C ARG B 144 -17.17 -31.58 11.99
N ASP B 145 -18.00 -32.60 12.23
CA ASP B 145 -18.69 -32.70 13.51
C ASP B 145 -17.75 -33.14 14.63
N GLU B 146 -16.90 -34.14 14.36
CA GLU B 146 -16.04 -34.69 15.39
C GLU B 146 -14.60 -34.20 15.28
N ILE B 147 -13.95 -34.44 14.14
CA ILE B 147 -12.49 -34.32 14.08
C ILE B 147 -12.08 -32.87 14.27
N LEU B 148 -12.61 -31.96 13.45
CA LEU B 148 -12.23 -30.56 13.57
C LEU B 148 -12.57 -30.02 14.94
N ASN B 149 -13.85 -30.08 15.31
CA ASN B 149 -14.28 -29.47 16.60
C ASN B 149 -13.44 -30.00 17.76
N LYS B 150 -13.24 -31.33 17.87
CA LYS B 150 -12.53 -31.85 19.03
C LYS B 150 -11.03 -31.62 18.92
N TYR B 151 -10.39 -32.19 17.90
CA TYR B 151 -8.94 -32.27 17.87
C TYR B 151 -8.28 -31.12 17.13
N TYR B 152 -8.97 -30.47 16.17
CA TYR B 152 -8.34 -29.35 15.48
C TYR B 152 -8.14 -28.17 16.41
N GLY B 153 -8.98 -28.06 17.45
CA GLY B 153 -8.76 -27.07 18.49
C GLY B 153 -7.65 -27.41 19.45
N ALA B 154 -7.16 -28.65 19.43
CA ALA B 154 -6.01 -29.00 20.26
C ALA B 154 -4.71 -28.47 19.65
N LEU B 155 -4.59 -28.53 18.33
CA LEU B 155 -3.43 -27.95 17.66
C LEU B 155 -3.36 -26.44 17.87
N LEU B 156 -4.52 -25.81 18.09
CA LEU B 156 -4.56 -24.43 18.55
C LEU B 156 -3.66 -24.21 19.76
N TYR B 157 -3.80 -25.08 20.77
CA TYR B 157 -3.01 -24.91 21.98
C TYR B 157 -1.53 -25.19 21.73
N ASN B 158 -1.20 -26.11 20.82
CA ASN B 158 0.20 -26.34 20.49
C ASN B 158 0.82 -25.11 19.83
N GLU B 159 0.10 -24.50 18.89
CA GLU B 159 0.62 -23.29 18.25
C GLU B 159 0.76 -22.16 19.25
N TYR B 160 -0.23 -21.98 20.13
CA TYR B 160 -0.12 -20.96 21.17
C TYR B 160 1.04 -21.24 22.11
N GLY B 161 1.28 -22.52 22.42
CA GLY B 161 2.39 -22.87 23.28
C GLY B 161 3.74 -22.53 22.65
N LEU B 162 3.91 -22.85 21.38
CA LEU B 162 5.15 -22.44 20.69
C LEU B 162 5.27 -20.92 20.67
N PHE B 163 4.16 -20.22 20.42
CA PHE B 163 4.20 -18.77 20.36
C PHE B 163 4.67 -18.17 21.67
N ASN B 164 4.03 -18.55 22.78
CA ASN B 164 4.42 -17.94 24.09
C ASN B 164 5.81 -18.44 24.44
N ALA B 165 6.23 -19.56 23.86
CA ALA B 165 7.57 -20.13 24.13
C ALA B 165 8.66 -19.16 23.68
N HIS B 166 8.44 -18.50 22.54
CA HIS B 166 9.45 -17.57 21.97
C HIS B 166 9.57 -16.31 22.83
N SER B 167 8.93 -16.27 23.98
CA SER B 167 8.95 -15.03 24.80
C SER B 167 10.39 -14.72 25.21
N SER B 168 11.14 -15.76 25.55
CA SER B 168 12.53 -15.54 26.05
C SER B 168 13.45 -15.16 24.90
N VAL B 169 13.43 -15.92 23.80
CA VAL B 169 14.45 -15.64 22.73
C VAL B 169 14.42 -14.14 22.45
N GLY B 170 13.23 -13.54 22.42
CA GLY B 170 13.14 -12.10 22.10
C GLY B 170 14.03 -11.29 23.01
N ARG B 171 13.96 -11.54 24.31
CA ARG B 171 14.73 -10.77 25.27
C ARG B 171 16.20 -11.20 25.32
N ASP B 172 16.47 -12.52 25.25
CA ASP B 172 17.82 -13.02 25.38
C ASP B 172 18.53 -13.21 24.05
N CYS B 173 18.08 -12.52 23.00
CA CYS B 173 18.75 -12.63 21.71
C CYS B 173 20.03 -11.80 21.71
N LEU B 174 21.11 -12.40 21.21
CA LEU B 174 22.41 -11.75 21.17
C LEU B 174 22.65 -11.00 19.87
N SER B 175 21.64 -10.91 19.01
CA SER B 175 21.75 -10.20 17.74
C SER B 175 20.44 -9.48 17.47
N ASP B 176 20.36 -8.88 16.28
CA ASP B 176 19.21 -8.08 15.86
C ASP B 176 18.39 -8.74 14.76
N THR B 177 19.04 -9.20 13.67
CA THR B 177 18.31 -9.95 12.66
C THR B 177 17.75 -11.24 13.23
N ILE B 178 18.49 -11.90 14.13
CA ILE B 178 17.99 -13.09 14.78
C ILE B 178 16.75 -12.78 15.61
N ARG B 179 16.77 -11.66 16.34
CA ARG B 179 15.60 -11.27 17.12
C ARG B 179 14.41 -10.99 16.22
N GLN B 180 14.63 -10.30 15.11
CA GLN B 180 13.53 -10.00 14.19
C GLN B 180 12.94 -11.28 13.63
N SER B 181 13.80 -12.23 13.22
CA SER B 181 13.31 -13.50 12.70
C SER B 181 12.53 -14.28 13.75
N ALA B 182 13.02 -14.29 14.99
CA ALA B 182 12.33 -15.00 16.06
C ALA B 182 10.97 -14.37 16.35
N THR B 183 10.91 -13.03 16.39
CA THR B 183 9.63 -12.36 16.62
C THR B 183 8.64 -12.65 15.49
N PHE B 184 9.13 -12.63 14.25
CA PHE B 184 8.25 -12.94 13.11
C PHE B 184 7.75 -14.38 13.18
N ALA B 185 8.62 -15.32 13.57
CA ALA B 185 8.18 -16.70 13.71
C ALA B 185 7.14 -16.85 14.81
N GLY B 186 7.33 -16.16 15.93
CA GLY B 186 6.33 -16.19 16.99
C GLY B 186 5.00 -15.61 16.54
N LEU B 187 5.05 -14.52 15.78
CA LEU B 187 3.82 -13.96 15.22
C LEU B 187 3.14 -14.94 14.27
N ASP B 188 3.94 -15.68 13.50
CA ASP B 188 3.37 -16.71 12.63
C ASP B 188 2.69 -17.80 13.44
N LYS B 189 3.31 -18.22 14.55
CA LYS B 189 2.68 -19.24 15.38
C LYS B 189 1.35 -18.75 15.96
N VAL B 190 1.35 -17.54 16.52
CA VAL B 190 0.15 -17.05 17.17
C VAL B 190 -0.96 -16.81 16.16
N ASP B 191 -0.64 -16.27 14.98
CA ASP B 191 -1.71 -16.04 14.02
C ASP B 191 -2.15 -17.31 13.32
N ASN B 192 -1.31 -18.36 13.29
CA ASN B 192 -1.83 -19.68 12.90
C ASN B 192 -2.86 -20.16 13.92
N ALA B 193 -2.57 -19.96 15.21
CA ALA B 193 -3.57 -20.29 16.22
C ALA B 193 -4.86 -19.50 16.00
N GLN B 194 -4.72 -18.21 15.70
CA GLN B 194 -5.90 -17.37 15.44
C GLN B 194 -6.65 -17.86 14.21
N MET B 195 -5.94 -18.32 13.18
CA MET B 195 -6.60 -18.90 12.01
C MET B 195 -7.42 -20.12 12.38
N ILE B 196 -6.86 -21.00 13.22
CA ILE B 196 -7.60 -22.18 13.65
C ILE B 196 -8.87 -21.77 14.39
N GLN B 197 -8.72 -20.84 15.34
CA GLN B 197 -9.88 -20.41 16.13
C GLN B 197 -10.93 -19.75 15.25
N MET B 198 -10.49 -18.92 14.30
CA MET B 198 -11.42 -18.21 13.43
C MET B 198 -12.12 -19.16 12.47
N GLU B 199 -11.42 -20.19 12.00
CA GLU B 199 -12.07 -21.21 11.18
C GLU B 199 -13.15 -21.94 11.97
N ARG B 200 -12.85 -22.28 13.23
CA ARG B 200 -13.87 -22.90 14.07
C ARG B 200 -15.06 -21.98 14.25
N LEU B 201 -14.80 -20.68 14.48
CA LEU B 201 -15.89 -19.72 14.64
C LEU B 201 -16.74 -19.62 13.38
N PHE B 202 -16.10 -19.59 12.22
CA PHE B 202 -16.84 -19.49 10.96
C PHE B 202 -17.70 -20.73 10.73
N ILE B 203 -17.14 -21.91 11.00
CA ILE B 203 -17.91 -23.15 10.87
C ILE B 203 -19.11 -23.12 11.80
N ALA B 204 -18.92 -22.63 13.03
CA ALA B 204 -20.05 -22.46 13.94
C ALA B 204 -21.07 -21.48 13.38
N LYS B 205 -20.60 -20.41 12.73
CA LYS B 205 -21.50 -19.40 12.19
C LYS B 205 -22.38 -19.97 11.10
N LEU B 206 -21.81 -20.80 10.21
CA LEU B 206 -22.61 -21.29 9.09
C LEU B 206 -23.64 -22.32 9.52
N VAL B 207 -23.17 -23.44 10.06
CA VAL B 207 -24.06 -24.55 10.41
C VAL B 207 -24.51 -24.37 11.85
N PRO B 208 -25.81 -24.38 12.13
CA PRO B 208 -26.28 -24.29 13.52
C PRO B 208 -25.91 -25.54 14.31
N GLY B 209 -25.76 -25.35 15.62
CA GLY B 209 -25.46 -26.44 16.52
C GLY B 209 -23.99 -26.74 16.71
N PHE B 210 -23.11 -26.13 15.92
CA PHE B 210 -21.68 -26.36 16.08
C PHE B 210 -21.19 -25.68 17.36
N ASP B 211 -20.20 -26.30 17.99
CA ASP B 211 -19.65 -25.83 19.27
C ASP B 211 -18.42 -24.98 18.99
N ALA B 212 -18.55 -23.67 19.17
CA ALA B 212 -17.44 -22.75 18.98
C ALA B 212 -16.63 -22.53 20.25
N SER B 213 -17.10 -23.04 21.39
CA SER B 213 -16.39 -22.85 22.64
C SER B 213 -15.07 -23.61 22.63
N THR B 214 -14.11 -23.10 23.40
CA THR B 214 -12.79 -23.72 23.52
C THR B 214 -12.70 -24.75 24.63
N ASP B 215 -13.81 -25.02 25.33
CA ASP B 215 -13.78 -25.99 26.42
C ASP B 215 -13.46 -27.39 25.90
N VAL B 216 -14.10 -27.81 24.80
CA VAL B 216 -13.81 -29.12 24.22
C VAL B 216 -12.37 -29.22 23.73
N PRO B 217 -11.83 -28.25 22.97
CA PRO B 217 -10.40 -28.31 22.64
C PRO B 217 -9.51 -28.34 23.86
N LYS B 218 -9.88 -27.61 24.93
CA LYS B 218 -9.07 -27.65 26.15
C LYS B 218 -9.08 -29.03 26.78
N LYS B 219 -10.25 -29.67 26.83
CA LYS B 219 -10.32 -31.03 27.37
C LYS B 219 -9.50 -32.00 26.52
N ILE B 220 -9.56 -31.85 25.19
CA ILE B 220 -8.78 -32.70 24.32
C ILE B 220 -7.28 -32.48 24.53
N TRP B 221 -6.87 -31.23 24.74
CA TRP B 221 -5.46 -30.93 24.90
C TRP B 221 -4.94 -31.36 26.25
N THR B 222 -5.79 -31.39 27.28
CA THR B 222 -5.34 -31.68 28.64
C THR B 222 -5.56 -33.13 29.04
N THR B 223 -6.80 -33.61 28.98
CA THR B 223 -7.15 -34.91 29.53
C THR B 223 -7.19 -36.03 28.49
N ASP B 224 -6.87 -35.73 27.23
CA ASP B 224 -6.96 -36.80 26.24
C ASP B 224 -5.58 -37.37 25.97
N PRO B 225 -5.43 -38.70 25.98
CA PRO B 225 -4.10 -39.30 25.76
C PRO B 225 -3.54 -39.06 24.37
N ILE B 226 -4.36 -38.68 23.40
CA ILE B 226 -3.87 -38.51 22.03
C ILE B 226 -2.81 -37.41 21.98
N TYR B 227 -3.07 -36.28 22.64
CA TYR B 227 -2.19 -35.13 22.59
C TYR B 227 -1.32 -35.01 23.84
N ALA B 228 -1.22 -36.07 24.63
CA ALA B 228 -0.41 -36.01 25.85
C ALA B 228 1.06 -35.77 25.53
N GLY B 229 1.59 -36.47 24.52
CA GLY B 229 2.99 -36.26 24.15
C GLY B 229 3.25 -34.85 23.64
N ALA B 230 2.35 -34.33 22.81
CA ALA B 230 2.51 -32.96 22.32
C ALA B 230 2.45 -31.95 23.46
N ARG B 231 1.51 -32.15 24.39
CA ARG B 231 1.41 -31.24 25.53
C ARG B 231 2.68 -31.29 26.38
N GLY B 232 3.21 -32.49 26.64
CA GLY B 232 4.44 -32.60 27.39
C GLY B 232 5.60 -31.94 26.69
N ALA B 233 5.71 -32.13 25.38
CA ALA B 233 6.79 -31.50 24.63
C ALA B 233 6.70 -29.98 24.69
N VAL B 234 5.49 -29.44 24.50
CA VAL B 234 5.32 -27.99 24.52
C VAL B 234 5.64 -27.43 25.90
N GLU B 235 5.16 -28.10 26.96
CA GLU B 235 5.42 -27.62 28.31
C GLU B 235 6.91 -27.68 28.63
N GLU B 236 7.60 -28.74 28.21
CA GLU B 236 9.05 -28.79 28.37
C GLU B 236 9.73 -27.69 27.56
N ILE B 237 9.14 -27.29 26.42
CA ILE B 237 9.71 -26.22 25.62
C ILE B 237 9.59 -24.88 26.33
N TRP B 238 8.46 -24.65 27.02
CA TRP B 238 8.27 -23.34 27.65
C TRP B 238 9.35 -22.97 28.66
N GLN B 239 9.46 -23.73 29.75
CA GLN B 239 10.33 -23.38 30.86
C GLN B 239 11.42 -24.41 31.11
N GLY B 240 11.48 -25.47 30.32
CA GLY B 240 12.51 -26.47 30.49
C GLY B 240 13.90 -25.94 30.23
N ILE B 241 14.05 -25.18 29.15
CA ILE B 241 15.35 -24.69 28.70
C ILE B 241 15.29 -23.17 28.59
N GLN B 242 16.26 -22.50 29.23
CA GLN B 242 16.36 -21.05 29.12
C GLN B 242 17.11 -20.63 27.86
N ASP B 243 18.09 -21.43 27.44
CA ASP B 243 18.93 -21.10 26.30
C ASP B 243 18.09 -20.78 25.07
N TRP B 244 18.24 -19.56 24.55
CA TRP B 244 17.41 -19.13 23.43
C TRP B 244 17.75 -19.87 22.14
N ASN B 245 19.02 -20.19 21.92
CA ASN B 245 19.38 -21.00 20.76
C ASN B 245 18.73 -22.37 20.84
N GLU B 246 18.73 -22.99 22.01
CA GLU B 246 18.07 -24.27 22.20
C GLU B 246 16.57 -24.16 21.97
N ILE B 247 15.96 -23.08 22.46
CA ILE B 247 14.53 -22.87 22.24
C ILE B 247 14.24 -22.77 20.75
N LEU B 248 15.03 -21.97 20.05
CA LEU B 248 14.80 -21.81 18.60
C LEU B 248 14.95 -23.17 17.91
N TRP B 249 16.01 -23.90 18.20
CA TRP B 249 16.26 -25.17 17.50
C TRP B 249 15.15 -26.16 17.78
N ALA B 250 14.84 -26.40 19.05
CA ALA B 250 13.85 -27.40 19.41
C ALA B 250 12.47 -27.02 18.89
N GLY B 251 12.06 -25.77 19.06
CA GLY B 251 10.71 -25.38 18.67
C GLY B 251 10.54 -25.05 17.21
N HIS B 252 11.62 -25.01 16.42
CA HIS B 252 11.49 -24.71 15.01
C HIS B 252 11.94 -25.85 14.11
N ALA B 253 13.14 -26.39 14.30
CA ALA B 253 13.59 -27.43 13.37
C ALA B 253 13.03 -28.79 13.75
N VAL B 254 13.51 -29.36 14.86
CA VAL B 254 13.31 -30.79 15.10
C VAL B 254 11.86 -31.08 15.52
N TYR B 255 11.42 -30.54 16.66
CA TYR B 255 10.09 -30.87 17.14
C TYR B 255 9.02 -30.35 16.19
N ASP B 256 9.18 -29.12 15.70
CA ASP B 256 8.20 -28.57 14.78
C ASP B 256 8.12 -29.38 13.50
N ALA B 257 9.20 -29.41 12.72
CA ALA B 257 9.18 -30.07 11.43
C ALA B 257 8.93 -31.57 11.53
N THR B 258 9.06 -32.18 12.71
CA THR B 258 8.56 -33.55 12.84
C THR B 258 7.06 -33.54 13.14
N PHE B 259 6.69 -33.09 14.35
CA PHE B 259 5.33 -33.30 14.83
C PHE B 259 4.33 -32.37 14.15
N GLY B 260 4.56 -31.06 14.24
CA GLY B 260 3.59 -30.13 13.70
C GLY B 260 3.54 -30.21 12.19
N GLN B 261 4.69 -30.41 11.54
CA GLN B 261 4.73 -30.58 10.10
C GLN B 261 3.95 -31.82 9.68
N PHE B 262 4.21 -32.97 10.33
CA PHE B 262 3.45 -34.16 9.99
C PHE B 262 1.96 -33.92 10.17
N ALA B 263 1.58 -33.40 11.34
CA ALA B 263 0.16 -33.17 11.61
C ALA B 263 -0.47 -32.31 10.52
N ARG B 264 -0.02 -31.06 10.40
CA ARG B 264 -0.67 -30.12 9.49
C ARG B 264 -0.61 -30.60 8.05
N ARG B 265 0.58 -30.98 7.57
CA ARG B 265 0.72 -31.31 6.17
C ARG B 265 0.00 -32.61 5.81
N GLU B 266 0.21 -33.67 6.60
CA GLU B 266 -0.40 -34.96 6.25
C GLU B 266 -1.84 -35.05 6.73
N PHE B 267 -2.08 -35.04 8.04
CA PHE B 267 -3.39 -35.46 8.53
C PHE B 267 -4.44 -34.38 8.26
N PHE B 268 -4.30 -33.23 8.90
CA PHE B 268 -5.34 -32.20 8.83
C PHE B 268 -5.47 -31.57 7.46
N GLN B 269 -4.63 -31.96 6.50
CA GLN B 269 -4.77 -31.51 5.12
C GLN B 269 -5.29 -32.62 4.21
N ARG B 270 -4.60 -33.77 4.15
CA ARG B 270 -5.02 -34.85 3.28
C ARG B 270 -6.36 -35.44 3.72
N LEU B 271 -6.49 -35.76 5.01
CA LEU B 271 -7.75 -36.32 5.48
C LEU B 271 -8.88 -35.31 5.37
N ALA B 272 -8.56 -34.02 5.46
CA ALA B 272 -9.57 -33.00 5.20
C ALA B 272 -10.01 -33.04 3.74
N THR B 273 -9.06 -33.13 2.82
CA THR B 273 -9.40 -33.15 1.39
C THR B 273 -10.24 -34.38 1.06
N VAL B 274 -9.77 -35.56 1.46
CA VAL B 274 -10.40 -36.81 1.05
C VAL B 274 -11.72 -37.02 1.78
N TYR B 275 -12.09 -36.07 2.65
CA TYR B 275 -13.36 -36.11 3.35
C TYR B 275 -14.32 -35.04 2.88
N GLY B 276 -14.04 -34.43 1.72
CA GLY B 276 -14.91 -33.42 1.17
C GLY B 276 -14.77 -32.03 1.77
N ASP B 277 -13.79 -31.82 2.64
CA ASP B 277 -13.57 -30.50 3.22
C ASP B 277 -12.79 -29.62 2.25
N THR B 278 -13.21 -28.36 2.17
CA THR B 278 -12.52 -27.37 1.35
C THR B 278 -12.16 -26.09 2.09
N LEU B 279 -12.76 -25.82 3.25
CA LEU B 279 -12.39 -24.64 4.03
C LEU B 279 -11.04 -24.83 4.73
N THR B 280 -10.81 -26.01 5.30
CA THR B 280 -9.56 -26.27 6.00
C THR B 280 -8.31 -26.10 5.14
N PRO B 281 -8.26 -26.55 3.87
CA PRO B 281 -7.01 -26.39 3.10
C PRO B 281 -6.51 -24.96 3.03
N PHE B 282 -7.38 -23.95 3.05
CA PHE B 282 -6.92 -22.57 3.09
C PHE B 282 -6.04 -22.31 4.31
N PHE B 283 -6.54 -22.65 5.50
CA PHE B 283 -5.79 -22.39 6.72
C PHE B 283 -4.55 -23.26 6.81
N THR B 284 -4.64 -24.51 6.34
CA THR B 284 -3.46 -25.36 6.32
C THR B 284 -2.39 -24.79 5.40
N ALA B 285 -2.80 -24.24 4.25
CA ALA B 285 -1.85 -23.63 3.34
C ALA B 285 -1.21 -22.39 3.95
N GLN B 286 -2.00 -21.58 4.65
CA GLN B 286 -1.44 -20.40 5.33
C GLN B 286 -0.40 -20.82 6.36
N SER B 287 -0.73 -21.82 7.18
CA SER B 287 0.21 -22.31 8.18
C SER B 287 1.45 -22.90 7.53
N GLN B 288 1.26 -23.60 6.40
CA GLN B 288 2.39 -24.20 5.71
C GLN B 288 3.34 -23.14 5.15
N THR B 289 2.78 -22.07 4.58
CA THR B 289 3.61 -20.98 4.09
C THR B 289 4.37 -20.32 5.24
N TYR B 290 3.69 -20.09 6.37
CA TYR B 290 4.35 -19.48 7.52
C TYR B 290 5.50 -20.36 8.00
N PHE B 291 5.25 -21.67 8.10
CA PHE B 291 6.29 -22.60 8.50
C PHE B 291 7.43 -22.65 7.50
N GLN B 292 7.12 -22.55 6.20
CA GLN B 292 8.17 -22.55 5.19
C GLN B 292 9.11 -21.37 5.38
N THR B 293 8.53 -20.17 5.58
CA THR B 293 9.36 -18.99 5.80
C THR B 293 10.19 -19.15 7.07
N THR B 294 9.56 -19.59 8.16
CA THR B 294 10.27 -19.74 9.42
C THR B 294 11.39 -20.77 9.30
N ARG B 295 11.11 -21.90 8.64
CA ARG B 295 12.11 -22.95 8.47
C ARG B 295 13.27 -22.46 7.63
N GLY B 296 12.99 -21.72 6.55
CA GLY B 296 14.08 -21.16 5.76
C GLY B 296 14.97 -20.26 6.59
N ALA B 297 14.37 -19.35 7.36
CA ALA B 297 15.16 -18.45 8.18
C ALA B 297 15.98 -19.21 9.21
N ILE B 298 15.38 -20.19 9.87
CA ILE B 298 16.05 -20.90 10.96
C ILE B 298 17.19 -21.76 10.42
N GLU B 299 16.95 -22.47 9.31
CA GLU B 299 18.01 -23.28 8.73
C GLU B 299 19.14 -22.41 8.19
N ASP B 300 18.82 -21.25 7.60
CA ASP B 300 19.89 -20.35 7.19
C ASP B 300 20.73 -19.93 8.39
N LEU B 301 20.07 -19.49 9.46
CA LEU B 301 20.77 -19.18 10.70
C LEU B 301 21.73 -20.29 11.10
N PHE B 302 21.18 -21.47 11.40
CA PHE B 302 22.01 -22.51 12.01
C PHE B 302 23.10 -22.98 11.06
N VAL B 303 22.75 -23.34 9.83
CA VAL B 303 23.71 -23.91 8.90
C VAL B 303 24.80 -22.89 8.54
N TYR B 304 24.40 -21.66 8.20
CA TYR B 304 25.41 -20.71 7.72
C TYR B 304 26.28 -20.21 8.86
N CYS B 305 25.69 -19.87 10.01
CA CYS B 305 26.48 -19.26 11.08
C CYS B 305 27.10 -20.31 12.01
N LEU B 306 26.26 -21.16 12.61
CA LEU B 306 26.73 -22.00 13.71
C LEU B 306 27.26 -23.34 13.22
N ALA B 307 26.54 -24.02 12.33
CA ALA B 307 26.97 -25.33 11.86
C ALA B 307 28.24 -25.28 11.02
N ASN B 308 28.55 -24.14 10.42
CA ASN B 308 29.73 -24.00 9.57
C ASN B 308 30.58 -22.82 10.02
N ASP B 309 30.67 -22.60 11.33
CA ASP B 309 31.54 -21.55 11.84
C ASP B 309 33.00 -21.95 11.64
N PRO B 310 33.83 -21.10 11.02
CA PRO B 310 35.21 -21.51 10.77
C PRO B 310 36.03 -21.80 12.01
N GLU B 311 35.67 -21.16 13.13
CA GLU B 311 36.43 -21.32 14.39
C GLU B 311 35.71 -22.28 15.34
N PHE B 312 34.54 -21.92 15.84
CA PHE B 312 33.86 -22.77 16.85
C PHE B 312 33.58 -24.11 16.19
N GLY B 313 33.11 -24.10 14.94
CA GLY B 313 33.05 -25.41 14.24
C GLY B 313 32.23 -26.45 14.95
N ALA B 314 32.85 -27.59 15.22
CA ALA B 314 32.16 -28.76 15.82
C ALA B 314 31.57 -28.42 17.19
N HIS B 315 32.27 -27.60 17.97
CA HIS B 315 31.79 -27.25 19.32
C HIS B 315 30.31 -26.90 19.19
N ASN B 316 30.01 -25.94 18.32
CA ASN B 316 28.60 -25.51 18.15
C ASN B 316 27.78 -26.72 17.68
N ARG B 317 28.34 -27.54 16.79
CA ARG B 317 27.59 -28.69 16.23
C ARG B 317 27.32 -29.74 17.32
N THR B 318 28.37 -30.17 18.04
CA THR B 318 28.20 -31.25 19.04
C THR B 318 26.95 -30.91 19.83
N PHE B 319 26.82 -29.65 20.21
CA PHE B 319 25.67 -29.19 20.98
C PHE B 319 24.37 -29.36 20.19
N LEU B 320 24.37 -29.01 18.91
CA LEU B 320 23.20 -29.22 18.08
C LEU B 320 22.86 -30.69 17.95
N ASN B 321 23.88 -31.55 17.88
CA ASN B 321 23.65 -32.99 17.81
C ASN B 321 22.94 -33.50 19.06
N ALA B 322 23.41 -33.06 20.23
CA ALA B 322 22.79 -33.49 21.48
C ALA B 322 21.35 -33.00 21.58
N TRP B 323 21.13 -31.73 21.26
CA TRP B 323 19.77 -31.18 21.32
C TRP B 323 18.86 -31.90 20.32
N THR B 324 19.37 -32.18 19.12
CA THR B 324 18.59 -32.87 18.12
C THR B 324 18.22 -34.26 18.58
N GLU B 325 19.17 -34.99 19.18
CA GLU B 325 18.87 -36.32 19.69
C GLU B 325 17.77 -36.28 20.74
N HIS B 326 17.93 -35.42 21.74
CA HIS B 326 16.95 -35.39 22.84
C HIS B 326 15.57 -34.99 22.33
N TYR B 327 15.48 -33.89 21.60
CA TYR B 327 14.18 -33.41 21.15
C TYR B 327 13.60 -34.26 20.04
N LEU B 328 14.43 -34.97 19.27
CA LEU B 328 13.91 -35.93 18.31
C LEU B 328 13.27 -37.11 19.03
N ALA B 329 13.88 -37.59 20.11
CA ALA B 329 13.23 -38.61 20.92
C ALA B 329 11.91 -38.11 21.48
N ARG B 330 11.89 -36.87 21.99
CA ARG B 330 10.66 -36.31 22.53
C ARG B 330 9.58 -36.22 21.46
N SER B 331 9.94 -35.74 20.27
CA SER B 331 8.97 -35.59 19.19
C SER B 331 8.49 -36.94 18.67
N VAL B 332 9.38 -37.95 18.64
CA VAL B 332 8.96 -39.29 18.24
C VAL B 332 7.95 -39.85 19.23
N THR B 333 8.19 -39.65 20.53
CA THR B 333 7.20 -40.09 21.51
C THR B 333 5.88 -39.35 21.33
N ALA B 334 5.94 -38.03 21.07
CA ALA B 334 4.72 -37.26 20.86
C ALA B 334 3.96 -37.76 19.64
N LEU B 335 4.65 -38.04 18.55
CA LEU B 335 4.01 -38.54 17.35
C LEU B 335 3.40 -39.92 17.57
N LYS B 336 4.11 -40.79 18.29
CA LYS B 336 3.59 -42.11 18.59
C LYS B 336 2.32 -42.03 19.44
N ASP B 337 2.28 -41.08 20.37
CA ASP B 337 1.06 -40.92 21.15
C ASP B 337 -0.05 -40.26 20.34
N PHE B 338 0.31 -39.42 19.37
CA PHE B 338 -0.69 -38.69 18.59
C PHE B 338 -1.34 -39.54 17.51
N VAL B 339 -0.62 -40.52 16.95
CA VAL B 339 -1.09 -41.24 15.78
C VAL B 339 -2.41 -41.98 16.01
N GLY B 340 -2.86 -42.10 17.27
CA GLY B 340 -4.11 -42.78 17.55
C GLY B 340 -5.34 -42.12 16.95
N ILE B 341 -5.23 -40.84 16.58
CA ILE B 341 -6.33 -40.18 15.89
C ILE B 341 -6.64 -40.87 14.58
N TYR B 342 -5.64 -41.53 13.97
CA TYR B 342 -5.87 -42.24 12.72
C TYR B 342 -6.82 -43.40 12.93
N ALA B 343 -6.70 -44.11 14.05
CA ALA B 343 -7.68 -45.13 14.38
C ALA B 343 -8.98 -44.51 14.86
N LYS B 344 -8.92 -43.30 15.43
CA LYS B 344 -10.13 -42.61 15.85
C LYS B 344 -11.03 -42.30 14.66
N VAL B 345 -10.45 -41.83 13.56
CA VAL B 345 -11.25 -41.47 12.38
C VAL B 345 -11.60 -42.74 11.61
N GLU B 346 -12.73 -42.68 10.89
CA GLU B 346 -13.23 -43.83 10.15
C GLU B 346 -12.30 -44.18 8.99
N LYS B 347 -12.22 -45.47 8.69
CA LYS B 347 -11.21 -45.99 7.78
C LYS B 347 -11.47 -45.53 6.35
N VAL B 348 -10.42 -45.10 5.67
CA VAL B 348 -10.45 -44.72 4.26
C VAL B 348 -9.18 -45.26 3.60
N ALA B 349 -9.33 -45.80 2.40
CA ALA B 349 -8.17 -46.29 1.67
C ALA B 349 -7.23 -45.13 1.32
N GLY B 350 -5.96 -45.46 1.12
CA GLY B 350 -4.97 -44.44 0.86
C GLY B 350 -4.29 -43.91 2.10
N ALA B 351 -4.77 -42.79 2.64
CA ALA B 351 -4.08 -42.14 3.76
C ALA B 351 -4.20 -42.94 5.04
N THR B 352 -5.40 -43.44 5.36
CA THR B 352 -5.67 -43.94 6.71
C THR B 352 -4.94 -45.25 6.99
N ASP B 353 -4.89 -46.15 6.01
CA ASP B 353 -4.34 -47.48 6.26
C ASP B 353 -2.84 -47.40 6.52
N ARG B 354 -2.32 -48.45 7.17
CA ARG B 354 -0.96 -48.47 7.70
C ARG B 354 0.11 -48.16 6.65
N ALA B 355 -0.04 -48.69 5.44
CA ALA B 355 0.97 -48.48 4.41
C ALA B 355 1.09 -46.99 4.06
N GLY B 356 -0.04 -46.32 3.89
CA GLY B 356 0.00 -44.89 3.62
C GLY B 356 0.58 -44.10 4.77
N VAL B 357 0.27 -44.51 6.00
CA VAL B 357 0.80 -43.81 7.17
C VAL B 357 2.31 -43.96 7.23
N SER B 358 2.82 -45.16 6.97
CA SER B 358 4.26 -45.39 6.97
C SER B 358 4.92 -44.60 5.85
N GLU B 359 4.29 -44.53 4.68
CA GLU B 359 4.87 -43.76 3.59
C GLU B 359 4.91 -42.27 3.93
N ALA B 360 3.85 -41.76 4.56
CA ALA B 360 3.84 -40.36 4.98
C ALA B 360 4.93 -40.07 6.00
N LEU B 361 5.09 -40.97 6.98
CA LEU B 361 6.16 -40.80 7.97
C LEU B 361 7.52 -40.85 7.32
N GLN B 362 7.71 -41.76 6.36
CA GLN B 362 8.97 -41.85 5.64
C GLN B 362 9.26 -40.56 4.88
N ARG B 363 8.25 -40.00 4.21
CA ARG B 363 8.44 -38.75 3.50
C ARG B 363 8.84 -37.63 4.46
N VAL B 364 8.12 -37.53 5.58
CA VAL B 364 8.37 -36.44 6.53
C VAL B 364 9.79 -36.55 7.07
N PHE B 365 10.17 -37.74 7.54
CA PHE B 365 11.50 -37.90 8.14
C PHE B 365 12.60 -37.78 7.08
N GLY B 366 12.36 -38.23 5.85
CA GLY B 366 13.37 -38.07 4.81
C GLY B 366 13.62 -36.62 4.46
N ASP B 367 12.54 -35.84 4.30
CA ASP B 367 12.73 -34.42 4.00
C ASP B 367 13.39 -33.71 5.18
N TRP B 368 12.98 -34.04 6.41
CA TRP B 368 13.62 -33.44 7.57
C TRP B 368 15.10 -33.79 7.62
N LYS B 369 15.45 -35.04 7.33
CA LYS B 369 16.84 -35.46 7.34
C LYS B 369 17.64 -34.69 6.30
N VAL B 370 17.18 -34.70 5.05
CA VAL B 370 17.93 -34.03 3.98
C VAL B 370 17.96 -32.52 4.18
N ASP B 371 17.03 -31.96 4.95
CA ASP B 371 17.03 -30.53 5.19
C ASP B 371 17.95 -30.12 6.34
N TYR B 372 18.00 -30.91 7.41
CA TYR B 372 18.77 -30.52 8.59
C TYR B 372 19.92 -31.45 8.91
N ALA B 373 19.67 -32.76 8.99
CA ALA B 373 20.65 -33.67 9.59
C ALA B 373 21.90 -33.79 8.74
N ASP B 374 21.75 -33.79 7.41
CA ASP B 374 22.91 -33.90 6.54
C ASP B 374 23.83 -32.70 6.71
N LYS B 375 23.26 -31.50 6.83
CA LYS B 375 24.09 -30.30 7.02
C LYS B 375 24.69 -30.26 8.42
N ILE B 376 23.88 -30.56 9.45
CA ILE B 376 24.39 -30.55 10.82
C ILE B 376 25.38 -31.69 11.05
N GLY B 377 25.11 -32.86 10.48
CA GLY B 377 25.90 -34.04 10.72
C GLY B 377 25.21 -35.10 11.54
N PHE B 378 23.97 -34.87 11.95
CA PHE B 378 23.21 -35.87 12.69
C PHE B 378 22.98 -37.10 11.81
N ASN B 379 23.22 -38.28 12.38
CA ASN B 379 23.04 -39.54 11.66
C ASN B 379 21.71 -40.16 12.10
N ILE B 380 20.79 -40.28 11.16
CA ILE B 380 19.46 -40.82 11.44
C ILE B 380 19.08 -41.76 10.29
N ASP B 381 18.53 -42.92 10.65
CA ASP B 381 17.94 -43.85 9.69
C ASP B 381 16.42 -43.84 9.91
N VAL B 382 15.68 -43.53 8.86
CA VAL B 382 14.25 -43.28 9.01
C VAL B 382 13.47 -44.54 9.36
N ASP B 383 14.02 -45.72 9.08
CA ASP B 383 13.25 -46.96 9.25
C ASP B 383 12.88 -47.19 10.71
N GLN B 384 13.87 -47.15 11.60
CA GLN B 384 13.58 -47.39 13.01
C GLN B 384 12.71 -46.29 13.60
N LYS B 385 12.92 -45.06 13.13
CA LYS B 385 12.11 -43.93 13.64
C LYS B 385 10.66 -44.20 13.29
N VAL B 386 10.37 -44.40 12.01
CA VAL B 386 8.99 -44.57 11.59
C VAL B 386 8.38 -45.81 12.23
N ASP B 387 9.17 -46.87 12.43
CA ASP B 387 8.64 -48.05 13.12
C ASP B 387 8.27 -47.73 14.55
N ALA B 388 9.12 -46.97 15.26
CA ALA B 388 8.82 -46.60 16.63
C ALA B 388 7.57 -45.73 16.71
N VAL B 389 7.43 -44.77 15.79
CA VAL B 389 6.24 -43.94 15.79
C VAL B 389 5.00 -44.77 15.48
N LEU B 390 5.09 -45.67 14.49
CA LEU B 390 3.96 -46.45 14.05
C LEU B 390 3.55 -47.52 15.06
N ALA B 391 4.47 -47.90 15.96
CA ALA B 391 4.13 -48.91 16.96
C ALA B 391 2.94 -48.50 17.81
N GLY B 392 2.73 -47.20 18.00
CA GLY B 392 1.57 -46.73 18.74
C GLY B 392 0.28 -46.71 17.96
N PHE B 393 0.33 -46.96 16.66
CA PHE B 393 -0.86 -46.97 15.82
C PHE B 393 -1.57 -48.32 15.92
N LYS B 394 -2.89 -48.28 16.04
CA LYS B 394 -3.68 -49.50 16.12
C LYS B 394 -4.65 -49.60 14.95
N ASN C 10 45.86 -4.49 21.48
CA ASN C 10 46.46 -4.17 22.77
C ASN C 10 47.52 -5.19 23.16
N SER C 11 48.64 -4.70 23.70
CA SER C 11 49.70 -5.64 24.13
C SER C 11 49.13 -6.58 25.18
N THR C 12 48.50 -6.03 26.22
CA THR C 12 48.02 -6.89 27.30
C THR C 12 47.08 -7.96 26.77
N ARG C 13 46.18 -7.59 25.87
CA ARG C 13 45.27 -8.57 25.28
C ARG C 13 46.05 -9.61 24.48
N THR C 14 47.06 -9.15 23.74
CA THR C 14 47.89 -10.09 22.96
C THR C 14 48.53 -11.09 23.92
N GLU C 15 49.20 -10.58 24.96
CA GLU C 15 49.91 -11.47 25.91
C GLU C 15 48.91 -12.47 26.50
N TRP C 16 47.76 -11.98 26.94
CA TRP C 16 46.81 -12.87 27.60
C TRP C 16 46.28 -13.93 26.65
N GLU C 17 45.94 -13.51 25.43
CA GLU C 17 45.49 -14.52 24.42
C GLU C 17 46.62 -15.53 24.24
N GLY C 18 47.86 -15.05 24.12
CA GLY C 18 48.97 -15.95 23.90
C GLY C 18 49.12 -16.97 25.02
N LYS C 19 49.00 -16.52 26.27
CA LYS C 19 49.12 -17.46 27.38
C LYS C 19 47.89 -18.34 27.53
N ILE C 20 46.76 -17.96 26.93
CA ILE C 20 45.60 -18.85 26.88
C ILE C 20 45.91 -20.09 26.05
N ALA C 21 46.76 -19.95 25.02
CA ALA C 21 47.03 -21.04 24.09
C ALA C 21 47.65 -22.26 24.78
N LYS C 22 48.23 -22.09 25.96
CA LYS C 22 48.86 -23.21 26.66
C LYS C 22 47.85 -24.08 27.42
N LEU C 23 46.59 -23.67 27.49
CA LEU C 23 45.57 -24.40 28.25
C LEU C 23 45.11 -25.60 27.44
N ASN C 24 45.68 -26.76 27.74
CA ASN C 24 45.34 -28.00 27.07
C ASN C 24 44.60 -29.00 27.97
N SER C 25 44.41 -28.68 29.25
CA SER C 25 43.75 -29.56 30.20
C SER C 25 42.43 -28.95 30.63
N VAL C 26 41.38 -29.78 30.68
CA VAL C 26 40.05 -29.29 31.03
C VAL C 26 40.03 -28.78 32.46
N ASP C 27 40.59 -29.56 33.40
CA ASP C 27 40.60 -29.16 34.80
C ASP C 27 41.47 -27.92 35.00
N GLN C 28 42.63 -27.88 34.35
CA GLN C 28 43.50 -26.71 34.45
C GLN C 28 42.82 -25.47 33.86
N ALA C 29 42.14 -25.64 32.73
CA ALA C 29 41.41 -24.52 32.14
C ALA C 29 40.30 -24.04 33.06
N THR C 30 39.61 -24.99 33.73
CA THR C 30 38.57 -24.61 34.68
C THR C 30 39.15 -23.82 35.83
N LYS C 31 40.29 -24.25 36.37
CA LYS C 31 40.93 -23.50 37.45
C LYS C 31 41.35 -22.11 36.97
N PHE C 32 41.87 -22.02 35.74
CA PHE C 32 42.32 -20.74 35.21
C PHE C 32 41.15 -19.77 35.04
N ILE C 33 40.05 -20.24 34.45
CA ILE C 33 38.90 -19.35 34.31
C ILE C 33 38.35 -18.98 35.68
N GLN C 34 38.33 -19.93 36.62
CA GLN C 34 37.79 -19.65 37.95
C GLN C 34 38.57 -18.54 38.64
N ASP C 35 39.90 -18.69 38.73
CA ASP C 35 40.66 -17.71 39.49
C ASP C 35 40.78 -16.40 38.72
N PHE C 36 40.72 -16.45 37.38
CA PHE C 36 40.68 -15.19 36.63
C PHE C 36 39.40 -14.42 36.90
N ARG C 37 38.26 -15.12 36.95
CA ARG C 37 37.00 -14.47 37.30
C ARG C 37 37.09 -13.87 38.69
N VAL C 38 37.61 -14.65 39.65
CA VAL C 38 37.72 -14.16 41.02
C VAL C 38 38.60 -12.92 41.08
N ALA C 39 39.69 -12.92 40.32
CA ALA C 39 40.64 -11.82 40.37
C ALA C 39 40.09 -10.55 39.76
N TYR C 40 39.50 -10.65 38.56
CA TYR C 40 39.33 -9.46 37.71
C TYR C 40 37.90 -9.19 37.25
N SER C 41 36.91 -9.96 37.68
CA SER C 41 35.58 -9.83 37.12
C SER C 41 34.59 -9.10 38.04
N SER C 42 34.54 -9.48 39.31
CA SER C 42 33.48 -8.99 40.19
C SER C 42 33.72 -7.53 40.59
N PRO C 43 32.67 -6.83 41.04
CA PRO C 43 32.89 -5.51 41.63
C PRO C 43 33.82 -5.56 42.83
N PHE C 44 33.68 -6.60 43.65
CA PHE C 44 34.71 -6.91 44.63
C PHE C 44 35.88 -7.56 43.90
N ARG C 45 37.00 -6.84 43.83
CA ARG C 45 38.08 -7.22 42.93
C ARG C 45 39.39 -7.16 43.69
N LYS C 46 40.35 -7.96 43.24
CA LYS C 46 41.67 -7.98 43.87
C LYS C 46 42.58 -6.89 43.35
N SER C 47 42.50 -6.57 42.06
CA SER C 47 43.30 -5.49 41.50
C SER C 47 42.62 -5.00 40.22
N TYR C 48 42.57 -3.68 40.05
CA TYR C 48 41.94 -3.05 38.90
C TYR C 48 42.90 -2.78 37.76
N ASP C 49 44.14 -3.27 37.85
CA ASP C 49 45.15 -2.95 36.83
C ASP C 49 44.72 -3.44 35.46
N LEU C 50 44.11 -4.63 35.38
CA LEU C 50 43.65 -5.18 34.12
C LEU C 50 42.19 -4.84 33.82
N ASP C 51 41.70 -3.70 34.31
CA ASP C 51 40.35 -3.29 33.99
C ASP C 51 40.24 -2.94 32.50
N VAL C 52 39.00 -2.68 32.06
CA VAL C 52 38.68 -2.28 30.70
C VAL C 52 38.90 -3.45 29.74
N ASP C 53 40.11 -4.00 29.73
CA ASP C 53 40.47 -5.07 28.81
C ASP C 53 40.19 -6.47 29.37
N TYR C 54 39.64 -6.56 30.58
CA TYR C 54 39.41 -7.89 31.16
C TYR C 54 38.24 -8.61 30.52
N GLN C 55 37.26 -7.86 29.99
CA GLN C 55 36.10 -8.49 29.37
C GLN C 55 36.48 -9.27 28.11
N TYR C 56 37.35 -8.69 27.29
CA TYR C 56 37.77 -9.38 26.06
C TYR C 56 38.55 -10.65 26.38
N ILE C 57 39.45 -10.58 27.36
CA ILE C 57 40.21 -11.77 27.77
C ILE C 57 39.27 -12.80 28.36
N GLU C 58 38.25 -12.35 29.11
CA GLU C 58 37.26 -13.28 29.65
C GLU C 58 36.52 -13.98 28.52
N ARG C 59 36.13 -13.26 27.48
CA ARG C 59 35.46 -13.90 26.35
C ARG C 59 36.38 -14.90 25.66
N LYS C 60 37.65 -14.54 25.48
CA LYS C 60 38.59 -15.45 24.83
C LYS C 60 38.77 -16.73 25.63
N ILE C 61 38.89 -16.62 26.96
CA ILE C 61 39.02 -17.82 27.77
C ILE C 61 37.72 -18.60 27.82
N GLU C 62 36.57 -17.92 27.75
CA GLU C 62 35.29 -18.60 27.56
C GLU C 62 35.34 -19.49 26.33
N GLU C 63 35.75 -18.91 25.20
CA GLU C 63 35.78 -19.66 23.95
C GLU C 63 36.76 -20.82 24.02
N ARG C 64 37.93 -20.60 24.60
CA ARG C 64 38.92 -21.67 24.66
C ARG C 64 38.48 -22.80 25.58
N LEU C 65 37.89 -22.47 26.73
CA LEU C 65 37.37 -23.51 27.62
C LEU C 65 36.26 -24.29 26.95
N SER C 66 35.40 -23.58 26.22
CA SER C 66 34.32 -24.29 25.47
C SER C 66 34.97 -25.25 24.48
N VAL C 67 36.02 -24.79 23.79
CA VAL C 67 36.68 -25.64 22.80
C VAL C 67 37.25 -26.89 23.47
N LEU C 68 37.91 -26.71 24.61
CA LEU C 68 38.38 -27.87 25.37
C LEU C 68 37.22 -28.73 25.84
N LYS C 69 36.10 -28.11 26.20
CA LYS C 69 34.89 -28.87 26.46
C LYS C 69 34.41 -29.54 25.18
N THR C 70 33.71 -30.67 25.35
CA THR C 70 33.18 -31.50 24.27
C THR C 70 34.29 -32.26 23.54
N GLU C 71 35.54 -32.01 23.90
CA GLU C 71 36.63 -32.78 23.33
C GLU C 71 36.66 -34.20 23.89
N LYS C 72 36.45 -34.34 25.20
CA LYS C 72 36.40 -35.64 25.84
C LYS C 72 35.12 -35.79 26.65
N LEU C 73 34.52 -34.66 27.02
CA LEU C 73 33.31 -34.68 27.82
C LEU C 73 32.16 -35.31 27.05
N SER C 74 31.36 -36.11 27.74
CA SER C 74 30.24 -36.81 27.12
C SER C 74 28.98 -35.94 27.16
N VAL C 75 27.91 -36.43 26.55
CA VAL C 75 26.68 -35.64 26.47
C VAL C 75 26.01 -35.52 27.83
N ALA C 76 26.04 -36.59 28.63
CA ALA C 76 25.37 -36.58 29.93
C ALA C 76 25.99 -35.51 30.84
N ASP C 77 27.32 -35.49 30.92
CA ASP C 77 27.97 -34.45 31.71
C ASP C 77 27.76 -33.08 31.08
N LEU C 78 27.69 -33.01 29.75
CA LEU C 78 27.44 -31.74 29.08
C LEU C 78 26.07 -31.17 29.45
N VAL C 79 25.10 -32.03 29.74
CA VAL C 79 23.73 -31.55 29.92
C VAL C 79 23.40 -31.40 31.41
N THR C 80 24.03 -32.20 32.28
CA THR C 80 23.62 -32.15 33.68
C THR C 80 24.77 -32.17 34.68
N LYS C 81 26.03 -32.03 34.26
CA LYS C 81 27.16 -32.06 35.17
C LYS C 81 28.02 -30.82 34.98
N ALA C 82 28.40 -30.19 36.09
CA ALA C 82 29.28 -29.04 36.01
C ALA C 82 30.68 -29.48 35.57
N THR C 83 31.44 -28.51 35.06
CA THR C 83 32.81 -28.80 34.61
C THR C 83 33.69 -29.24 35.76
N THR C 84 33.52 -28.63 36.94
CA THR C 84 34.30 -29.00 38.10
C THR C 84 33.95 -30.39 38.62
N GLY C 85 32.80 -30.93 38.24
CA GLY C 85 32.39 -32.26 38.66
C GLY C 85 31.23 -32.32 39.63
N GLU C 86 30.56 -31.20 39.90
CA GLU C 86 29.42 -31.18 40.81
C GLU C 86 28.12 -31.29 40.04
N ASP C 87 27.16 -31.99 40.64
CA ASP C 87 25.85 -32.17 40.01
C ASP C 87 25.09 -30.85 39.97
N ALA C 88 24.30 -30.68 38.91
CA ALA C 88 23.53 -29.44 38.76
C ALA C 88 22.51 -29.28 39.87
N ALA C 89 21.81 -30.36 40.23
CA ALA C 89 20.82 -30.28 41.31
C ALA C 89 21.49 -30.03 42.66
N ALA C 90 22.69 -30.58 42.87
CA ALA C 90 23.42 -30.28 44.09
C ALA C 90 23.76 -28.79 44.18
N VAL C 91 24.20 -28.21 43.06
CA VAL C 91 24.47 -26.78 43.02
C VAL C 91 23.20 -25.99 43.32
N GLU C 92 22.10 -26.36 42.66
CA GLU C 92 20.79 -25.80 42.93
C GLU C 92 20.51 -25.75 44.43
N ALA C 93 20.47 -26.92 45.06
CA ALA C 93 20.06 -27.01 46.46
C ALA C 93 21.03 -26.26 47.37
N ALA C 94 22.33 -26.41 47.13
CA ALA C 94 23.32 -25.75 47.99
C ALA C 94 23.16 -24.24 47.94
N TRP C 95 23.05 -23.67 46.74
CA TRP C 95 23.00 -22.22 46.65
C TRP C 95 21.67 -21.66 47.11
N ILE C 96 20.56 -22.37 46.86
CA ILE C 96 19.28 -21.89 47.41
C ILE C 96 19.29 -21.94 48.93
N ALA C 97 19.84 -23.01 49.50
CA ALA C 97 19.94 -23.10 50.96
C ALA C 97 20.82 -21.99 51.52
N LYS C 98 21.94 -21.69 50.85
CA LYS C 98 22.80 -20.62 51.30
C LYS C 98 22.10 -19.27 51.24
N MET C 99 21.35 -19.02 50.16
CA MET C 99 20.61 -17.76 50.05
C MET C 99 19.53 -17.65 51.13
N LYS C 100 18.88 -18.77 51.46
CA LYS C 100 17.83 -18.73 52.47
C LYS C 100 18.39 -18.31 53.83
N ALA C 101 19.61 -18.75 54.15
CA ALA C 101 20.22 -18.44 55.43
C ALA C 101 20.95 -17.10 55.46
N ALA C 102 21.01 -16.40 54.33
CA ALA C 102 21.71 -15.11 54.25
C ALA C 102 20.74 -14.00 54.64
N GLU C 103 20.76 -13.63 55.92
CA GLU C 103 19.86 -12.58 56.40
C GLU C 103 20.32 -11.19 55.99
N SER C 104 21.63 -10.96 55.90
CA SER C 104 22.15 -9.63 55.60
C SER C 104 22.17 -9.40 54.10
N LYS C 105 21.76 -8.19 53.70
CA LYS C 105 21.76 -7.86 52.27
C LYS C 105 23.18 -7.78 51.72
N TYR C 106 24.13 -7.28 52.52
CA TYR C 106 25.52 -7.28 52.09
C TYR C 106 26.05 -8.70 51.97
N ALA C 107 25.74 -9.56 52.94
CA ALA C 107 26.13 -10.96 52.82
C ALA C 107 25.45 -11.61 51.62
N ALA C 108 24.18 -11.27 51.37
CA ALA C 108 23.46 -11.83 50.24
C ALA C 108 24.12 -11.45 48.92
N GLU C 109 24.45 -10.17 48.76
CA GLU C 109 25.10 -9.74 47.52
C GLU C 109 26.48 -10.36 47.38
N ARG C 110 27.22 -10.46 48.49
CA ARG C 110 28.54 -11.10 48.45
C ARG C 110 28.43 -12.54 47.98
N ILE C 111 27.49 -13.30 48.55
CA ILE C 111 27.40 -14.72 48.21
C ILE C 111 26.86 -14.90 46.79
N HIS C 112 25.93 -14.03 46.37
CA HIS C 112 25.45 -14.10 44.99
C HIS C 112 26.57 -13.84 44.01
N ILE C 113 27.36 -12.80 44.25
CA ILE C 113 28.46 -12.47 43.34
C ILE C 113 29.49 -13.58 43.31
N GLU C 114 29.83 -14.14 44.48
CA GLU C 114 30.85 -15.19 44.48
C GLU C 114 30.33 -16.49 43.87
N PHE C 115 29.03 -16.76 43.99
CA PHE C 115 28.44 -17.87 43.26
C PHE C 115 28.55 -17.67 41.76
N ARG C 116 28.29 -16.44 41.30
CA ARG C 116 28.48 -16.15 39.89
C ARG C 116 29.93 -16.31 39.47
N GLN C 117 30.86 -15.96 40.36
CA GLN C 117 32.27 -16.19 40.09
C GLN C 117 32.57 -17.68 39.94
N LEU C 118 32.00 -18.50 40.82
CA LEU C 118 32.36 -19.92 40.87
C LEU C 118 31.73 -20.70 39.73
N TYR C 119 30.41 -20.62 39.57
CA TYR C 119 29.67 -21.46 38.63
C TYR C 119 28.87 -20.58 37.67
N LYS C 120 29.49 -20.26 36.54
CA LYS C 120 28.83 -19.64 35.41
C LYS C 120 29.42 -20.25 34.14
N PRO C 121 28.70 -20.20 33.02
CA PRO C 121 29.09 -21.01 31.87
C PRO C 121 30.48 -20.64 31.40
N PRO C 122 31.22 -21.61 30.84
CA PRO C 122 30.73 -22.97 30.62
C PRO C 122 31.01 -23.91 31.80
N VAL C 123 31.34 -23.33 32.96
CA VAL C 123 31.57 -24.16 34.15
C VAL C 123 30.29 -24.91 34.52
N LEU C 124 29.15 -24.23 34.49
CA LEU C 124 27.85 -24.80 34.78
C LEU C 124 27.02 -24.93 33.50
N PRO C 125 26.14 -25.93 33.41
CA PRO C 125 25.21 -25.98 32.29
C PRO C 125 24.33 -24.73 32.26
N VAL C 126 24.00 -24.30 31.03
CA VAL C 126 23.37 -23.00 30.85
C VAL C 126 22.00 -22.95 31.53
N ASN C 127 21.17 -23.95 31.30
CA ASN C 127 19.79 -23.90 31.77
C ASN C 127 19.72 -23.86 33.30
N VAL C 128 20.46 -24.75 33.96
CA VAL C 128 20.47 -24.77 35.41
C VAL C 128 21.08 -23.48 35.95
N PHE C 129 22.08 -22.93 35.24
CA PHE C 129 22.69 -21.67 35.68
C PHE C 129 21.69 -20.53 35.64
N LEU C 130 20.90 -20.43 34.56
CA LEU C 130 19.88 -19.40 34.49
C LEU C 130 18.79 -19.61 35.53
N ARG C 131 18.43 -20.86 35.82
CA ARG C 131 17.43 -21.09 36.87
C ARG C 131 17.97 -20.65 38.23
N THR C 132 19.23 -20.96 38.53
CA THR C 132 19.85 -20.47 39.76
C THR C 132 19.85 -18.95 39.79
N ASP C 133 20.18 -18.31 38.66
CA ASP C 133 20.21 -16.86 38.62
C ASP C 133 18.83 -16.28 38.89
N ALA C 134 17.80 -16.87 38.31
CA ALA C 134 16.44 -16.39 38.54
C ALA C 134 16.03 -16.52 39.99
N ALA C 135 16.30 -17.68 40.61
CA ALA C 135 15.95 -17.86 42.01
C ALA C 135 16.71 -16.90 42.91
N LEU C 136 18.02 -16.76 42.67
CA LEU C 136 18.83 -15.86 43.47
C LEU C 136 18.40 -14.41 43.29
N GLY C 137 18.05 -14.02 42.07
CA GLY C 137 17.59 -12.67 41.82
C GLY C 137 16.26 -12.39 42.51
N THR C 138 15.35 -13.36 42.51
CA THR C 138 14.09 -13.19 43.22
C THR C 138 14.34 -13.01 44.71
N ILE C 139 15.19 -13.87 45.29
CA ILE C 139 15.48 -13.77 46.72
C ILE C 139 16.13 -12.43 47.04
N LEU C 140 17.09 -12.02 46.21
CA LEU C 140 17.82 -10.78 46.47
C LEU C 140 16.95 -9.55 46.26
N MET C 141 15.99 -9.61 45.34
CA MET C 141 15.05 -8.51 45.17
C MET C 141 14.09 -8.41 46.34
N GLU C 142 13.58 -9.53 46.84
CA GLU C 142 12.70 -9.44 48.00
C GLU C 142 13.47 -9.02 49.24
N LEU C 143 14.79 -9.31 49.27
CA LEU C 143 15.59 -9.08 50.47
C LEU C 143 16.30 -7.73 50.48
N ARG C 144 16.53 -7.13 49.30
CA ARG C 144 17.33 -5.87 49.25
C ARG C 144 16.48 -4.68 48.81
N ASN C 145 15.49 -4.87 47.94
CA ASN C 145 14.75 -3.69 47.44
C ASN C 145 14.02 -3.03 48.62
N THR C 146 13.81 -3.75 49.71
CA THR C 146 12.99 -3.22 50.84
C THR C 146 13.63 -2.03 51.56
N ASP C 147 12.82 -1.01 51.91
CA ASP C 147 13.29 0.14 52.74
C ASP C 147 14.48 0.88 52.13
N TYR C 148 14.55 1.01 50.81
CA TYR C 148 15.74 1.67 50.22
C TYR C 148 15.80 3.13 50.69
N TYR C 149 14.66 3.83 50.67
CA TYR C 149 14.59 5.28 51.03
C TYR C 149 14.91 5.62 52.50
N ALA C 150 14.52 4.73 53.44
CA ALA C 150 14.65 5.02 54.88
C ALA C 150 16.09 5.22 55.36
N THR C 151 16.99 4.27 55.13
CA THR C 151 18.38 4.37 55.66
C THR C 151 19.05 5.67 55.18
N PRO C 152 19.74 6.43 56.05
CA PRO C 152 20.38 7.70 55.66
C PRO C 152 21.53 7.48 54.67
N LEU C 153 21.71 8.42 53.73
CA LEU C 153 22.84 8.31 52.79
C LEU C 153 24.10 7.99 53.60
N GLU C 154 24.37 8.76 54.65
CA GLU C 154 25.61 8.50 55.37
C GLU C 154 25.60 7.11 55.99
N GLY C 155 24.41 6.59 56.31
CA GLY C 155 24.31 5.21 56.74
C GLY C 155 24.80 4.23 55.68
N LEU C 156 24.37 4.44 54.43
CA LEU C 156 24.87 3.62 53.33
C LEU C 156 26.38 3.81 53.17
N ARG C 157 26.86 5.05 53.28
CA ARG C 157 28.28 5.30 53.11
C ARG C 157 29.10 4.53 54.15
N LYS C 158 28.65 4.52 55.40
CA LYS C 158 29.39 3.82 56.44
C LYS C 158 29.24 2.31 56.33
N GLU C 159 28.03 1.82 56.01
CA GLU C 159 27.81 0.38 55.93
C GLU C 159 28.58 -0.23 54.77
N ARG C 160 28.63 0.46 53.62
CA ARG C 160 29.38 -0.05 52.48
C ARG C 160 30.88 -0.10 52.76
N GLY C 161 31.36 0.68 53.72
CA GLY C 161 32.78 0.75 53.98
C GLY C 161 33.55 1.69 53.08
N VAL C 162 32.86 2.45 52.24
CA VAL C 162 33.51 3.35 51.30
C VAL C 162 34.04 4.57 52.03
N LYS C 163 35.21 5.04 51.62
CA LYS C 163 35.81 6.25 52.17
C LYS C 163 35.70 7.37 51.14
N VAL C 164 35.16 8.50 51.58
CA VAL C 164 34.94 9.65 50.71
C VAL C 164 36.18 10.53 50.71
N LEU C 165 36.50 11.10 49.54
CA LEU C 165 37.68 11.95 49.38
C LEU C 165 37.32 13.42 49.26
N HIS C 166 36.45 13.77 48.31
CA HIS C 166 36.05 15.16 48.10
C HIS C 166 34.54 15.25 48.06
N LEU C 167 33.99 16.21 48.81
CA LEU C 167 32.56 16.49 48.80
C LEU C 167 32.38 18.01 48.89
N GLN C 168 31.36 18.50 48.21
CA GLN C 168 31.09 19.94 48.18
C GLN C 168 29.61 20.23 48.00
N VAL D 16 11.08 -36.76 -6.91
CA VAL D 16 10.28 -35.54 -7.02
C VAL D 16 11.05 -34.36 -6.42
N ASN D 17 11.21 -33.31 -7.21
CA ASN D 17 11.94 -32.14 -6.77
C ASN D 17 11.15 -31.40 -5.69
N ARG D 18 11.88 -30.76 -4.78
CA ARG D 18 11.27 -29.97 -3.70
C ARG D 18 11.92 -28.60 -3.55
N ALA D 19 12.72 -28.17 -4.52
CA ALA D 19 13.33 -26.85 -4.43
C ALA D 19 12.25 -25.77 -4.55
N PRO D 20 12.39 -24.66 -3.83
CA PRO D 20 11.40 -23.57 -3.95
C PRO D 20 11.39 -22.96 -5.34
N VAL D 21 10.29 -23.14 -6.06
CA VAL D 21 10.16 -22.67 -7.43
C VAL D 21 9.04 -21.66 -7.49
N GLY D 22 9.35 -20.46 -8.00
CA GLY D 22 8.35 -19.44 -8.18
C GLY D 22 8.07 -19.17 -9.65
N VAL D 23 6.81 -19.32 -10.06
CA VAL D 23 6.45 -19.15 -11.45
C VAL D 23 6.51 -17.68 -11.84
N GLU D 24 6.77 -17.42 -13.12
CA GLU D 24 6.87 -16.08 -13.65
C GLU D 24 5.80 -15.85 -14.70
N PRO D 25 5.37 -14.58 -14.90
CA PRO D 25 4.32 -14.31 -15.90
C PRO D 25 4.74 -14.55 -17.34
N GLN D 26 6.02 -14.80 -17.60
CA GLN D 26 6.50 -14.95 -18.98
C GLN D 26 5.85 -16.15 -19.66
N GLU D 27 5.79 -17.28 -18.96
CA GLU D 27 5.18 -18.48 -19.54
C GLU D 27 3.68 -18.28 -19.76
N VAL D 28 3.02 -17.62 -18.82
CA VAL D 28 1.59 -17.35 -18.96
C VAL D 28 1.33 -16.50 -20.18
N HIS D 29 2.14 -15.45 -20.38
CA HIS D 29 1.98 -14.62 -21.56
C HIS D 29 2.30 -15.39 -22.83
N LYS D 30 3.28 -16.29 -22.77
CA LYS D 30 3.62 -17.09 -23.94
C LYS D 30 2.46 -17.97 -24.37
N TRP D 31 1.78 -18.59 -23.40
CA TRP D 31 0.61 -19.41 -23.72
C TRP D 31 -0.62 -18.58 -24.05
N LEU D 32 -0.65 -17.31 -23.61
CA LEU D 32 -1.76 -16.43 -23.94
C LEU D 32 -1.98 -16.32 -25.44
N GLN D 33 -0.90 -16.34 -26.23
CA GLN D 33 -1.05 -16.28 -27.68
C GLN D 33 -1.81 -17.49 -28.20
N SER D 34 -1.53 -18.67 -27.66
CA SER D 34 -2.21 -19.90 -28.05
C SER D 34 -3.57 -20.07 -27.38
N PHE D 35 -3.93 -19.19 -26.46
CA PHE D 35 -5.24 -19.26 -25.82
C PHE D 35 -6.39 -19.24 -26.84
N ASN D 36 -6.22 -18.54 -27.95
CA ASN D 36 -7.30 -18.42 -28.93
C ASN D 36 -7.57 -19.76 -29.63
N TRP D 37 -8.82 -19.91 -30.09
CA TRP D 37 -9.22 -21.02 -30.95
C TRP D 37 -10.04 -20.45 -32.11
N ASP D 38 -9.88 -21.06 -33.28
CA ASP D 38 -10.32 -20.48 -34.54
C ASP D 38 -11.59 -21.14 -35.06
N PHE D 39 -12.54 -20.31 -35.50
CA PHE D 39 -13.76 -20.78 -36.13
C PHE D 39 -14.39 -19.64 -36.93
N LYS D 40 -15.37 -20.00 -37.77
CA LYS D 40 -15.83 -19.11 -38.84
C LYS D 40 -16.65 -17.92 -38.32
N GLU D 41 -17.60 -18.13 -37.40
CA GLU D 41 -18.58 -17.10 -37.10
C GLU D 41 -17.98 -15.96 -36.28
N ASN D 42 -16.82 -16.19 -35.67
CA ASN D 42 -16.15 -15.13 -34.93
C ASN D 42 -15.78 -13.99 -35.88
N ARG D 43 -16.18 -12.78 -35.51
CA ARG D 43 -15.94 -11.59 -36.33
C ARG D 43 -15.97 -10.37 -35.41
N THR D 44 -15.40 -9.27 -35.90
CA THR D 44 -15.48 -8.02 -35.16
C THR D 44 -16.92 -7.53 -35.13
N LYS D 45 -17.41 -7.20 -33.94
CA LYS D 45 -18.81 -6.82 -33.79
C LYS D 45 -19.09 -5.49 -34.46
N TYR D 46 -18.15 -4.56 -34.42
CA TYR D 46 -18.34 -3.23 -34.96
C TYR D 46 -17.91 -3.16 -36.41
N ALA D 47 -18.45 -2.18 -37.12
CA ALA D 47 -18.06 -1.96 -38.51
C ALA D 47 -16.59 -1.63 -38.61
N THR D 48 -15.94 -2.19 -39.63
CA THR D 48 -14.53 -1.92 -39.87
C THR D 48 -14.18 -2.33 -41.30
N LYS D 49 -13.15 -1.69 -41.84
CA LYS D 49 -12.59 -2.06 -43.13
C LYS D 49 -11.22 -2.69 -43.03
N TYR D 50 -10.61 -2.67 -41.85
CA TYR D 50 -9.29 -3.26 -41.63
C TYR D 50 -9.42 -4.47 -40.71
N HIS D 51 -8.60 -5.49 -40.98
CA HIS D 51 -8.45 -6.63 -40.10
C HIS D 51 -6.97 -6.83 -39.84
N MET D 52 -6.55 -6.67 -38.58
CA MET D 52 -5.15 -6.83 -38.25
C MET D 52 -4.76 -8.31 -38.31
N ALA D 53 -3.45 -8.55 -38.32
CA ALA D 53 -2.94 -9.91 -38.39
C ALA D 53 -3.41 -10.72 -37.18
N ASN D 54 -3.75 -11.98 -37.44
CA ASN D 54 -4.24 -12.85 -36.36
C ASN D 54 -3.18 -13.03 -35.29
N GLN D 55 -1.91 -13.05 -35.66
CA GLN D 55 -0.81 -13.10 -34.71
C GLN D 55 -0.17 -11.71 -34.60
N THR D 56 0.07 -11.28 -33.37
CA THR D 56 0.63 -9.96 -33.12
C THR D 56 1.36 -9.96 -31.78
N LYS D 57 2.66 -9.73 -31.81
CA LYS D 57 3.44 -9.67 -30.59
C LYS D 57 3.27 -8.31 -29.92
N GLU D 58 3.45 -8.30 -28.59
CA GLU D 58 3.35 -7.08 -27.80
C GLU D 58 4.69 -6.79 -27.15
N GLN D 59 5.03 -5.51 -27.05
CA GLN D 59 6.31 -5.11 -26.46
C GLN D 59 6.38 -5.49 -24.99
N PHE D 60 5.27 -5.35 -24.26
CA PHE D 60 5.24 -5.59 -22.83
C PHE D 60 4.61 -6.96 -22.55
N LYS D 61 5.31 -7.78 -21.77
CA LYS D 61 4.83 -9.11 -21.38
C LYS D 61 4.03 -8.92 -20.10
N VAL D 62 2.75 -8.63 -20.25
CA VAL D 62 1.91 -8.19 -19.13
C VAL D 62 0.77 -9.17 -18.93
N ILE D 63 0.61 -9.62 -17.69
CA ILE D 63 -0.55 -10.40 -17.26
C ILE D 63 -1.36 -9.54 -16.30
N ALA D 64 -2.58 -10.01 -15.99
CA ALA D 64 -3.44 -9.26 -15.09
C ALA D 64 -2.81 -9.11 -13.71
N LYS D 65 -2.14 -10.17 -13.22
CA LYS D 65 -1.56 -10.12 -11.89
C LYS D 65 -0.37 -9.17 -11.82
N GLU D 66 0.54 -9.28 -12.79
CA GLU D 66 1.69 -8.39 -12.83
C GLU D 66 1.25 -6.93 -13.03
N TYR D 67 0.28 -6.72 -13.92
CA TYR D 67 -0.26 -5.38 -14.12
C TYR D 67 -0.86 -4.85 -12.83
N ALA D 68 -1.60 -5.68 -12.12
CA ALA D 68 -2.22 -5.25 -10.87
C ALA D 68 -1.17 -4.86 -9.84
N ARG D 69 -0.12 -5.66 -9.70
CA ARG D 69 0.94 -5.33 -8.75
C ARG D 69 1.62 -4.01 -9.12
N MET D 70 1.96 -3.86 -10.41
CA MET D 70 2.64 -2.65 -10.86
C MET D 70 1.79 -1.42 -10.63
N GLU D 71 0.49 -1.51 -10.94
CA GLU D 71 -0.40 -0.37 -10.75
C GLU D 71 -0.65 -0.09 -9.27
N ALA D 72 -0.82 -1.14 -8.47
CA ALA D 72 -1.15 -0.96 -7.07
C ALA D 72 -0.01 -0.31 -6.31
N ALA D 73 1.24 -0.69 -6.62
CA ALA D 73 2.37 -0.07 -5.93
C ALA D 73 2.38 1.43 -6.11
N LYS D 74 2.33 1.90 -7.35
CA LYS D 74 2.36 3.33 -7.62
C LYS D 74 1.09 4.02 -7.13
N ASP D 75 -0.06 3.34 -7.23
CA ASP D 75 -1.32 3.94 -6.78
C ASP D 75 -1.32 4.27 -5.30
N GLU D 76 -0.95 3.29 -4.48
CA GLU D 76 -0.86 3.57 -3.02
C GLU D 76 0.19 4.66 -2.83
N ARG D 77 1.34 4.50 -3.47
CA ARG D 77 2.42 5.45 -3.26
C ARG D 77 1.86 6.86 -3.41
N GLN D 78 1.17 7.12 -4.52
CA GLN D 78 0.69 8.47 -4.80
C GLN D 78 -0.45 8.87 -3.86
N PHE D 79 -1.36 7.93 -3.53
CA PHE D 79 -2.39 8.27 -2.55
C PHE D 79 -1.80 8.56 -1.18
N GLY D 80 -0.81 7.78 -0.75
CA GLY D 80 -0.17 8.09 0.52
C GLY D 80 0.50 9.45 0.49
N THR D 81 1.20 9.76 -0.59
CA THR D 81 1.83 11.08 -0.71
C THR D 81 0.80 12.19 -0.61
N LEU D 82 -0.27 12.11 -1.39
CA LEU D 82 -1.27 13.17 -1.42
C LEU D 82 -1.99 13.28 -0.07
N LEU D 83 -2.26 12.14 0.58
CA LEU D 83 -3.03 12.15 1.81
C LEU D 83 -2.21 12.53 3.04
N ASP D 84 -0.88 12.40 2.99
CA ASP D 84 -0.07 12.83 4.11
C ASP D 84 0.64 14.16 3.85
N GLY D 85 1.53 14.20 2.85
CA GLY D 85 2.41 15.35 2.71
C GLY D 85 1.68 16.60 2.28
N LEU D 86 0.80 16.47 1.29
CA LEU D 86 0.10 17.64 0.76
C LEU D 86 -0.79 18.28 1.82
N THR D 87 -1.50 17.46 2.61
CA THR D 87 -2.36 18.00 3.64
C THR D 87 -1.58 18.49 4.85
N ARG D 88 -0.39 17.92 5.11
CA ARG D 88 0.42 18.43 6.22
C ARG D 88 1.04 19.77 5.88
N LEU D 89 1.56 19.92 4.66
CA LEU D 89 2.11 21.20 4.22
C LEU D 89 1.03 22.24 3.96
N GLY D 90 -0.23 21.83 3.84
CA GLY D 90 -1.28 22.75 3.45
C GLY D 90 -1.11 23.32 2.07
N ALA D 91 -0.55 22.53 1.14
CA ALA D 91 -0.29 23.02 -0.21
C ALA D 91 -1.56 23.18 -1.03
N GLY D 92 -2.69 22.64 -0.58
CA GLY D 92 -3.93 22.84 -1.31
C GLY D 92 -4.34 24.30 -1.36
N ASN D 93 -4.21 25.00 -0.24
CA ASN D 93 -4.55 26.42 -0.20
C ASN D 93 -3.46 27.33 -0.74
N LYS D 94 -2.20 26.87 -0.72
CA LYS D 94 -1.09 27.71 -1.19
C LYS D 94 -0.88 27.54 -2.69
N VAL D 95 -1.91 27.91 -3.44
CA VAL D 95 -1.87 27.90 -4.90
C VAL D 95 -2.45 29.22 -5.40
N HIS D 96 -2.01 29.64 -6.57
CA HIS D 96 -2.56 30.83 -7.18
C HIS D 96 -3.96 30.53 -7.69
N PRO D 97 -4.98 31.32 -7.33
CA PRO D 97 -6.35 30.97 -7.72
C PRO D 97 -6.56 30.83 -9.21
N ARG D 98 -5.85 31.61 -10.02
CA ARG D 98 -5.90 31.45 -11.46
C ARG D 98 -5.55 30.02 -11.85
N TRP D 99 -4.44 29.50 -11.32
CA TRP D 99 -4.06 28.13 -11.59
C TRP D 99 -5.03 27.14 -10.94
N GLY D 100 -5.69 27.54 -9.86
CA GLY D 100 -6.72 26.69 -9.29
C GLY D 100 -7.86 26.46 -10.27
N GLU D 101 -8.36 27.53 -10.88
CA GLU D 101 -9.40 27.39 -11.90
C GLU D 101 -8.87 26.63 -13.11
N THR D 102 -7.62 26.88 -13.49
CA THR D 102 -7.05 26.20 -14.66
C THR D 102 -6.98 24.69 -14.43
N MET D 103 -6.47 24.26 -13.27
CA MET D 103 -6.44 22.84 -12.96
C MET D 103 -7.84 22.28 -12.78
N LYS D 104 -8.78 23.09 -12.30
CA LYS D 104 -10.18 22.67 -12.25
C LYS D 104 -10.67 22.25 -13.63
N VAL D 105 -10.51 23.13 -14.61
CA VAL D 105 -11.01 22.82 -15.95
C VAL D 105 -10.18 21.70 -16.59
N ILE D 106 -8.88 21.66 -16.33
CA ILE D 106 -8.03 20.60 -16.87
C ILE D 106 -8.50 19.24 -16.37
N SER D 107 -8.71 19.10 -15.06
CA SER D 107 -9.17 17.83 -14.52
C SER D 107 -10.55 17.48 -15.05
N ASN D 108 -11.45 18.46 -15.10
CA ASN D 108 -12.80 18.20 -15.60
C ASN D 108 -12.77 17.68 -17.03
N PHE D 109 -11.89 18.22 -17.87
CA PHE D 109 -11.87 17.83 -19.27
C PHE D 109 -11.13 16.51 -19.46
N LEU D 110 -10.02 16.31 -18.74
CA LEU D 110 -9.26 15.08 -18.90
C LEU D 110 -9.97 13.86 -18.33
N GLU D 111 -10.82 14.03 -17.31
CA GLU D 111 -11.55 12.86 -16.80
C GLU D 111 -12.46 12.28 -17.87
N VAL D 112 -13.23 13.13 -18.55
CA VAL D 112 -14.10 12.64 -19.61
C VAL D 112 -13.29 12.21 -20.82
N GLY D 113 -12.15 12.87 -21.08
CA GLY D 113 -11.28 12.40 -22.14
C GLY D 113 -10.82 10.97 -21.92
N GLU D 114 -10.39 10.66 -20.70
CA GLU D 114 -9.93 9.31 -20.41
C GLU D 114 -11.09 8.32 -20.31
N TYR D 115 -12.28 8.79 -19.95
CA TYR D 115 -13.44 7.91 -19.97
C TYR D 115 -13.79 7.48 -21.40
N ASN D 116 -13.87 8.43 -22.31
CA ASN D 116 -14.07 8.04 -23.69
C ASN D 116 -12.85 7.30 -24.24
N ALA D 117 -11.69 7.48 -23.62
CA ALA D 117 -10.53 6.65 -23.96
C ALA D 117 -10.76 5.19 -23.60
N ILE D 118 -11.32 4.91 -22.41
CA ILE D 118 -11.58 3.51 -22.08
C ILE D 118 -12.65 2.96 -23.00
N ALA D 119 -13.63 3.79 -23.37
CA ALA D 119 -14.65 3.34 -24.32
C ALA D 119 -14.04 2.95 -25.67
N ALA D 120 -13.19 3.82 -26.21
CA ALA D 120 -12.58 3.54 -27.51
C ALA D 120 -11.62 2.36 -27.44
N SER D 121 -10.86 2.24 -26.34
CA SER D 121 -9.99 1.07 -26.19
C SER D 121 -10.79 -0.22 -26.06
N ALA D 122 -11.97 -0.14 -25.45
CA ALA D 122 -12.87 -1.29 -25.44
C ALA D 122 -13.32 -1.64 -26.85
N MET D 123 -13.58 -0.62 -27.67
CA MET D 123 -13.88 -0.87 -29.08
C MET D 123 -12.71 -1.59 -29.77
N LEU D 124 -11.49 -1.09 -29.54
CA LEU D 124 -10.30 -1.75 -30.10
C LEU D 124 -10.23 -3.21 -29.69
N TRP D 125 -10.39 -3.47 -28.39
CA TRP D 125 -10.32 -4.83 -27.88
C TRP D 125 -11.44 -5.70 -28.45
N ASP D 126 -12.60 -5.11 -28.74
CA ASP D 126 -13.64 -5.85 -29.44
C ASP D 126 -13.23 -6.17 -30.87
N SER D 127 -12.52 -5.25 -31.53
CA SER D 127 -12.08 -5.44 -32.90
C SER D 127 -10.65 -5.97 -32.99
N ALA D 128 -10.21 -6.74 -32.00
CA ALA D 128 -8.86 -7.27 -31.95
C ALA D 128 -8.92 -8.79 -32.11
N THR D 129 -8.14 -9.33 -33.05
CA THR D 129 -8.13 -10.77 -33.27
C THR D 129 -7.08 -11.46 -32.40
N ALA D 130 -5.90 -10.88 -32.28
CA ALA D 130 -4.83 -11.51 -31.51
C ALA D 130 -5.12 -11.47 -30.03
N ALA D 131 -4.91 -12.60 -29.36
CA ALA D 131 -5.11 -12.67 -27.92
C ALA D 131 -4.13 -11.77 -27.18
N GLU D 132 -2.88 -11.74 -27.63
CA GLU D 132 -1.89 -10.85 -27.03
C GLU D 132 -2.28 -9.39 -27.20
N GLN D 133 -2.74 -9.02 -28.39
CA GLN D 133 -3.25 -7.67 -28.61
C GLN D 133 -4.48 -7.41 -27.76
N LYS D 134 -5.34 -8.42 -27.57
CA LYS D 134 -6.51 -8.25 -26.72
C LYS D 134 -6.09 -7.96 -25.27
N ASN D 135 -5.09 -8.67 -24.76
CA ASN D 135 -4.60 -8.42 -23.42
C ASN D 135 -3.99 -7.03 -23.30
N GLY D 136 -3.23 -6.61 -24.32
CA GLY D 136 -2.70 -5.26 -24.31
C GLY D 136 -3.80 -4.21 -24.28
N TYR D 137 -4.86 -4.43 -25.06
CA TYR D 137 -5.98 -3.50 -25.07
C TYR D 137 -6.70 -3.49 -23.72
N LEU D 138 -6.83 -4.65 -23.08
CA LEU D 138 -7.45 -4.70 -21.76
C LEU D 138 -6.61 -3.94 -20.74
N ALA D 139 -5.28 -4.09 -20.80
CA ALA D 139 -4.41 -3.30 -19.94
C ALA D 139 -4.58 -1.82 -20.20
N GLN D 140 -4.71 -1.44 -21.47
CA GLN D 140 -5.00 -0.05 -21.82
C GLN D 140 -6.29 0.42 -21.17
N VAL D 141 -7.33 -0.41 -21.22
CA VAL D 141 -8.64 -0.05 -20.66
C VAL D 141 -8.51 0.20 -19.17
N LEU D 142 -7.88 -0.74 -18.46
CA LEU D 142 -7.74 -0.59 -17.01
C LEU D 142 -6.87 0.61 -16.65
N ASP D 143 -5.80 0.86 -17.41
CA ASP D 143 -4.94 2.00 -17.14
C ASP D 143 -5.70 3.31 -17.32
N GLU D 144 -6.52 3.40 -18.37
CA GLU D 144 -7.25 4.65 -18.57
C GLU D 144 -8.40 4.79 -17.58
N ILE D 145 -8.95 3.67 -17.08
CA ILE D 145 -9.89 3.76 -15.96
C ILE D 145 -9.21 4.34 -14.74
N ARG D 146 -7.98 3.87 -14.47
CA ARG D 146 -7.18 4.47 -13.40
C ARG D 146 -7.01 5.97 -13.65
N HIS D 147 -6.72 6.36 -14.89
CA HIS D 147 -6.54 7.78 -15.21
C HIS D 147 -7.80 8.58 -14.90
N THR D 148 -8.97 8.05 -15.28
CA THR D 148 -10.24 8.71 -14.96
C THR D 148 -10.38 8.91 -13.46
N HIS D 149 -10.12 7.85 -12.69
CA HIS D 149 -10.31 7.96 -11.26
C HIS D 149 -9.29 8.90 -10.62
N GLN D 150 -8.07 8.95 -11.15
CA GLN D 150 -7.07 9.89 -10.62
C GLN D 150 -7.47 11.33 -10.91
N CYS D 151 -7.98 11.60 -12.11
CA CYS D 151 -8.46 12.96 -12.40
C CYS D 151 -9.62 13.34 -11.48
N ALA D 152 -10.56 12.41 -11.29
CA ALA D 152 -11.67 12.67 -10.39
C ALA D 152 -11.17 12.89 -8.96
N PHE D 153 -10.13 12.17 -8.56
CA PHE D 153 -9.58 12.32 -7.21
C PHE D 153 -8.86 13.66 -7.06
N ILE D 154 -8.20 14.13 -8.11
CA ILE D 154 -7.62 15.47 -8.08
C ILE D 154 -8.71 16.50 -7.89
N ASN D 155 -9.82 16.35 -8.62
CA ASN D 155 -10.96 17.25 -8.42
C ASN D 155 -11.49 17.17 -7.00
N HIS D 156 -11.59 15.95 -6.46
CA HIS D 156 -12.08 15.76 -5.10
C HIS D 156 -11.20 16.46 -4.08
N TYR D 157 -9.89 16.30 -4.20
CA TYR D 157 -8.98 16.93 -3.24
C TYR D 157 -9.00 18.44 -3.37
N TYR D 158 -9.09 18.95 -4.60
CA TYR D 158 -9.21 20.40 -4.78
C TYR D 158 -10.50 20.92 -4.15
N SER D 159 -11.60 20.17 -4.30
CA SER D 159 -12.85 20.58 -3.66
C SER D 159 -12.72 20.56 -2.15
N LYS D 160 -12.01 19.57 -1.60
CA LYS D 160 -11.91 19.42 -0.16
C LYS D 160 -10.98 20.44 0.48
N HIS D 161 -9.91 20.84 -0.20
CA HIS D 161 -8.89 21.68 0.42
C HIS D 161 -8.76 23.07 -0.19
N TYR D 162 -8.78 23.17 -1.52
CA TYR D 162 -8.64 24.46 -2.17
C TYR D 162 -9.79 25.39 -1.78
N HIS D 163 -9.51 26.70 -1.78
CA HIS D 163 -10.43 27.68 -1.23
C HIS D 163 -11.61 27.99 -2.14
N ASP D 164 -11.58 27.54 -3.40
CA ASP D 164 -12.72 27.73 -4.28
C ASP D 164 -13.30 26.37 -4.66
N PRO D 165 -14.20 25.84 -3.82
CA PRO D 165 -14.71 24.47 -4.05
C PRO D 165 -15.77 24.39 -5.14
N ALA D 166 -16.47 25.49 -5.39
CA ALA D 166 -17.67 25.46 -6.21
C ALA D 166 -17.41 24.86 -7.58
N GLY D 167 -16.36 25.29 -8.25
CA GLY D 167 -16.09 24.79 -9.60
C GLY D 167 -15.86 23.29 -9.63
N HIS D 168 -15.23 22.75 -8.59
CA HIS D 168 -15.00 21.32 -8.50
C HIS D 168 -16.21 20.56 -7.97
N ASN D 169 -17.01 21.19 -7.12
CA ASN D 169 -18.18 20.52 -6.55
C ASN D 169 -19.19 20.15 -7.64
N ASP D 170 -19.55 21.13 -8.47
CA ASP D 170 -20.50 20.92 -9.56
C ASP D 170 -19.79 20.81 -10.91
N ALA D 171 -18.64 20.15 -10.94
CA ALA D 171 -17.85 20.08 -12.18
C ALA D 171 -18.61 19.37 -13.29
N ARG D 172 -19.24 18.24 -12.98
CA ARG D 172 -19.93 17.48 -14.01
C ARG D 172 -21.26 18.10 -14.40
N ARG D 173 -21.98 18.67 -13.44
CA ARG D 173 -23.32 19.18 -13.72
C ARG D 173 -23.27 20.48 -14.53
N THR D 174 -22.35 21.38 -14.21
CA THR D 174 -22.26 22.67 -14.88
C THR D 174 -21.33 22.65 -16.09
N ARG D 175 -20.77 21.49 -16.43
CA ARG D 175 -19.86 21.41 -17.57
C ARG D 175 -20.58 21.68 -18.89
N ALA D 176 -21.86 21.32 -18.98
CA ALA D 176 -22.57 21.43 -20.26
C ALA D 176 -22.78 22.88 -20.67
N ILE D 177 -22.80 23.80 -19.71
CA ILE D 177 -23.12 25.19 -20.03
C ILE D 177 -22.01 25.83 -20.86
N GLY D 178 -20.75 25.50 -20.57
CA GLY D 178 -19.62 26.11 -21.20
C GLY D 178 -19.53 25.81 -22.69
N PRO D 179 -18.98 26.77 -23.46
CA PRO D 179 -18.85 26.56 -24.91
C PRO D 179 -17.67 25.67 -25.28
N LEU D 180 -16.58 25.76 -24.52
CA LEU D 180 -15.42 24.92 -24.78
C LEU D 180 -15.72 23.44 -24.54
N TRP D 181 -16.77 23.15 -23.77
CA TRP D 181 -17.12 21.77 -23.48
C TRP D 181 -17.50 21.01 -24.75
N LYS D 182 -18.19 21.67 -25.68
CA LYS D 182 -18.53 21.02 -26.94
C LYS D 182 -17.28 20.67 -27.74
N GLY D 183 -16.31 21.58 -27.77
CA GLY D 183 -15.07 21.29 -28.48
C GLY D 183 -14.29 20.14 -27.86
N MET D 184 -14.20 20.13 -26.52
CA MET D 184 -13.50 19.04 -25.86
C MET D 184 -14.24 17.72 -26.06
N LYS D 185 -15.56 17.76 -26.07
CA LYS D 185 -16.35 16.58 -26.42
C LYS D 185 -15.99 16.10 -27.82
N ARG D 186 -15.88 17.02 -28.77
CA ARG D 186 -15.60 16.61 -30.17
C ARG D 186 -14.20 16.03 -30.29
N VAL D 187 -13.24 16.53 -29.50
CA VAL D 187 -11.86 16.08 -29.70
C VAL D 187 -11.57 14.79 -28.93
N PHE D 188 -12.00 14.67 -27.68
CA PHE D 188 -11.72 13.45 -26.93
C PHE D 188 -12.95 12.57 -26.70
N ALA D 189 -14.12 13.16 -26.42
CA ALA D 189 -15.28 12.33 -26.09
C ALA D 189 -15.80 11.62 -27.34
N ASP D 190 -16.23 12.38 -28.34
CA ASP D 190 -16.71 11.80 -29.58
C ASP D 190 -15.62 11.67 -30.64
N GLY D 191 -14.42 12.18 -30.37
CA GLY D 191 -13.33 12.05 -31.33
C GLY D 191 -12.75 10.65 -31.41
N PHE D 192 -12.98 9.84 -30.37
CA PHE D 192 -12.34 8.51 -30.30
C PHE D 192 -13.35 7.38 -30.54
N ILE D 193 -14.60 7.55 -30.09
CA ILE D 193 -15.56 6.46 -30.21
C ILE D 193 -16.35 6.53 -31.52
N SER D 194 -16.50 7.71 -32.10
CA SER D 194 -17.38 7.83 -33.29
C SER D 194 -16.75 7.22 -34.55
N GLY D 195 -15.42 7.26 -34.67
CA GLY D 195 -14.79 6.81 -35.88
C GLY D 195 -14.92 5.30 -36.08
N ASP D 196 -14.27 4.82 -37.13
CA ASP D 196 -14.11 3.39 -37.32
C ASP D 196 -12.96 2.88 -36.46
N ALA D 197 -13.03 1.60 -36.10
CA ALA D 197 -12.23 1.06 -35.00
C ALA D 197 -10.74 1.36 -35.16
N VAL D 198 -10.20 1.08 -36.35
CA VAL D 198 -8.76 1.40 -36.57
C VAL D 198 -8.58 2.91 -36.39
N GLU D 199 -9.35 3.71 -37.12
CA GLU D 199 -9.19 5.18 -37.05
C GLU D 199 -9.26 5.61 -35.58
N CYS D 200 -10.18 5.01 -34.82
CA CYS D 200 -10.36 5.46 -33.42
C CYS D 200 -9.03 5.25 -32.70
N SER D 201 -8.42 4.10 -32.97
CA SER D 201 -7.12 3.79 -32.33
C SER D 201 -6.18 4.97 -32.51
N VAL D 202 -5.90 5.35 -33.76
CA VAL D 202 -4.89 6.43 -33.89
C VAL D 202 -5.41 7.70 -33.20
N ASN D 203 -6.64 8.11 -33.45
CA ASN D 203 -7.08 9.34 -32.74
C ASN D 203 -7.00 9.10 -31.23
N LEU D 204 -7.67 8.06 -30.73
CA LEU D 204 -7.70 7.84 -29.26
C LEU D 204 -6.30 7.57 -28.73
N GLN D 205 -5.44 6.93 -29.53
CA GLN D 205 -4.11 6.55 -28.99
C GLN D 205 -2.96 7.32 -29.65
N LEU D 206 -2.55 6.94 -30.86
CA LEU D 206 -1.36 7.57 -31.47
C LEU D 206 -1.47 9.10 -31.55
N VAL D 207 -2.58 9.63 -32.05
CA VAL D 207 -2.66 11.11 -32.28
C VAL D 207 -2.46 11.82 -30.94
N GLY D 208 -3.06 11.28 -29.88
CA GLY D 208 -2.93 11.89 -28.54
C GLY D 208 -1.62 11.51 -27.89
N GLU D 209 -1.41 10.21 -27.66
CA GLU D 209 -0.18 9.75 -26.96
C GLU D 209 1.06 10.44 -27.51
N ALA D 210 1.17 10.53 -28.85
CA ALA D 210 2.41 11.08 -29.44
C ALA D 210 2.30 12.60 -29.50
N CYS D 211 1.44 13.13 -30.39
CA CYS D 211 1.40 14.61 -30.60
C CYS D 211 0.85 15.40 -29.41
N PHE D 212 0.03 14.81 -28.55
CA PHE D 212 -0.61 15.64 -27.50
C PHE D 212 -0.38 15.14 -26.07
N THR D 213 -0.80 13.92 -25.73
CA THR D 213 -0.72 13.47 -24.31
C THR D 213 0.72 13.42 -23.76
N ASN D 214 1.65 12.81 -24.49
CA ASN D 214 3.06 12.76 -24.03
C ASN D 214 3.50 14.16 -23.58
N PRO D 215 3.49 15.18 -24.46
CA PRO D 215 3.92 16.52 -24.10
C PRO D 215 2.95 17.13 -23.08
N LEU D 216 1.65 17.09 -23.36
CA LEU D 216 0.69 17.76 -22.47
C LEU D 216 1.13 17.51 -21.02
N ILE D 217 1.36 16.24 -20.66
CA ILE D 217 1.67 15.95 -19.23
C ILE D 217 2.88 16.76 -18.73
N VAL D 218 4.07 16.49 -19.29
CA VAL D 218 5.27 17.16 -18.83
C VAL D 218 5.03 18.67 -18.69
N ALA D 219 4.29 19.26 -19.62
CA ALA D 219 4.01 20.69 -19.53
C ALA D 219 3.14 21.01 -18.31
N VAL D 220 2.13 20.20 -18.04
CA VAL D 220 1.28 20.43 -16.88
C VAL D 220 2.08 20.31 -15.60
N THR D 221 2.88 19.26 -15.50
CA THR D 221 3.73 19.12 -14.28
C THR D 221 4.60 20.38 -14.15
N GLU D 222 5.34 20.75 -15.19
CA GLU D 222 6.28 21.86 -15.09
C GLU D 222 5.57 23.14 -14.69
N TRP D 223 4.43 23.44 -15.32
CA TRP D 223 3.72 24.68 -15.04
C TRP D 223 3.10 24.66 -13.66
N ALA D 224 2.60 23.50 -13.20
CA ALA D 224 2.09 23.38 -11.85
C ALA D 224 3.20 23.57 -10.82
N SER D 225 4.38 23.01 -11.09
CA SER D 225 5.52 23.25 -10.22
C SER D 225 5.87 24.74 -10.19
N ALA D 226 5.81 25.40 -11.34
CA ALA D 226 6.08 26.84 -11.37
C ALA D 226 5.07 27.62 -10.55
N ASN D 227 3.78 27.30 -10.68
CA ASN D 227 2.76 28.05 -9.96
C ASN D 227 2.69 27.68 -8.50
N GLY D 228 3.01 26.44 -8.15
CA GLY D 228 3.07 26.06 -6.74
C GLY D 228 1.98 25.14 -6.25
N ASP D 229 1.55 24.20 -7.09
CA ASP D 229 0.65 23.14 -6.67
C ASP D 229 1.33 21.80 -6.90
N GLU D 230 1.52 21.03 -5.84
CA GLU D 230 2.17 19.74 -5.91
C GLU D 230 1.18 18.58 -5.99
N ILE D 231 -0.12 18.87 -6.00
CA ILE D 231 -1.12 17.81 -6.08
C ILE D 231 -1.12 17.17 -7.46
N THR D 232 -1.19 17.99 -8.51
CA THR D 232 -1.28 17.46 -9.86
C THR D 232 -0.04 16.68 -10.31
N PRO D 233 1.20 17.21 -10.17
CA PRO D 233 2.38 16.56 -10.74
C PRO D 233 2.44 15.05 -10.47
N THR D 234 2.27 14.65 -9.22
CA THR D 234 2.42 13.24 -8.86
C THR D 234 1.45 12.38 -9.68
N VAL D 235 0.19 12.78 -9.70
CA VAL D 235 -0.82 12.03 -10.45
C VAL D 235 -0.49 12.01 -11.93
N PHE D 236 -0.05 13.14 -12.48
CA PHE D 236 0.21 13.21 -13.91
C PHE D 236 1.43 12.38 -14.29
N LEU D 237 2.46 12.35 -13.43
CA LEU D 237 3.60 11.47 -13.68
C LEU D 237 3.19 10.00 -13.61
N SER D 238 2.35 9.65 -12.63
CA SER D 238 1.85 8.28 -12.57
C SER D 238 1.07 7.92 -13.83
N VAL D 239 0.32 8.88 -14.37
CA VAL D 239 -0.39 8.65 -15.63
C VAL D 239 0.60 8.45 -16.77
N GLU D 240 1.66 9.25 -16.81
CA GLU D 240 2.66 9.12 -17.87
C GLU D 240 3.33 7.76 -17.84
N THR D 241 3.52 7.20 -16.64
CA THR D 241 4.07 5.85 -16.53
C THR D 241 3.27 4.85 -17.37
N ASP D 242 1.94 4.89 -17.26
CA ASP D 242 1.11 4.02 -18.09
C ASP D 242 1.06 4.49 -19.53
N GLU D 243 1.19 5.80 -19.75
CA GLU D 243 1.16 6.33 -21.11
C GLU D 243 2.32 5.82 -21.94
N LEU D 244 3.46 5.52 -21.31
CA LEU D 244 4.56 4.90 -22.05
C LEU D 244 4.15 3.53 -22.58
N ARG D 245 3.49 2.72 -21.75
CA ARG D 245 2.98 1.43 -22.21
C ARG D 245 1.94 1.63 -23.30
N HIS D 246 1.13 2.68 -23.19
CA HIS D 246 0.17 3.02 -24.24
C HIS D 246 0.88 3.30 -25.55
N MET D 247 1.98 4.04 -25.48
CA MET D 247 2.75 4.29 -26.73
C MET D 247 3.17 2.93 -27.29
N ALA D 248 3.82 2.10 -26.48
CA ALA D 248 4.31 0.83 -27.00
C ALA D 248 3.19 0.02 -27.64
N ASN D 249 2.03 -0.03 -26.98
CA ASN D 249 0.89 -0.76 -27.52
C ASN D 249 0.42 -0.15 -28.84
N GLY D 250 0.42 1.18 -28.90
CA GLY D 250 0.05 1.84 -30.18
C GLY D 250 0.99 1.40 -31.28
N TYR D 251 2.29 1.53 -31.05
CA TYR D 251 3.24 1.16 -32.08
C TYR D 251 3.04 -0.28 -32.52
N GLN D 252 2.83 -1.18 -31.55
CA GLN D 252 2.63 -2.58 -31.90
C GLN D 252 1.35 -2.80 -32.71
N THR D 253 0.27 -2.10 -32.35
CA THR D 253 -0.98 -2.29 -33.07
C THR D 253 -0.94 -1.66 -34.46
N VAL D 254 -0.16 -0.59 -34.64
CA VAL D 254 0.02 -0.06 -35.99
C VAL D 254 0.87 -1.01 -36.81
N VAL D 255 1.88 -1.63 -36.20
CA VAL D 255 2.63 -2.68 -36.88
C VAL D 255 1.70 -3.80 -37.33
N SER D 256 0.78 -4.20 -36.44
CA SER D 256 -0.17 -5.25 -36.78
C SER D 256 -1.10 -4.82 -37.92
N ILE D 257 -1.59 -3.58 -37.89
CA ILE D 257 -2.53 -3.14 -38.91
C ILE D 257 -1.86 -2.96 -40.26
N ALA D 258 -0.53 -2.92 -40.30
CA ALA D 258 0.19 -2.83 -41.56
C ALA D 258 0.06 -4.14 -42.34
N ASN D 259 0.64 -4.15 -43.53
CA ASN D 259 0.62 -5.27 -44.47
C ASN D 259 -0.79 -5.60 -44.95
N ASP D 260 -1.76 -4.72 -44.69
CA ASP D 260 -3.13 -4.87 -45.15
C ASP D 260 -3.32 -4.12 -46.46
N PRO D 261 -3.88 -4.75 -47.50
CA PRO D 261 -4.04 -4.03 -48.78
C PRO D 261 -4.88 -2.77 -48.65
N ALA D 262 -5.92 -2.79 -47.82
CA ALA D 262 -6.75 -1.60 -47.65
C ALA D 262 -6.03 -0.53 -46.82
N ALA D 263 -5.03 -0.92 -46.03
CA ALA D 263 -4.35 0.04 -45.16
C ALA D 263 -3.66 1.12 -45.97
N ALA D 264 -3.00 0.75 -47.06
CA ALA D 264 -2.30 1.72 -47.90
C ALA D 264 -3.25 2.68 -48.59
N LYS D 265 -4.55 2.39 -48.61
CA LYS D 265 -5.52 3.23 -49.29
C LYS D 265 -6.20 4.25 -48.39
N TYR D 266 -6.27 3.99 -47.09
CA TYR D 266 -7.04 4.85 -46.19
C TYR D 266 -6.29 5.27 -44.93
N LEU D 267 -5.15 4.65 -44.61
CA LEU D 267 -4.48 4.93 -43.35
C LEU D 267 -3.96 6.37 -43.29
N ASN D 268 -3.36 6.85 -44.39
CA ASN D 268 -2.86 8.22 -44.40
C ASN D 268 -4.00 9.22 -44.28
N THR D 269 -5.11 8.97 -44.98
CA THR D 269 -6.26 9.86 -44.89
C THR D 269 -6.81 9.89 -43.47
N ASP D 270 -6.91 8.73 -42.83
CA ASP D 270 -7.38 8.67 -41.44
C ASP D 270 -6.42 9.40 -40.50
N LEU D 271 -5.12 9.26 -40.75
CA LEU D 271 -4.13 9.94 -39.92
C LEU D 271 -4.27 11.45 -40.03
N ASN D 272 -4.42 11.96 -41.26
CA ASN D 272 -4.60 13.40 -41.43
C ASN D 272 -5.89 13.87 -40.79
N ASN D 273 -6.97 13.12 -40.97
CA ASN D 273 -8.25 13.44 -40.33
C ASN D 273 -8.08 13.55 -38.82
N ALA D 274 -7.51 12.53 -38.19
CA ALA D 274 -7.38 12.51 -36.74
C ALA D 274 -6.49 13.66 -36.26
N PHE D 275 -5.36 13.87 -36.94
CA PHE D 275 -4.43 14.92 -36.51
C PHE D 275 -5.08 16.29 -36.59
N TRP D 276 -5.74 16.59 -37.71
CA TRP D 276 -6.36 17.90 -37.86
C TRP D 276 -7.49 18.09 -36.86
N THR D 277 -8.35 17.07 -36.70
CA THR D 277 -9.48 17.18 -35.80
C THR D 277 -9.02 17.38 -34.35
N GLN D 278 -7.91 16.73 -34.00
CA GLN D 278 -7.42 16.86 -32.61
C GLN D 278 -6.76 18.23 -32.43
N GLN D 279 -5.95 18.68 -33.39
CA GLN D 279 -5.18 19.90 -33.20
C GLN D 279 -6.07 21.15 -33.24
N LYS D 280 -7.08 21.15 -34.11
CA LYS D 280 -7.89 22.34 -34.34
C LYS D 280 -8.46 22.92 -33.06
N TYR D 281 -8.85 22.06 -32.11
CA TYR D 281 -9.30 22.52 -30.80
C TYR D 281 -8.27 22.35 -29.71
N PHE D 282 -7.39 21.36 -29.85
CA PHE D 282 -6.39 21.10 -28.78
C PHE D 282 -5.47 22.30 -28.63
N THR D 283 -4.95 22.83 -29.74
CA THR D 283 -3.97 23.91 -29.65
C THR D 283 -4.54 25.14 -28.96
N PRO D 284 -5.66 25.74 -29.41
CA PRO D 284 -6.16 26.92 -28.71
C PRO D 284 -6.54 26.65 -27.27
N ALA D 285 -7.04 25.45 -26.97
CA ALA D 285 -7.52 25.17 -25.62
C ALA D 285 -6.37 25.24 -24.61
N LEU D 286 -5.32 24.47 -24.88
CA LEU D 286 -4.14 24.52 -23.98
C LEU D 286 -3.59 25.94 -24.00
N GLY D 287 -3.39 26.51 -25.19
CA GLY D 287 -2.79 27.84 -25.26
C GLY D 287 -3.48 28.80 -24.30
N TYR D 288 -4.81 28.80 -24.29
CA TYR D 288 -5.56 29.61 -23.35
C TYR D 288 -5.34 29.16 -21.91
N LEU D 289 -5.39 27.85 -21.67
CA LEU D 289 -5.36 27.35 -20.30
C LEU D 289 -3.97 27.48 -19.68
N PHE D 290 -2.93 27.69 -20.50
CA PHE D 290 -1.57 27.86 -19.99
C PHE D 290 -1.16 29.33 -19.95
N GLU D 291 -1.21 30.02 -21.10
CA GLU D 291 -0.75 31.40 -21.13
C GLU D 291 -1.66 32.32 -20.32
N TYR D 292 -2.97 32.15 -20.47
CA TYR D 292 -3.93 33.05 -19.84
C TYR D 292 -4.43 32.52 -18.50
N GLY D 293 -4.03 31.31 -18.10
CA GLY D 293 -4.47 30.73 -16.85
C GLY D 293 -3.45 30.66 -15.75
N SER D 294 -2.29 31.31 -15.90
CA SER D 294 -1.24 31.23 -14.89
C SER D 294 -0.61 32.60 -14.71
N LYS D 295 -0.07 32.84 -13.51
CA LYS D 295 0.69 34.05 -13.22
C LYS D 295 2.17 33.87 -13.52
N PHE D 296 2.72 32.70 -13.23
CA PHE D 296 4.13 32.41 -13.45
C PHE D 296 4.26 31.51 -14.67
N LYS D 297 4.82 32.05 -15.75
CA LYS D 297 4.98 31.33 -17.00
C LYS D 297 6.45 30.95 -17.18
N VAL D 298 6.69 29.69 -17.54
CA VAL D 298 8.06 29.22 -17.71
C VAL D 298 8.59 29.48 -19.11
N GLU D 299 7.74 29.37 -20.13
CA GLU D 299 8.20 29.41 -21.51
C GLU D 299 7.00 29.62 -22.44
N PRO D 300 7.16 30.42 -23.51
CA PRO D 300 6.01 30.73 -24.36
C PRO D 300 5.38 29.48 -24.96
N TRP D 301 4.05 29.50 -25.07
CA TRP D 301 3.32 28.29 -25.45
C TRP D 301 3.49 27.96 -26.94
N VAL D 302 3.72 28.96 -27.79
CA VAL D 302 3.89 28.68 -29.21
C VAL D 302 5.13 27.82 -29.44
N LYS D 303 6.24 28.15 -28.77
CA LYS D 303 7.48 27.40 -28.96
C LYS D 303 7.34 25.97 -28.48
N THR D 304 6.79 25.77 -27.28
CA THR D 304 6.65 24.42 -26.76
C THR D 304 5.65 23.61 -27.58
N TRP D 305 4.55 24.25 -28.01
CA TRP D 305 3.61 23.53 -28.86
C TRP D 305 4.28 23.06 -30.13
N ASN D 306 4.98 23.98 -30.82
CA ASN D 306 5.66 23.61 -32.06
C ASN D 306 6.64 22.46 -31.81
N ARG D 307 7.47 22.60 -30.78
CA ARG D 307 8.48 21.58 -30.49
C ARG D 307 7.84 20.23 -30.27
N TRP D 308 6.91 20.17 -29.31
CA TRP D 308 6.30 18.86 -28.95
C TRP D 308 5.49 18.25 -30.08
N VAL D 309 4.76 19.07 -30.86
CA VAL D 309 3.90 18.49 -31.88
C VAL D 309 4.69 18.06 -33.10
N TYR D 310 5.79 18.76 -33.42
CA TYR D 310 6.50 18.46 -34.66
C TYR D 310 7.87 17.85 -34.43
N GLU D 311 8.77 18.54 -33.72
CA GLU D 311 10.19 18.19 -33.76
C GLU D 311 10.44 16.80 -33.16
N ASP D 312 9.81 16.49 -32.03
CA ASP D 312 10.03 15.22 -31.37
C ASP D 312 8.87 14.25 -31.55
N TRP D 313 7.99 14.54 -32.50
CA TRP D 313 6.87 13.61 -32.79
C TRP D 313 6.97 13.14 -34.24
N GLY D 314 7.02 14.08 -35.19
CA GLY D 314 7.01 13.72 -36.58
C GLY D 314 8.25 12.96 -37.00
N GLY D 315 9.42 13.42 -36.58
CA GLY D 315 10.65 12.74 -36.94
C GLY D 315 10.65 11.28 -36.54
N ILE D 316 10.44 11.03 -35.25
CA ILE D 316 10.52 9.66 -34.74
C ILE D 316 9.39 8.81 -35.30
N TRP D 317 8.17 9.35 -35.39
CA TRP D 317 7.05 8.52 -35.80
C TRP D 317 7.07 8.23 -37.30
N ILE D 318 7.48 9.21 -38.12
CA ILE D 318 7.65 8.92 -39.54
C ILE D 318 8.83 7.98 -39.75
N GLY D 319 9.89 8.09 -38.94
CA GLY D 319 10.95 7.10 -39.02
C GLY D 319 10.47 5.70 -38.71
N ARG D 320 9.56 5.57 -37.73
CA ARG D 320 9.07 4.25 -37.32
C ARG D 320 7.91 3.76 -38.17
N LEU D 321 7.26 4.61 -38.96
CA LEU D 321 6.06 4.22 -39.68
C LEU D 321 6.21 4.27 -41.19
N GLY D 322 6.98 5.21 -41.73
CA GLY D 322 7.17 5.28 -43.16
C GLY D 322 7.82 4.05 -43.75
N LYS D 323 8.56 3.29 -42.95
CA LYS D 323 9.03 1.99 -43.40
C LYS D 323 7.86 1.06 -43.72
N TYR D 324 6.72 1.28 -43.09
CA TYR D 324 5.52 0.50 -43.33
C TYR D 324 4.56 1.16 -44.31
N GLY D 325 4.93 2.33 -44.85
CA GLY D 325 4.10 3.01 -45.83
C GLY D 325 3.13 4.00 -45.22
N VAL D 326 3.64 4.92 -44.40
CA VAL D 326 2.83 5.95 -43.76
C VAL D 326 3.37 7.31 -44.17
N GLU D 327 2.47 8.18 -44.62
CA GLU D 327 2.84 9.52 -45.07
C GLU D 327 2.47 10.56 -44.01
N SER D 328 3.38 11.48 -43.75
CA SER D 328 3.13 12.53 -42.78
C SER D 328 2.03 13.45 -43.28
N PRO D 329 1.11 13.87 -42.41
CA PRO D 329 0.08 14.84 -42.83
C PRO D 329 0.71 16.16 -43.24
N ARG D 330 0.21 16.72 -44.33
CA ARG D 330 0.69 18.02 -44.80
C ARG D 330 -0.09 19.18 -44.19
N SER D 331 -1.06 18.90 -43.34
CA SER D 331 -1.81 19.97 -42.67
C SER D 331 -0.97 20.70 -41.62
N LEU D 332 0.21 20.17 -41.28
CA LEU D 332 1.02 20.81 -40.25
C LEU D 332 1.49 22.19 -40.68
N ARG D 333 1.73 22.40 -41.98
CA ARG D 333 2.14 23.71 -42.44
C ARG D 333 1.05 24.75 -42.22
N ASP D 334 -0.22 24.36 -42.41
CA ASP D 334 -1.32 25.22 -42.03
C ASP D 334 -1.57 25.17 -40.52
N ALA D 335 -1.25 24.05 -39.88
CA ALA D 335 -1.51 23.91 -38.44
C ALA D 335 -0.68 24.91 -37.64
N LYS D 336 0.60 25.08 -37.99
CA LYS D 336 1.43 26.03 -37.25
C LYS D 336 0.99 27.47 -37.49
N THR D 337 0.60 27.80 -38.72
CA THR D 337 0.10 29.14 -39.01
C THR D 337 -1.17 29.42 -38.22
N ASP D 338 -2.06 28.44 -38.12
CA ASP D 338 -3.22 28.58 -37.24
C ASP D 338 -2.78 28.76 -35.79
N ALA D 339 -1.88 27.89 -35.32
CA ALA D 339 -1.50 27.86 -33.92
C ALA D 339 -0.84 29.14 -33.46
N TYR D 340 -0.21 29.88 -34.38
CA TYR D 340 0.46 31.11 -33.98
C TYR D 340 -0.48 32.13 -33.37
N TRP D 341 -1.79 32.05 -33.65
CA TRP D 341 -2.76 32.96 -33.05
C TRP D 341 -4.05 32.30 -32.62
N ALA D 342 -4.19 30.98 -32.76
CA ALA D 342 -5.45 30.32 -32.41
C ALA D 342 -5.71 30.38 -30.92
N HIS D 343 -4.66 30.24 -30.11
CA HIS D 343 -4.84 30.32 -28.66
C HIS D 343 -5.32 31.71 -28.26
N HIS D 344 -4.78 32.76 -28.88
CA HIS D 344 -5.24 34.11 -28.58
C HIS D 344 -6.67 34.34 -29.07
N ASP D 345 -7.02 33.78 -30.23
CA ASP D 345 -8.40 33.91 -30.71
C ASP D 345 -9.37 33.26 -29.75
N LEU D 346 -9.06 32.04 -29.31
CA LEU D 346 -9.89 31.37 -28.32
C LEU D 346 -9.85 32.12 -26.99
N ALA D 347 -8.75 32.80 -26.69
CA ALA D 347 -8.69 33.63 -25.48
C ALA D 347 -9.69 34.75 -25.52
N LEU D 348 -9.75 35.45 -26.65
CA LEU D 348 -10.75 36.50 -26.81
C LEU D 348 -12.16 35.92 -26.72
N ALA D 349 -12.40 34.79 -27.37
CA ALA D 349 -13.72 34.17 -27.32
C ALA D 349 -14.11 33.78 -25.90
N ALA D 350 -13.17 33.20 -25.14
CA ALA D 350 -13.47 32.76 -23.78
C ALA D 350 -13.66 33.94 -22.84
N TYR D 351 -12.86 34.98 -22.98
CA TYR D 351 -13.08 36.17 -22.17
C TYR D 351 -14.41 36.83 -22.51
N ALA D 352 -14.86 36.71 -23.76
CA ALA D 352 -16.19 37.19 -24.12
C ALA D 352 -17.28 36.34 -23.48
N LEU D 353 -17.13 35.02 -23.52
CA LEU D 353 -18.17 34.09 -23.08
C LEU D 353 -17.91 33.54 -21.68
N TRP D 354 -17.18 34.29 -20.85
CA TRP D 354 -16.94 33.88 -19.47
C TRP D 354 -18.20 33.51 -18.68
N PRO D 355 -19.34 34.21 -18.79
CA PRO D 355 -20.49 33.80 -17.96
C PRO D 355 -20.98 32.38 -18.26
N LEU D 356 -20.78 31.90 -19.48
CA LEU D 356 -21.19 30.54 -19.80
C LEU D 356 -20.29 29.51 -19.13
N GLY D 357 -18.99 29.77 -19.09
CA GLY D 357 -18.06 28.82 -18.50
C GLY D 357 -18.18 28.77 -16.98
N PHE D 358 -17.65 27.69 -16.41
CA PHE D 358 -17.68 27.53 -14.95
C PHE D 358 -16.46 28.15 -14.28
N ALA D 359 -15.29 28.05 -14.92
CA ALA D 359 -14.06 28.51 -14.30
C ALA D 359 -14.06 30.02 -14.14
N ARG D 360 -13.47 30.50 -13.05
CA ARG D 360 -13.24 31.92 -12.85
C ARG D 360 -12.00 32.36 -13.62
N LEU D 361 -12.06 33.53 -14.22
CA LEU D 361 -10.97 34.01 -15.07
C LEU D 361 -10.54 35.40 -14.66
N ALA D 362 -9.27 35.71 -14.94
CA ALA D 362 -8.68 37.02 -14.68
C ALA D 362 -8.06 37.55 -15.98
N LEU D 363 -8.38 38.80 -16.30
CA LEU D 363 -7.80 39.41 -17.49
C LEU D 363 -6.29 39.59 -17.29
N PRO D 364 -5.50 39.45 -18.36
CA PRO D 364 -4.04 39.61 -18.21
C PRO D 364 -3.67 40.98 -17.67
N ASP D 365 -2.66 41.00 -16.80
CA ASP D 365 -2.21 42.23 -16.18
C ASP D 365 -1.12 42.88 -17.03
N GLU D 366 -0.61 44.02 -16.56
CA GLU D 366 0.39 44.76 -17.32
C GLU D 366 1.66 43.95 -17.50
N GLU D 367 2.09 43.23 -16.47
CA GLU D 367 3.23 42.33 -16.63
C GLU D 367 2.89 41.20 -17.60
N ASP D 368 1.66 40.67 -17.53
CA ASP D 368 1.24 39.66 -18.49
C ASP D 368 1.19 40.23 -19.90
N GLN D 369 0.71 41.47 -20.05
CA GLN D 369 0.64 42.09 -21.36
C GLN D 369 2.03 42.28 -21.96
N GLU D 370 2.99 42.76 -21.16
CA GLU D 370 4.33 42.95 -21.68
C GLU D 370 5.01 41.62 -21.96
N TRP D 371 4.73 40.59 -21.15
CA TRP D 371 5.25 39.26 -21.44
C TRP D 371 4.73 38.75 -22.77
N PHE D 372 3.43 38.91 -23.02
CA PHE D 372 2.84 38.49 -24.28
C PHE D 372 3.45 39.25 -25.45
N GLU D 373 3.60 40.57 -25.31
CA GLU D 373 4.16 41.35 -26.41
C GLU D 373 5.61 40.98 -26.68
N ALA D 374 6.40 40.76 -25.62
CA ALA D 374 7.79 40.36 -25.81
C ALA D 374 7.88 39.01 -26.50
N ASN D 375 7.02 38.06 -26.10
CA ASN D 375 7.10 36.72 -26.68
C ASN D 375 6.32 36.63 -27.99
N TYR D 376 5.19 37.32 -28.08
CA TYR D 376 4.38 37.33 -29.30
C TYR D 376 4.38 38.73 -29.89
N PRO D 377 5.16 38.99 -30.94
CA PRO D 377 5.12 40.31 -31.58
C PRO D 377 3.74 40.62 -32.12
N GLY D 378 3.32 41.87 -31.97
CA GLY D 378 2.00 42.27 -32.43
C GLY D 378 0.84 41.82 -31.57
N TRP D 379 1.12 41.28 -30.37
CA TRP D 379 0.03 40.89 -29.49
C TRP D 379 -0.68 42.11 -28.90
N ALA D 380 0.09 43.17 -28.61
CA ALA D 380 -0.46 44.36 -27.96
C ALA D 380 -1.54 45.00 -28.81
N ASP D 381 -1.16 45.47 -30.00
CA ASP D 381 -2.09 46.26 -30.81
C ASP D 381 -3.33 45.48 -31.21
N HIS D 382 -3.32 44.16 -31.09
CA HIS D 382 -4.49 43.37 -31.43
C HIS D 382 -5.36 43.07 -30.20
N TYR D 383 -4.76 42.58 -29.13
CA TYR D 383 -5.53 42.08 -27.98
C TYR D 383 -5.42 42.96 -26.73
N GLY D 384 -4.28 43.62 -26.51
CA GLY D 384 -4.06 44.31 -25.27
C GLY D 384 -5.02 45.46 -25.05
N LYS D 385 -5.26 46.27 -26.08
CA LYS D 385 -6.27 47.31 -25.93
C LYS D 385 -7.65 46.69 -25.71
N ILE D 386 -8.02 45.72 -26.55
CA ILE D 386 -9.35 45.11 -26.38
C ILE D 386 -9.57 44.72 -24.92
N TYR D 387 -8.56 44.10 -24.30
CA TYR D 387 -8.64 43.83 -22.87
C TYR D 387 -8.69 45.12 -22.04
N ASN D 388 -8.01 46.18 -22.48
CA ASN D 388 -7.98 47.42 -21.70
C ASN D 388 -9.34 48.11 -21.68
N GLU D 389 -9.96 48.30 -22.85
CA GLU D 389 -11.33 48.83 -22.85
C GLU D 389 -12.32 47.87 -22.23
N TRP D 390 -12.07 46.57 -22.25
CA TRP D 390 -12.92 45.68 -21.46
C TRP D 390 -12.79 45.96 -19.97
N LYS D 391 -11.55 46.15 -19.49
CA LYS D 391 -11.32 46.43 -18.08
C LYS D 391 -11.94 47.76 -17.66
N LYS D 392 -11.78 48.80 -18.48
CA LYS D 392 -12.25 50.12 -18.11
C LYS D 392 -13.77 50.28 -18.25
N LEU D 393 -14.44 49.31 -18.89
CA LEU D 393 -15.89 49.33 -19.01
C LEU D 393 -16.56 48.49 -17.93
N GLY D 394 -15.95 48.41 -16.75
CA GLY D 394 -16.54 47.66 -15.65
C GLY D 394 -16.63 46.16 -15.89
N TYR D 395 -15.58 45.56 -16.42
CA TYR D 395 -15.55 44.11 -16.60
C TYR D 395 -15.72 43.40 -15.27
N GLU D 396 -14.91 43.76 -14.28
CA GLU D 396 -14.96 43.10 -12.98
C GLU D 396 -16.16 43.58 -12.15
N ASP D 397 -16.50 44.86 -12.28
CA ASP D 397 -17.49 45.45 -11.39
C ASP D 397 -18.87 44.84 -11.63
N PRO D 398 -19.50 44.25 -10.61
CA PRO D 398 -20.88 43.77 -10.80
C PRO D 398 -21.88 44.89 -11.01
N LYS D 399 -21.63 46.08 -10.45
CA LYS D 399 -22.56 47.19 -10.61
C LYS D 399 -22.53 47.78 -12.01
N SER D 400 -21.47 47.51 -12.78
CA SER D 400 -21.39 48.03 -14.13
C SER D 400 -22.45 47.41 -15.04
N GLY D 401 -22.72 46.12 -14.87
CA GLY D 401 -23.67 45.43 -15.73
C GLY D 401 -23.21 45.34 -17.16
N PHE D 402 -21.93 45.06 -17.38
CA PHE D 402 -21.34 45.01 -18.71
C PHE D 402 -21.10 43.57 -19.11
N ILE D 403 -21.52 43.23 -20.32
CA ILE D 403 -21.35 41.89 -20.88
C ILE D 403 -20.43 42.01 -22.10
N PRO D 404 -19.31 41.29 -22.14
CA PRO D 404 -18.42 41.38 -23.31
C PRO D 404 -19.07 40.97 -24.61
N TYR D 405 -20.01 40.02 -24.57
CA TYR D 405 -20.72 39.62 -25.78
C TYR D 405 -21.58 40.77 -26.30
N ALA D 406 -22.20 41.52 -25.41
CA ALA D 406 -22.98 42.68 -25.83
C ALA D 406 -22.09 43.73 -26.50
N TRP D 407 -20.90 43.96 -25.94
CA TRP D 407 -19.97 44.88 -26.57
C TRP D 407 -19.52 44.38 -27.94
N LEU D 408 -19.28 43.07 -28.05
CA LEU D 408 -18.88 42.50 -29.34
C LEU D 408 -19.98 42.67 -30.37
N LEU D 409 -21.24 42.43 -29.97
CA LEU D 409 -22.35 42.64 -30.88
C LEU D 409 -22.48 44.11 -31.29
N ALA D 410 -22.31 45.02 -30.33
CA ALA D 410 -22.38 46.44 -30.63
C ALA D 410 -21.25 46.90 -31.53
N ASN D 411 -20.09 46.23 -31.46
CA ASN D 411 -18.93 46.61 -32.25
C ASN D 411 -18.86 45.89 -33.58
N GLY D 412 -19.84 45.06 -33.91
CA GLY D 412 -19.88 44.37 -35.18
C GLY D 412 -19.03 43.12 -35.26
N HIS D 413 -18.38 42.71 -34.18
CA HIS D 413 -17.60 41.48 -34.14
C HIS D 413 -18.43 40.40 -33.46
N ASP D 414 -18.86 39.42 -34.24
CA ASP D 414 -19.81 38.41 -33.77
C ASP D 414 -19.20 37.03 -33.96
N VAL D 415 -19.32 36.19 -32.93
CA VAL D 415 -18.62 34.91 -32.88
C VAL D 415 -19.50 33.81 -33.45
N TYR D 416 -18.90 32.95 -34.28
CA TYR D 416 -19.58 31.81 -34.88
C TYR D 416 -18.75 30.56 -34.60
N ILE D 417 -19.37 29.53 -34.05
CA ILE D 417 -18.64 28.30 -33.76
C ILE D 417 -18.70 27.39 -34.98
N ASP D 418 -17.65 26.61 -35.17
CA ASP D 418 -17.61 25.67 -36.28
C ASP D 418 -18.64 24.55 -36.08
N ARG D 419 -19.13 24.03 -37.21
CA ARG D 419 -20.05 22.89 -37.14
C ARG D 419 -19.30 21.59 -36.87
N VAL D 420 -18.07 21.47 -37.36
CA VAL D 420 -17.33 20.22 -37.22
C VAL D 420 -16.61 20.15 -35.88
N SER D 421 -15.85 21.19 -35.55
CA SER D 421 -15.03 21.19 -34.33
C SER D 421 -15.69 21.91 -33.16
N GLN D 422 -16.73 22.71 -33.41
CA GLN D 422 -17.45 23.44 -32.35
C GLN D 422 -16.50 24.29 -31.52
N VAL D 423 -15.55 24.94 -32.19
CA VAL D 423 -14.63 25.88 -31.56
C VAL D 423 -15.18 27.28 -31.76
N PRO D 424 -15.25 28.11 -30.71
CA PRO D 424 -15.62 29.52 -30.93
C PRO D 424 -14.62 30.20 -31.85
N PHE D 425 -15.14 31.03 -32.75
CA PHE D 425 -14.32 31.64 -33.79
C PHE D 425 -14.85 33.04 -34.08
N ILE D 426 -13.97 34.03 -33.98
CA ILE D 426 -14.26 35.41 -34.37
C ILE D 426 -13.57 35.67 -35.71
N PRO D 427 -14.32 36.02 -36.76
CA PRO D 427 -13.66 36.25 -38.06
C PRO D 427 -12.92 37.58 -38.12
N SER D 428 -13.50 38.64 -37.58
CA SER D 428 -12.90 39.97 -37.71
C SER D 428 -11.71 40.14 -36.77
N LEU D 429 -11.71 39.47 -35.63
CA LEU D 429 -10.70 39.70 -34.59
C LEU D 429 -9.68 38.56 -34.48
N ALA D 430 -9.50 37.78 -35.55
CA ALA D 430 -8.54 36.70 -35.57
C ALA D 430 -7.43 37.01 -36.56
N LYS D 431 -6.18 36.88 -36.10
CA LYS D 431 -5.03 37.02 -36.97
C LYS D 431 -4.56 35.70 -37.58
N GLY D 432 -5.02 34.56 -37.06
CA GLY D 432 -4.64 33.29 -37.61
C GLY D 432 -5.35 32.98 -38.91
N SER D 433 -4.87 31.92 -39.57
CA SER D 433 -5.47 31.51 -40.83
C SER D 433 -6.82 30.87 -40.59
N GLY D 434 -7.56 30.66 -41.67
CA GLY D 434 -8.92 30.18 -41.60
C GLY D 434 -9.92 31.30 -41.83
N SER D 435 -11.08 30.93 -42.38
CA SER D 435 -12.08 31.93 -42.76
C SER D 435 -13.47 31.41 -42.43
N LEU D 436 -14.41 32.35 -42.33
CA LEU D 436 -15.81 32.01 -42.09
C LEU D 436 -16.47 31.50 -43.36
N ARG D 437 -17.26 30.44 -43.20
CA ARG D 437 -18.06 29.91 -44.30
C ARG D 437 -19.45 29.56 -43.78
N VAL D 438 -20.47 30.05 -44.47
CA VAL D 438 -21.87 29.84 -44.08
C VAL D 438 -22.54 29.05 -45.19
N HIS D 439 -23.21 27.96 -44.82
CA HIS D 439 -23.80 27.04 -45.78
C HIS D 439 -25.27 26.80 -45.46
N GLU D 440 -26.07 26.65 -46.51
CA GLU D 440 -27.51 26.45 -46.39
C GLU D 440 -27.85 25.05 -46.88
N PHE D 441 -28.54 24.28 -46.03
CA PHE D 441 -28.84 22.88 -46.37
C PHE D 441 -30.19 22.52 -45.75
N ASN D 442 -31.20 22.36 -46.61
CA ASN D 442 -32.55 21.95 -46.20
C ASN D 442 -33.13 22.87 -45.11
N GLY D 443 -32.95 24.18 -45.29
CA GLY D 443 -33.58 25.14 -44.41
C GLY D 443 -32.80 25.48 -43.16
N LYS D 444 -31.65 24.85 -42.94
CA LYS D 444 -30.82 25.10 -41.76
C LYS D 444 -29.47 25.64 -42.21
N LYS D 445 -29.05 26.76 -41.60
CA LYS D 445 -27.75 27.33 -41.89
C LYS D 445 -26.67 26.65 -41.06
N HIS D 446 -25.48 26.57 -41.64
CA HIS D 446 -24.35 25.91 -41.01
C HIS D 446 -23.13 26.81 -41.10
N SER D 447 -22.32 26.81 -40.04
CA SER D 447 -21.13 27.65 -39.95
C SER D 447 -19.90 26.77 -40.02
N LEU D 448 -19.03 27.05 -40.99
CA LEU D 448 -17.78 26.34 -41.17
C LEU D 448 -16.62 27.33 -41.08
N THR D 449 -15.58 26.96 -40.34
CA THR D 449 -14.46 27.85 -40.09
C THR D 449 -13.17 27.43 -40.78
N ASP D 450 -13.09 26.21 -41.33
CA ASP D 450 -11.87 25.73 -41.94
C ASP D 450 -12.21 24.94 -43.20
N ASP D 451 -11.26 24.95 -44.15
CA ASP D 451 -11.46 24.22 -45.40
C ASP D 451 -11.56 22.72 -45.17
N TRP D 452 -10.68 22.17 -44.31
CA TRP D 452 -10.76 20.75 -43.99
C TRP D 452 -12.08 20.42 -43.30
N GLY D 453 -12.49 21.28 -42.35
CA GLY D 453 -13.78 21.08 -41.71
C GLY D 453 -14.94 21.19 -42.68
N GLU D 454 -14.85 22.14 -43.62
CA GLU D 454 -15.90 22.27 -44.62
C GLU D 454 -16.00 21.01 -45.47
N ARG D 455 -14.85 20.49 -45.91
CA ARG D 455 -14.84 19.25 -46.69
C ARG D 455 -15.44 18.09 -45.89
N MET D 456 -15.04 17.99 -44.62
CA MET D 456 -15.50 16.90 -43.77
C MET D 456 -17.01 16.95 -43.59
N TRP D 457 -17.54 18.15 -43.35
CA TRP D 457 -18.98 18.31 -43.21
C TRP D 457 -19.70 18.05 -44.53
N LEU D 458 -19.11 18.48 -45.65
CA LEU D 458 -19.77 18.34 -46.94
C LEU D 458 -19.89 16.87 -47.33
N SER D 459 -18.81 16.11 -47.19
CA SER D 459 -18.85 14.70 -47.57
C SER D 459 -19.80 13.92 -46.66
N GLU D 460 -19.83 14.24 -45.37
CA GLU D 460 -20.55 13.46 -44.37
C GLU D 460 -21.46 14.40 -43.57
N PRO D 461 -22.56 14.87 -44.18
CA PRO D 461 -23.50 15.70 -43.42
C PRO D 461 -24.10 14.98 -42.23
N GLU D 462 -24.36 13.68 -42.35
CA GLU D 462 -24.94 12.92 -41.25
C GLU D 462 -23.95 12.71 -40.11
N ARG D 463 -22.65 12.89 -40.36
CA ARG D 463 -21.66 12.71 -39.30
C ARG D 463 -21.88 13.70 -38.16
N TYR D 464 -22.03 14.98 -38.48
CA TYR D 464 -22.03 16.05 -37.49
C TYR D 464 -23.42 16.70 -37.47
N GLU D 465 -24.11 16.56 -36.33
CA GLU D 465 -25.40 17.20 -36.11
C GLU D 465 -25.41 17.97 -34.80
N CYS D 466 -24.24 18.35 -34.29
CA CYS D 466 -24.17 19.04 -33.01
C CYS D 466 -24.95 20.34 -33.04
N HIS D 467 -25.73 20.57 -32.00
CA HIS D 467 -26.59 21.75 -31.91
C HIS D 467 -25.77 22.91 -31.36
N ASN D 468 -25.63 23.96 -32.15
CA ASN D 468 -24.99 25.18 -31.66
C ASN D 468 -25.75 25.72 -30.45
N LEU D 469 -24.99 26.14 -29.43
CA LEU D 469 -25.61 26.64 -28.21
C LEU D 469 -26.43 27.90 -28.46
N PHE D 470 -26.17 28.60 -29.57
CA PHE D 470 -26.90 29.84 -29.85
C PHE D 470 -28.38 29.56 -30.09
N GLU D 471 -28.70 28.53 -30.88
CA GLU D 471 -30.11 28.14 -31.01
C GLU D 471 -30.62 27.37 -29.80
N GLN D 472 -29.72 26.77 -29.03
CA GLN D 472 -30.13 26.14 -27.77
C GLN D 472 -30.67 27.17 -26.79
N TYR D 473 -30.02 28.33 -26.72
CA TYR D 473 -30.40 29.39 -25.80
C TYR D 473 -31.17 30.51 -26.47
N GLU D 474 -31.63 30.31 -27.71
CA GLU D 474 -32.42 31.33 -28.39
C GLU D 474 -33.71 31.58 -27.64
N GLY D 475 -34.04 32.85 -27.43
CA GLY D 475 -35.21 33.20 -26.65
C GLY D 475 -35.07 33.00 -25.17
N ARG D 476 -33.86 32.66 -24.70
CA ARG D 476 -33.60 32.38 -23.29
C ARG D 476 -32.65 33.44 -22.76
N GLU D 477 -33.07 34.09 -21.67
CA GLU D 477 -32.20 35.10 -21.01
C GLU D 477 -31.00 34.38 -20.42
N LEU D 478 -29.87 35.06 -20.33
CA LEU D 478 -28.65 34.42 -19.87
C LEU D 478 -28.74 34.00 -18.41
N SER D 479 -29.31 34.88 -17.56
CA SER D 479 -29.44 34.53 -16.14
C SER D 479 -30.37 33.35 -15.95
N GLU D 480 -31.45 33.28 -16.73
CA GLU D 480 -32.34 32.13 -16.67
C GLU D 480 -31.62 30.85 -17.09
N VAL D 481 -30.78 30.93 -18.12
CA VAL D 481 -30.00 29.77 -18.55
C VAL D 481 -29.07 29.32 -17.45
N ILE D 482 -28.39 30.27 -16.80
CA ILE D 482 -27.48 29.92 -15.71
C ILE D 482 -28.23 29.28 -14.56
N ALA D 483 -29.38 29.85 -14.20
CA ALA D 483 -30.15 29.31 -13.07
C ALA D 483 -30.67 27.92 -13.36
N GLU D 484 -31.21 27.69 -14.56
CA GLU D 484 -31.74 26.37 -14.89
C GLU D 484 -30.64 25.36 -15.16
N GLY D 485 -29.43 25.81 -15.47
CA GLY D 485 -28.29 24.95 -15.67
C GLY D 485 -27.49 24.66 -14.42
N HIS D 486 -27.99 25.04 -13.25
CA HIS D 486 -27.29 24.87 -11.97
C HIS D 486 -25.96 25.63 -11.95
N GLY D 487 -25.88 26.72 -12.72
CA GLY D 487 -24.70 27.54 -12.74
C GLY D 487 -24.58 28.50 -11.57
N VAL D 488 -25.54 28.48 -10.65
CA VAL D 488 -25.46 29.32 -9.47
C VAL D 488 -24.58 28.64 -8.41
N ARG D 489 -24.06 29.45 -7.50
CA ARG D 489 -23.27 28.94 -6.39
C ARG D 489 -24.17 28.22 -5.38
N SER D 490 -23.55 27.69 -4.33
CA SER D 490 -24.32 26.98 -3.30
C SER D 490 -25.26 27.93 -2.56
N ASP D 491 -24.82 29.18 -2.35
CA ASP D 491 -25.67 30.14 -1.64
C ASP D 491 -26.93 30.45 -2.41
N GLY D 492 -26.87 30.42 -3.74
CA GLY D 492 -28.03 30.68 -4.57
C GLY D 492 -28.12 32.09 -5.12
N LYS D 493 -27.11 32.93 -4.91
CA LYS D 493 -27.15 34.31 -5.35
C LYS D 493 -26.00 34.71 -6.28
N THR D 494 -24.95 33.89 -6.38
CA THR D 494 -23.77 34.24 -7.17
C THR D 494 -23.48 33.13 -8.17
N LEU D 495 -22.68 33.48 -9.18
CA LEU D 495 -22.39 32.58 -10.29
C LEU D 495 -21.15 31.74 -9.99
N ILE D 496 -21.08 30.58 -10.65
CA ILE D 496 -19.92 29.70 -10.50
C ILE D 496 -18.66 30.42 -10.98
N ALA D 497 -18.74 31.08 -12.13
CA ALA D 497 -17.62 31.82 -12.67
C ALA D 497 -17.70 33.29 -12.26
N GLN D 498 -16.54 33.95 -12.28
CA GLN D 498 -16.43 35.35 -11.93
C GLN D 498 -15.52 36.05 -12.93
N PRO D 499 -15.76 37.34 -13.18
CA PRO D 499 -14.85 38.08 -14.07
C PRO D 499 -13.49 38.33 -13.47
N HIS D 500 -13.34 38.18 -12.16
CA HIS D 500 -12.11 38.49 -11.44
C HIS D 500 -11.65 37.28 -10.65
N VAL D 501 -10.34 37.04 -10.65
CA VAL D 501 -9.76 36.00 -9.81
C VAL D 501 -9.82 36.36 -8.34
N ARG D 502 -10.05 37.63 -8.02
CA ARG D 502 -10.13 38.07 -6.64
C ARG D 502 -11.38 37.53 -5.95
N GLY D 503 -11.30 37.40 -4.63
CA GLY D 503 -12.42 36.90 -3.85
C GLY D 503 -13.30 37.99 -3.27
N ASP D 504 -13.44 39.10 -3.98
CA ASP D 504 -14.26 40.21 -3.54
C ASP D 504 -15.09 40.72 -4.71
N ASN D 505 -16.29 41.22 -4.40
CA ASN D 505 -17.22 41.74 -5.41
C ASN D 505 -17.59 40.66 -6.43
N LEU D 506 -17.98 39.49 -5.93
CA LEU D 506 -18.43 38.41 -6.79
C LEU D 506 -19.74 38.79 -7.48
N TRP D 507 -19.82 38.49 -8.77
CA TRP D 507 -21.01 38.83 -9.54
C TRP D 507 -22.21 38.00 -9.10
N THR D 508 -23.38 38.64 -9.14
CA THR D 508 -24.64 38.01 -8.77
C THR D 508 -25.52 37.83 -10.00
N LEU D 509 -26.45 36.89 -9.91
CA LEU D 509 -27.36 36.63 -11.03
C LEU D 509 -28.25 37.82 -11.31
N GLU D 510 -28.55 38.64 -10.29
CA GLU D 510 -29.32 39.86 -10.52
C GLU D 510 -28.54 40.84 -11.38
N ASP D 511 -27.22 40.88 -11.25
CA ASP D 511 -26.41 41.71 -12.14
C ASP D 511 -26.54 41.24 -13.59
N ILE D 512 -26.55 39.92 -13.80
CA ILE D 512 -26.74 39.38 -15.15
C ILE D 512 -28.12 39.76 -15.67
N LYS D 513 -29.14 39.68 -14.80
CA LYS D 513 -30.48 40.09 -15.19
C LYS D 513 -30.52 41.56 -15.60
N ARG D 514 -29.82 42.41 -14.85
CA ARG D 514 -29.72 43.82 -15.21
C ARG D 514 -29.03 44.00 -16.56
N ALA D 515 -27.99 43.21 -16.81
CA ALA D 515 -27.30 43.28 -18.10
C ALA D 515 -28.24 42.89 -19.24
N GLY D 516 -29.04 41.85 -19.06
CA GLY D 516 -30.03 41.47 -20.04
C GLY D 516 -29.50 41.00 -21.38
N CYS D 517 -28.47 40.15 -21.38
CA CYS D 517 -27.96 39.60 -22.62
C CYS D 517 -28.90 38.54 -23.16
N VAL D 518 -29.20 38.62 -24.46
CA VAL D 518 -30.10 37.69 -25.13
C VAL D 518 -29.39 37.13 -26.35
N PHE D 519 -29.45 35.82 -26.52
CA PHE D 519 -28.74 35.17 -27.62
C PHE D 519 -29.47 35.46 -28.93
N PRO D 520 -28.79 36.04 -29.92
CA PRO D 520 -29.45 36.48 -31.17
C PRO D 520 -29.39 35.52 -32.35
N ASN D 521 -28.83 34.31 -32.19
CA ASN D 521 -28.58 33.40 -33.30
C ASN D 521 -27.67 34.07 -34.32
N PRO D 522 -26.38 34.24 -34.02
CA PRO D 522 -25.49 34.92 -34.96
C PRO D 522 -25.41 34.25 -36.33
N LEU D 523 -25.47 32.92 -36.38
CA LEU D 523 -25.44 32.24 -37.67
C LEU D 523 -26.70 32.51 -38.47
N ALA D 524 -27.84 32.65 -37.79
CA ALA D 524 -29.10 32.92 -38.48
C ALA D 524 -29.06 34.25 -39.23
N LYS D 525 -28.30 35.23 -38.71
CA LYS D 525 -28.07 36.54 -39.34
C LYS D 525 -29.31 37.12 -40.02
N THR E 10 13.31 25.62 -13.27
CA THR E 10 13.70 24.52 -12.42
C THR E 10 13.45 24.83 -10.95
N LYS E 11 12.61 25.84 -10.71
CA LYS E 11 12.27 26.27 -9.36
C LYS E 11 10.80 26.01 -9.10
N ARG E 12 10.51 25.41 -7.95
CA ARG E 12 9.14 25.09 -7.59
C ARG E 12 8.45 26.31 -6.96
N GLY E 13 7.15 26.44 -7.22
CA GLY E 13 6.41 27.57 -6.69
C GLY E 13 6.29 27.54 -5.18
N LEU E 14 6.12 26.36 -4.60
CA LEU E 14 5.95 26.27 -3.16
C LEU E 14 7.25 26.51 -2.41
N THR E 15 8.36 25.99 -2.93
CA THR E 15 9.63 26.07 -2.22
C THR E 15 10.26 27.46 -2.32
N ASP E 16 10.12 28.12 -3.46
CA ASP E 16 10.78 29.40 -3.67
C ASP E 16 10.22 30.46 -2.73
N PRO E 17 11.07 31.25 -2.08
CA PRO E 17 10.58 32.21 -1.09
C PRO E 17 9.68 33.30 -1.65
N GLU E 18 10.17 34.05 -2.65
CA GLU E 18 9.39 35.17 -3.17
C GLU E 18 8.16 34.69 -3.92
N ARG E 19 8.27 33.56 -4.62
CA ARG E 19 7.11 33.00 -5.30
C ARG E 19 6.04 32.60 -4.30
N ALA E 20 6.43 31.94 -3.20
CA ALA E 20 5.47 31.59 -2.17
C ALA E 20 4.86 32.82 -1.52
N ALA E 21 5.67 33.87 -1.34
CA ALA E 21 5.14 35.12 -0.78
C ALA E 21 4.09 35.72 -1.69
N ILE E 22 4.35 35.73 -3.00
CA ILE E 22 3.37 36.25 -3.96
C ILE E 22 2.11 35.42 -3.92
N ILE E 23 2.25 34.09 -3.87
CA ILE E 23 1.08 33.22 -3.83
C ILE E 23 0.25 33.48 -2.57
N ALA E 24 0.92 33.61 -1.42
CA ALA E 24 0.23 33.87 -0.17
C ALA E 24 -0.44 35.24 -0.17
N ALA E 25 0.16 36.22 -0.83
CA ALA E 25 -0.48 37.53 -0.96
C ALA E 25 -1.71 37.46 -1.85
N ALA E 26 -1.65 36.64 -2.91
CA ALA E 26 -2.75 36.58 -3.86
C ALA E 26 -3.94 35.78 -3.35
N VAL E 27 -3.70 34.74 -2.55
CA VAL E 27 -4.79 33.84 -2.16
C VAL E 27 -5.77 34.60 -1.26
N PRO E 28 -7.08 34.46 -1.48
CA PRO E 28 -8.05 35.13 -0.60
C PRO E 28 -8.04 34.54 0.79
N ASP E 29 -8.45 35.37 1.76
CA ASP E 29 -8.45 34.95 3.17
C ASP E 29 -9.62 34.03 3.50
N HIS E 30 -10.77 34.23 2.87
CA HIS E 30 -11.99 33.50 3.20
C HIS E 30 -12.34 32.52 2.09
N ALA E 31 -12.89 31.37 2.49
CA ALA E 31 -13.38 30.40 1.51
C ALA E 31 -14.60 30.94 0.80
N LEU E 32 -14.67 30.69 -0.51
CA LEU E 32 -15.75 31.26 -1.31
C LEU E 32 -17.03 30.43 -1.21
N ASP E 33 -16.92 29.11 -1.16
CA ASP E 33 -18.08 28.23 -1.05
C ASP E 33 -18.07 27.52 0.30
N THR E 34 -19.23 27.46 0.94
CA THR E 34 -19.33 26.87 2.26
C THR E 34 -19.06 25.37 2.24
N GLN E 35 -19.63 24.66 1.27
CA GLN E 35 -19.60 23.20 1.28
C GLN E 35 -18.41 22.69 0.48
N ARG E 36 -17.63 21.79 1.10
CA ARG E 36 -16.50 21.15 0.44
C ARG E 36 -16.87 19.82 -0.20
N LYS E 37 -18.12 19.37 -0.06
CA LYS E 37 -18.50 18.04 -0.53
C LYS E 37 -18.39 17.96 -2.05
N TYR E 38 -17.79 16.86 -2.51
CA TYR E 38 -17.59 16.64 -3.94
C TYR E 38 -18.85 16.01 -4.53
N HIS E 39 -19.48 16.72 -5.48
CA HIS E 39 -20.67 16.25 -6.17
C HIS E 39 -21.80 15.94 -5.18
N TYR E 40 -22.18 16.97 -4.43
CA TYR E 40 -23.24 16.81 -3.43
C TYR E 40 -24.58 16.45 -4.07
N PHE E 41 -24.80 16.89 -5.32
CA PHE E 41 -26.08 16.66 -5.98
C PHE E 41 -26.31 15.20 -6.35
N ILE E 42 -25.28 14.36 -6.27
CA ILE E 42 -25.45 12.93 -6.57
C ILE E 42 -26.29 12.29 -5.48
N GLN E 43 -27.35 11.60 -5.87
CA GLN E 43 -28.20 10.91 -4.91
C GLN E 43 -27.48 9.66 -4.41
N PRO E 44 -27.24 9.53 -3.11
CA PRO E 44 -26.52 8.35 -2.61
C PRO E 44 -27.45 7.18 -2.31
N ARG E 45 -27.09 5.99 -2.79
CA ARG E 45 -27.89 4.81 -2.52
C ARG E 45 -27.90 4.49 -1.03
N TRP E 46 -26.75 4.59 -0.37
CA TRP E 46 -26.66 4.33 1.06
C TRP E 46 -26.97 5.61 1.83
N LYS E 47 -26.76 5.58 3.14
CA LYS E 47 -27.09 6.73 3.98
C LYS E 47 -26.22 7.94 3.62
N ARG E 48 -24.93 7.72 3.43
CA ARG E 48 -23.99 8.79 3.12
C ARG E 48 -23.39 8.60 1.74
N LEU E 49 -23.01 9.72 1.11
CA LEU E 49 -22.37 9.67 -0.20
C LEU E 49 -21.06 8.90 -0.11
N SER E 50 -21.01 7.72 -0.71
CA SER E 50 -19.79 6.92 -0.65
C SER E 50 -18.72 7.52 -1.55
N GLU E 51 -17.47 7.28 -1.18
CA GLU E 51 -16.33 7.80 -1.93
C GLU E 51 -16.28 7.21 -3.33
N TYR E 52 -16.63 5.93 -3.45
CA TYR E 52 -16.79 5.30 -4.76
C TYR E 52 -17.87 6.01 -5.57
N GLU E 53 -19.02 6.29 -4.94
CA GLU E 53 -20.04 7.08 -5.60
C GLU E 53 -19.54 8.49 -5.88
N GLN E 54 -18.74 9.03 -4.96
CA GLN E 54 -18.25 10.39 -5.11
C GLN E 54 -17.40 10.55 -6.35
N LEU E 55 -16.63 9.52 -6.71
CA LEU E 55 -15.80 9.61 -7.92
C LEU E 55 -16.52 9.04 -9.15
N SER E 56 -16.88 7.76 -9.11
CA SER E 56 -17.26 7.06 -10.33
C SER E 56 -18.54 7.61 -10.93
N CYS E 57 -19.53 7.92 -10.12
CA CYS E 57 -20.84 8.29 -10.62
C CYS E 57 -20.78 9.58 -11.44
N TYR E 58 -21.63 9.65 -12.45
CA TYR E 58 -21.75 10.80 -13.37
C TYR E 58 -20.48 11.10 -14.15
N ALA E 59 -19.54 10.15 -14.18
CA ALA E 59 -18.35 10.34 -15.02
C ALA E 59 -18.69 10.27 -16.49
N GLN E 60 -19.85 9.74 -16.85
CA GLN E 60 -20.26 9.63 -18.24
C GLN E 60 -21.04 10.87 -18.65
N PRO E 61 -20.61 11.60 -19.68
CA PRO E 61 -21.43 12.70 -20.21
C PRO E 61 -22.55 12.16 -21.07
N ASN E 62 -23.77 12.22 -20.55
CA ASN E 62 -24.95 11.76 -21.29
C ASN E 62 -25.84 12.92 -21.63
N PRO E 63 -26.20 13.10 -22.90
CA PRO E 63 -27.18 14.13 -23.26
C PRO E 63 -28.53 13.87 -22.64
N ASP E 64 -29.40 14.88 -22.73
CA ASP E 64 -30.70 14.78 -22.06
C ASP E 64 -31.58 13.69 -22.66
N TRP E 65 -31.37 13.34 -23.93
CA TRP E 65 -32.16 12.28 -24.54
C TRP E 65 -31.68 10.89 -24.15
N ILE E 66 -30.68 10.79 -23.30
CA ILE E 66 -30.31 9.54 -22.64
C ILE E 66 -30.85 9.61 -21.21
N ALA E 67 -31.42 8.51 -20.74
CA ALA E 67 -32.08 8.50 -19.45
C ALA E 67 -31.14 8.97 -18.35
N GLY E 68 -31.60 9.92 -17.54
CA GLY E 68 -30.77 10.50 -16.50
C GLY E 68 -29.55 11.23 -17.02
N GLY E 69 -29.71 11.99 -18.10
CA GLY E 69 -28.61 12.69 -18.73
C GLY E 69 -28.56 14.15 -18.32
N LEU E 70 -27.43 14.55 -17.75
CA LEU E 70 -27.26 15.95 -17.34
C LEU E 70 -26.97 16.84 -18.54
N ASP E 71 -26.22 16.34 -19.52
CA ASP E 71 -25.82 17.14 -20.66
C ASP E 71 -27.02 17.38 -21.58
N TRP E 72 -26.80 18.26 -22.57
CA TRP E 72 -27.82 18.62 -23.54
C TRP E 72 -27.25 18.54 -24.95
N GLY E 73 -28.13 18.37 -25.91
CA GLY E 73 -27.73 18.40 -27.31
C GLY E 73 -27.33 17.04 -27.84
N ASP E 74 -27.49 16.86 -29.15
CA ASP E 74 -27.13 15.62 -29.78
C ASP E 74 -25.62 15.42 -29.77
N TRP E 75 -25.19 14.19 -30.04
CA TRP E 75 -23.76 13.88 -30.06
C TRP E 75 -23.03 14.75 -31.06
N THR E 76 -21.92 15.34 -30.62
CA THR E 76 -21.16 16.23 -31.49
C THR E 76 -20.48 15.50 -32.65
N GLN E 77 -20.36 14.17 -32.54
CA GLN E 77 -19.81 13.39 -33.68
C GLN E 77 -20.32 11.96 -33.57
N LYS E 78 -21.30 11.59 -34.40
CA LYS E 78 -21.89 10.27 -34.34
C LYS E 78 -21.05 9.28 -35.14
N PHE E 79 -21.45 8.01 -35.10
CA PHE E 79 -20.91 7.02 -36.00
C PHE E 79 -21.17 7.43 -37.45
N HIS E 80 -20.45 6.81 -38.37
CA HIS E 80 -20.73 7.04 -39.78
C HIS E 80 -22.09 6.47 -40.12
N GLY E 81 -22.93 7.30 -40.73
CA GLY E 81 -24.34 7.02 -40.82
C GLY E 81 -25.12 7.73 -39.72
N GLY E 82 -26.39 7.37 -39.62
CA GLY E 82 -27.28 8.03 -38.69
C GLY E 82 -27.22 7.56 -37.26
N ARG E 83 -26.56 6.42 -37.01
CA ARG E 83 -26.55 5.86 -35.67
C ARG E 83 -25.70 6.72 -34.73
N PRO E 84 -26.22 7.10 -33.57
CA PRO E 84 -25.43 7.88 -32.62
C PRO E 84 -24.31 7.05 -32.02
N SER E 85 -23.32 7.76 -31.46
CA SER E 85 -22.21 7.07 -30.83
C SER E 85 -22.66 6.26 -29.62
N TRP E 86 -23.52 6.84 -28.78
CA TRP E 86 -23.92 6.25 -27.52
C TRP E 86 -25.43 6.30 -27.34
N GLY E 87 -26.16 6.03 -28.42
CA GLY E 87 -27.61 6.03 -28.34
C GLY E 87 -28.15 4.86 -27.56
N ASN E 88 -29.41 4.98 -27.15
CA ASN E 88 -30.07 3.94 -26.36
C ASN E 88 -30.59 2.79 -27.21
N GLU E 89 -30.35 2.81 -28.53
CA GLU E 89 -30.77 1.70 -29.37
C GLU E 89 -29.90 0.47 -29.18
N SER E 90 -28.69 0.64 -28.62
CA SER E 90 -27.82 -0.51 -28.40
C SER E 90 -28.43 -1.49 -27.41
N THR E 91 -29.07 -0.99 -26.36
CA THR E 91 -29.72 -1.84 -25.38
C THR E 91 -31.19 -2.05 -25.75
N GLU E 92 -31.72 -3.20 -25.33
CA GLU E 92 -33.13 -3.50 -25.49
C GLU E 92 -33.95 -3.18 -24.25
N LEU E 93 -33.32 -3.19 -23.08
CA LEU E 93 -34.00 -2.82 -21.84
C LEU E 93 -34.00 -1.30 -21.67
N ARG E 94 -35.01 -0.82 -20.95
CA ARG E 94 -35.16 0.64 -20.74
C ARG E 94 -35.32 0.92 -19.25
N THR E 95 -34.69 2.00 -18.77
CA THR E 95 -34.72 2.37 -17.36
C THR E 95 -34.96 3.87 -17.26
N THR E 96 -35.47 4.29 -16.09
CA THR E 96 -35.70 5.71 -15.86
C THR E 96 -34.39 6.49 -15.85
N ASP E 97 -33.36 5.93 -15.23
CA ASP E 97 -32.04 6.55 -15.22
C ASP E 97 -30.98 5.45 -15.22
N TRP E 98 -29.91 5.68 -15.98
CA TRP E 98 -28.85 4.69 -16.10
C TRP E 98 -27.81 4.79 -15.00
N TYR E 99 -27.83 5.86 -14.20
CA TYR E 99 -26.85 6.07 -13.15
C TYR E 99 -27.28 5.53 -11.79
N ARG E 100 -28.45 4.88 -11.72
CA ARG E 100 -28.93 4.37 -10.43
C ARG E 100 -28.11 3.19 -9.93
N HIS E 101 -27.39 2.50 -10.82
CA HIS E 101 -26.63 1.32 -10.41
C HIS E 101 -25.43 1.71 -9.55
N ARG E 102 -25.27 1.04 -8.42
CA ARG E 102 -24.12 1.21 -7.56
C ARG E 102 -23.62 -0.16 -7.13
N ASP E 103 -22.32 -0.39 -7.28
CA ASP E 103 -21.75 -1.69 -6.92
C ASP E 103 -21.88 -1.91 -5.42
N PRO E 104 -22.35 -3.08 -4.98
CA PRO E 104 -22.51 -3.31 -3.53
C PRO E 104 -21.21 -3.25 -2.75
N ALA E 105 -20.07 -3.46 -3.41
CA ALA E 105 -18.77 -3.45 -2.74
C ALA E 105 -18.11 -2.08 -2.75
N ARG E 106 -18.74 -1.07 -3.36
CA ARG E 106 -18.14 0.26 -3.50
C ARG E 106 -16.76 0.16 -4.13
N ARG E 107 -16.66 -0.67 -5.17
CA ARG E 107 -15.39 -1.12 -5.71
C ARG E 107 -15.04 -0.29 -6.94
N TRP E 108 -14.27 0.78 -6.73
CA TRP E 108 -13.68 1.52 -7.83
C TRP E 108 -12.28 0.97 -8.13
N HIS E 109 -11.50 1.68 -8.95
CA HIS E 109 -10.28 1.11 -9.47
C HIS E 109 -9.25 0.82 -8.38
N ALA E 110 -9.09 1.74 -7.43
CA ALA E 110 -8.02 1.57 -6.43
C ALA E 110 -8.22 0.35 -5.55
N PRO E 111 -9.36 0.15 -4.87
CA PRO E 111 -9.51 -1.08 -4.08
C PRO E 111 -9.48 -2.34 -4.91
N TYR E 112 -10.00 -2.30 -6.14
CA TYR E 112 -10.00 -3.47 -7.00
C TYR E 112 -8.57 -3.87 -7.37
N VAL E 113 -7.75 -2.91 -7.79
CA VAL E 113 -6.37 -3.23 -8.14
C VAL E 113 -5.58 -3.62 -6.90
N LYS E 114 -5.90 -3.02 -5.75
CA LYS E 114 -5.21 -3.44 -4.52
C LYS E 114 -5.50 -4.92 -4.31
N ASP E 115 -6.79 -5.29 -4.29
CA ASP E 115 -7.16 -6.68 -4.03
C ASP E 115 -6.60 -7.61 -5.10
N LYS E 116 -6.43 -7.13 -6.33
CA LYS E 116 -5.93 -8.01 -7.37
C LYS E 116 -4.43 -8.25 -7.18
N SER E 117 -3.69 -7.20 -6.81
CA SER E 117 -2.29 -7.36 -6.42
C SER E 117 -2.16 -8.22 -5.18
N GLU E 118 -3.16 -8.15 -4.30
CA GLU E 118 -3.14 -9.09 -3.15
C GLU E 118 -3.17 -10.50 -3.72
N GLU E 119 -4.15 -10.78 -4.59
CA GLU E 119 -4.25 -12.15 -5.08
C GLU E 119 -2.95 -12.60 -5.72
N ALA E 120 -2.34 -11.72 -6.52
CA ALA E 120 -1.07 -12.05 -7.17
C ALA E 120 0.01 -12.39 -6.14
N ARG E 121 0.21 -11.50 -5.16
CA ARG E 121 1.31 -11.69 -4.22
C ARG E 121 1.10 -12.93 -3.36
N TYR E 122 -0.11 -13.09 -2.81
CA TYR E 122 -0.35 -14.27 -1.99
C TYR E 122 -0.26 -15.56 -2.80
N THR E 123 -0.78 -15.54 -4.03
CA THR E 123 -0.68 -16.75 -4.85
C THR E 123 0.77 -17.11 -5.10
N GLN E 124 1.61 -16.12 -5.41
CA GLN E 124 3.02 -16.41 -5.63
C GLN E 124 3.70 -16.95 -4.38
N ARG E 125 3.42 -16.31 -3.24
CA ARG E 125 4.09 -16.76 -1.99
C ARG E 125 3.66 -18.20 -1.71
N PHE E 126 2.36 -18.42 -1.57
CA PHE E 126 1.89 -19.76 -1.24
C PHE E 126 2.34 -20.78 -2.27
N LEU E 127 2.45 -20.38 -3.54
CA LEU E 127 2.88 -21.31 -4.58
C LEU E 127 4.33 -21.72 -4.36
N ALA E 128 5.19 -20.75 -4.02
CA ALA E 128 6.57 -21.07 -3.71
C ALA E 128 6.67 -21.95 -2.48
N ALA E 129 5.85 -21.67 -1.46
CA ALA E 129 5.87 -22.51 -0.26
C ALA E 129 5.44 -23.94 -0.58
N TYR E 130 4.40 -24.10 -1.40
CA TYR E 130 3.95 -25.43 -1.80
C TYR E 130 5.02 -26.15 -2.59
N SER E 131 5.71 -25.45 -3.48
CA SER E 131 6.82 -26.06 -4.21
C SER E 131 7.92 -26.52 -3.26
N SER E 132 8.22 -25.71 -2.24
CA SER E 132 9.23 -26.11 -1.26
C SER E 132 8.82 -27.33 -0.48
N GLU E 133 7.54 -27.41 -0.06
CA GLU E 133 7.08 -28.54 0.73
C GLU E 133 6.96 -29.81 -0.09
N GLY E 134 6.76 -29.71 -1.40
CA GLY E 134 6.63 -30.90 -2.22
C GLY E 134 5.42 -31.74 -1.88
N SER E 135 4.30 -31.10 -1.55
CA SER E 135 3.07 -31.81 -1.24
C SER E 135 2.40 -32.42 -2.46
N ILE E 136 2.88 -32.11 -3.66
CA ILE E 136 2.23 -32.60 -4.88
C ILE E 136 2.34 -34.11 -4.99
N ARG E 137 3.39 -34.71 -4.40
CA ARG E 137 3.64 -36.13 -4.63
C ARG E 137 2.58 -37.03 -4.00
N THR E 138 1.80 -36.52 -3.05
CA THR E 138 0.72 -37.30 -2.46
C THR E 138 -0.57 -37.22 -3.25
N ILE E 139 -0.61 -36.42 -4.32
CA ILE E 139 -1.81 -36.32 -5.14
C ILE E 139 -2.05 -37.66 -5.86
N ASP E 140 -3.31 -37.88 -6.24
CA ASP E 140 -3.63 -39.06 -7.03
C ASP E 140 -2.98 -38.97 -8.40
N ALA E 141 -2.32 -40.05 -8.81
CA ALA E 141 -1.64 -40.05 -10.11
C ALA E 141 -2.63 -39.92 -11.24
N TYR E 142 -3.72 -40.69 -11.19
CA TYR E 142 -4.73 -40.65 -12.24
C TYR E 142 -5.38 -39.28 -12.34
N TRP E 143 -5.73 -38.68 -11.19
CA TRP E 143 -6.41 -37.40 -11.17
C TRP E 143 -5.60 -36.34 -11.89
N ARG E 144 -4.42 -36.00 -11.36
CA ARG E 144 -3.60 -34.96 -11.96
C ARG E 144 -3.06 -35.36 -13.33
N ASP E 145 -2.94 -36.66 -13.61
CA ASP E 145 -2.40 -37.06 -14.90
C ASP E 145 -3.42 -36.88 -16.02
N GLU E 146 -4.67 -37.26 -15.79
CA GLU E 146 -5.69 -37.20 -16.83
C GLU E 146 -6.62 -35.99 -16.69
N ILE E 147 -7.31 -35.88 -15.55
CA ILE E 147 -8.46 -34.97 -15.47
C ILE E 147 -8.00 -33.52 -15.61
N LEU E 148 -7.06 -33.10 -14.76
CA LEU E 148 -6.60 -31.71 -14.82
C LEU E 148 -5.99 -31.40 -16.17
N ASN E 149 -4.96 -32.15 -16.56
CA ASN E 149 -4.25 -31.83 -17.82
C ASN E 149 -5.23 -31.77 -18.99
N LYS E 150 -6.13 -32.75 -19.15
CA LYS E 150 -6.98 -32.75 -20.32
C LYS E 150 -8.11 -31.73 -20.19
N TYR E 151 -8.97 -31.90 -19.19
CA TYR E 151 -10.22 -31.15 -19.14
C TYR E 151 -10.15 -29.86 -18.35
N TYR E 152 -9.24 -29.74 -17.37
CA TYR E 152 -9.15 -28.49 -16.64
C TYR E 152 -8.64 -27.36 -17.52
N GLY E 153 -7.88 -27.69 -18.55
CA GLY E 153 -7.49 -26.71 -19.56
C GLY E 153 -8.58 -26.35 -20.53
N ALA E 154 -9.68 -27.10 -20.55
CA ALA E 154 -10.83 -26.71 -21.38
C ALA E 154 -11.62 -25.59 -20.74
N LEU E 155 -11.77 -25.62 -19.41
CA LEU E 155 -12.43 -24.51 -18.72
C LEU E 155 -11.64 -23.22 -18.86
N LEU E 156 -10.33 -23.33 -19.09
CA LEU E 156 -9.52 -22.18 -19.48
C LEU E 156 -10.13 -21.45 -20.67
N TYR E 157 -10.49 -22.21 -21.71
CA TYR E 157 -11.04 -21.60 -22.91
C TYR E 157 -12.43 -21.01 -22.66
N ASN E 158 -13.22 -21.64 -21.79
CA ASN E 158 -14.52 -21.06 -21.44
C ASN E 158 -14.36 -19.73 -20.74
N GLU E 159 -13.44 -19.65 -19.78
CA GLU E 159 -13.21 -18.38 -19.09
C GLU E 159 -12.69 -17.32 -20.04
N TYR E 160 -11.76 -17.69 -20.92
CA TYR E 160 -11.26 -16.74 -21.92
C TYR E 160 -12.38 -16.29 -22.86
N GLY E 161 -13.28 -17.21 -23.21
CA GLY E 161 -14.40 -16.86 -24.07
C GLY E 161 -15.33 -15.86 -23.43
N LEU E 162 -15.67 -16.07 -22.16
CA LEU E 162 -16.47 -15.07 -21.45
C LEU E 162 -15.74 -13.74 -21.37
N PHE E 163 -14.43 -13.78 -21.10
CA PHE E 163 -13.66 -12.56 -20.98
C PHE E 163 -13.69 -11.75 -22.27
N ASN E 164 -13.37 -12.37 -23.40
CA ASN E 164 -13.34 -11.61 -24.67
C ASN E 164 -14.78 -11.24 -25.04
N ALA E 165 -15.75 -11.96 -24.48
CA ALA E 165 -17.17 -11.68 -24.77
C ALA E 165 -17.55 -10.29 -24.27
N HIS E 166 -17.02 -9.90 -23.11
CA HIS E 166 -17.36 -8.59 -22.50
C HIS E 166 -16.75 -7.44 -23.30
N SER E 167 -16.17 -7.73 -24.46
CA SER E 167 -15.48 -6.65 -25.22
C SER E 167 -16.50 -5.59 -25.61
N SER E 168 -17.70 -6.02 -26.00
CA SER E 168 -18.73 -5.05 -26.47
C SER E 168 -19.31 -4.26 -25.28
N VAL E 169 -19.73 -4.95 -24.22
CA VAL E 169 -20.42 -4.19 -23.14
C VAL E 169 -19.58 -2.97 -22.80
N GLY E 170 -18.26 -3.13 -22.75
CA GLY E 170 -17.39 -2.00 -22.38
C GLY E 170 -17.68 -0.80 -23.26
N ARG E 171 -17.73 -0.99 -24.57
CA ARG E 171 -17.94 0.11 -25.49
C ARG E 171 -19.39 0.56 -25.53
N ASP E 172 -20.34 -0.37 -25.51
CA ASP E 172 -21.75 -0.05 -25.65
C ASP E 172 -22.46 0.14 -24.31
N CYS E 173 -21.73 0.43 -23.24
CA CYS E 173 -22.36 0.66 -21.95
C CYS E 173 -22.97 2.05 -21.91
N LEU E 174 -24.21 2.13 -21.43
CA LEU E 174 -24.93 3.39 -21.34
C LEU E 174 -24.73 4.10 -20.01
N SER E 175 -23.85 3.59 -19.15
CA SER E 175 -23.57 4.20 -17.87
C SER E 175 -22.08 4.05 -17.58
N ASP E 176 -21.69 4.47 -16.37
CA ASP E 176 -20.30 4.48 -15.93
C ASP E 176 -20.00 3.43 -14.85
N THR E 177 -20.81 3.37 -13.79
CA THR E 177 -20.64 2.31 -12.81
C THR E 177 -20.87 0.94 -13.45
N ILE E 178 -21.84 0.84 -14.34
CA ILE E 178 -22.08 -0.41 -15.06
C ILE E 178 -20.85 -0.80 -15.88
N ARG E 179 -20.25 0.17 -16.56
CA ARG E 179 -19.05 -0.13 -17.35
C ARG E 179 -17.90 -0.58 -16.46
N GLN E 180 -17.73 0.07 -15.31
CA GLN E 180 -16.65 -0.34 -14.40
C GLN E 180 -16.89 -1.74 -13.88
N SER E 181 -18.13 -2.07 -13.51
CA SER E 181 -18.43 -3.41 -13.04
C SER E 181 -18.20 -4.45 -14.13
N ALA E 182 -18.60 -4.15 -15.36
CA ALA E 182 -18.40 -5.08 -16.46
C ALA E 182 -16.92 -5.30 -16.74
N THR E 183 -16.12 -4.22 -16.72
CA THR E 183 -14.68 -4.37 -16.94
C THR E 183 -14.04 -5.18 -15.84
N PHE E 184 -14.45 -4.95 -14.58
CA PHE E 184 -13.90 -5.73 -13.48
C PHE E 184 -14.27 -7.20 -13.61
N ALA E 185 -15.51 -7.49 -14.02
CA ALA E 185 -15.92 -8.88 -14.22
C ALA E 185 -15.12 -9.54 -15.34
N GLY E 186 -14.88 -8.81 -16.43
CA GLY E 186 -14.05 -9.35 -17.50
C GLY E 186 -12.63 -9.63 -17.04
N LEU E 187 -12.08 -8.72 -16.23
CA LEU E 187 -10.75 -8.96 -15.67
C LEU E 187 -10.75 -10.19 -14.77
N ASP E 188 -11.82 -10.39 -14.01
CA ASP E 188 -11.93 -11.59 -13.18
C ASP E 188 -11.96 -12.85 -14.06
N LYS E 189 -12.69 -12.81 -15.16
CA LYS E 189 -12.72 -13.99 -16.04
C LYS E 189 -11.34 -14.28 -16.61
N VAL E 190 -10.66 -13.25 -17.13
CA VAL E 190 -9.39 -13.50 -17.77
C VAL E 190 -8.34 -13.95 -16.76
N ASP E 191 -8.32 -13.36 -15.56
CA ASP E 191 -7.31 -13.79 -14.61
C ASP E 191 -7.66 -15.13 -13.97
N ASN E 192 -8.93 -15.54 -13.95
CA ASN E 192 -9.24 -16.93 -13.63
C ASN E 192 -8.63 -17.86 -14.67
N ALA E 193 -8.75 -17.50 -15.95
CA ALA E 193 -8.09 -18.28 -16.99
C ALA E 193 -6.58 -18.33 -16.76
N GLN E 194 -5.98 -17.20 -16.39
CA GLN E 194 -4.55 -17.17 -16.11
C GLN E 194 -4.21 -18.03 -14.91
N MET E 195 -5.06 -18.06 -13.90
CA MET E 195 -4.85 -18.95 -12.75
C MET E 195 -4.85 -20.41 -13.19
N ILE E 196 -5.79 -20.79 -14.05
CA ILE E 196 -5.81 -22.18 -14.53
C ILE E 196 -4.52 -22.51 -15.27
N GLN E 197 -4.11 -21.62 -16.18
CA GLN E 197 -2.91 -21.87 -16.96
C GLN E 197 -1.67 -21.93 -16.06
N MET E 198 -1.59 -21.04 -15.09
CA MET E 198 -0.44 -20.99 -14.19
C MET E 198 -0.39 -22.21 -13.28
N GLU E 199 -1.55 -22.70 -12.84
CA GLU E 199 -1.59 -23.94 -12.07
C GLU E 199 -1.07 -25.11 -12.90
N ARG E 200 -1.50 -25.18 -14.17
CA ARG E 200 -0.99 -26.23 -15.04
C ARG E 200 0.53 -26.11 -15.20
N LEU E 201 1.02 -24.89 -15.37
CA LEU E 201 2.47 -24.69 -15.51
C LEU E 201 3.21 -25.12 -14.25
N PHE E 202 2.69 -24.78 -13.08
CA PHE E 202 3.34 -25.16 -11.83
C PHE E 202 3.37 -26.68 -11.66
N ILE E 203 2.24 -27.34 -11.96
CA ILE E 203 2.20 -28.80 -11.88
C ILE E 203 3.23 -29.40 -12.83
N ALA E 204 3.36 -28.84 -14.03
CA ALA E 204 4.41 -29.30 -14.94
C ALA E 204 5.80 -29.06 -14.36
N LYS E 205 5.98 -27.93 -13.68
CA LYS E 205 7.28 -27.61 -13.10
C LYS E 205 7.68 -28.62 -12.04
N LEU E 206 6.75 -29.03 -11.18
CA LEU E 206 7.12 -29.91 -10.07
C LEU E 206 7.41 -31.33 -10.57
N VAL E 207 6.41 -31.99 -11.15
CA VAL E 207 6.53 -33.38 -11.55
C VAL E 207 7.04 -33.42 -12.99
N PRO E 208 8.12 -34.15 -13.28
CA PRO E 208 8.57 -34.27 -14.66
C PRO E 208 7.59 -35.09 -15.50
N GLY E 209 7.58 -34.79 -16.80
CA GLY E 209 6.74 -35.50 -17.74
C GLY E 209 5.35 -34.93 -17.92
N PHE E 210 4.94 -33.97 -17.11
CA PHE E 210 3.64 -33.35 -17.27
C PHE E 210 3.61 -32.47 -18.50
N ASP E 211 2.45 -32.41 -19.15
CA ASP E 211 2.28 -31.68 -20.39
C ASP E 211 1.72 -30.30 -20.08
N ALA E 212 2.56 -29.27 -20.20
CA ALA E 212 2.14 -27.89 -19.98
C ALA E 212 1.60 -27.22 -21.23
N SER E 213 1.73 -27.85 -22.39
CA SER E 213 1.25 -27.26 -23.63
C SER E 213 -0.27 -27.17 -23.64
N THR E 214 -0.78 -26.19 -24.37
CA THR E 214 -2.21 -25.96 -24.50
C THR E 214 -2.84 -26.74 -25.64
N ASP E 215 -2.06 -27.54 -26.37
CA ASP E 215 -2.60 -28.30 -27.49
C ASP E 215 -3.65 -29.30 -27.02
N VAL E 216 -3.36 -30.04 -25.94
CA VAL E 216 -4.34 -31.00 -25.42
C VAL E 216 -5.60 -30.30 -24.91
N PRO E 217 -5.52 -29.22 -24.12
CA PRO E 217 -6.76 -28.49 -23.78
C PRO E 217 -7.50 -27.97 -24.99
N LYS E 218 -6.77 -27.54 -26.03
CA LYS E 218 -7.45 -27.07 -27.24
C LYS E 218 -8.20 -28.20 -27.92
N LYS E 219 -7.59 -29.39 -28.02
CA LYS E 219 -8.27 -30.53 -28.60
C LYS E 219 -9.49 -30.91 -27.78
N ILE E 220 -9.38 -30.87 -26.45
CA ILE E 220 -10.52 -31.18 -25.60
C ILE E 220 -11.64 -30.17 -25.80
N TRP E 221 -11.27 -28.89 -25.94
CA TRP E 221 -12.29 -27.85 -26.08
C TRP E 221 -12.95 -27.86 -27.44
N THR E 222 -12.24 -28.33 -28.48
CA THR E 222 -12.76 -28.26 -29.85
C THR E 222 -13.37 -29.58 -30.31
N THR E 223 -12.60 -30.67 -30.28
CA THR E 223 -13.03 -31.93 -30.88
C THR E 223 -13.62 -32.92 -29.88
N ASP E 224 -13.75 -32.54 -28.60
CA ASP E 224 -14.27 -33.52 -27.66
C ASP E 224 -15.74 -33.24 -27.39
N PRO E 225 -16.61 -34.26 -27.46
CA PRO E 225 -18.05 -34.03 -27.25
C PRO E 225 -18.40 -33.57 -25.85
N ILE E 226 -17.52 -33.75 -24.87
CA ILE E 226 -17.84 -33.38 -23.49
C ILE E 226 -18.12 -31.89 -23.39
N TYR E 227 -17.27 -31.07 -24.01
CA TYR E 227 -17.37 -29.62 -23.90
C TYR E 227 -18.02 -28.99 -25.13
N ALA E 228 -18.68 -29.79 -25.97
CA ALA E 228 -19.30 -29.24 -27.17
C ALA E 228 -20.40 -28.24 -26.83
N GLY E 229 -21.23 -28.57 -25.84
CA GLY E 229 -22.28 -27.64 -25.45
C GLY E 229 -21.73 -26.34 -24.89
N ALA E 230 -20.70 -26.44 -24.05
CA ALA E 230 -20.09 -25.22 -23.50
C ALA E 230 -19.46 -24.37 -24.60
N ARG E 231 -18.78 -25.02 -25.56
CA ARG E 231 -18.18 -24.28 -26.66
C ARG E 231 -19.25 -23.59 -27.50
N GLY E 232 -20.35 -24.28 -27.79
CA GLY E 232 -21.42 -23.67 -28.54
C GLY E 232 -22.04 -22.49 -27.81
N ALA E 233 -22.26 -22.64 -26.50
CA ALA E 233 -22.82 -21.55 -25.72
C ALA E 233 -21.89 -20.34 -25.71
N VAL E 234 -20.59 -20.57 -25.52
CA VAL E 234 -19.64 -19.45 -25.48
C VAL E 234 -19.57 -18.76 -26.84
N GLU E 235 -19.54 -19.54 -27.92
CA GLU E 235 -19.48 -18.94 -29.25
C GLU E 235 -20.74 -18.16 -29.57
N GLU E 236 -21.91 -18.67 -29.18
CA GLU E 236 -23.14 -17.90 -29.32
C GLU E 236 -23.10 -16.64 -28.46
N ILE E 237 -22.42 -16.69 -27.33
CA ILE E 237 -22.31 -15.50 -26.48
C ILE E 237 -21.45 -14.43 -27.13
N TRP E 238 -20.38 -14.84 -27.83
CA TRP E 238 -19.48 -13.83 -28.41
C TRP E 238 -20.17 -12.89 -29.39
N GLN E 239 -20.66 -13.42 -30.50
CA GLN E 239 -21.18 -12.60 -31.59
C GLN E 239 -22.65 -12.86 -31.87
N GLY E 240 -23.30 -13.73 -31.12
CA GLY E 240 -24.71 -13.98 -31.33
C GLY E 240 -25.58 -12.78 -31.03
N ILE E 241 -25.30 -12.11 -29.92
CA ILE E 241 -26.11 -10.99 -29.44
C ILE E 241 -25.23 -9.77 -29.27
N GLN E 242 -25.66 -8.65 -29.87
CA GLN E 242 -24.94 -7.39 -29.71
C GLN E 242 -25.33 -6.67 -28.43
N ASP E 243 -26.60 -6.81 -28.03
CA ASP E 243 -27.13 -6.11 -26.86
C ASP E 243 -26.28 -6.36 -25.63
N TRP E 244 -25.74 -5.28 -25.06
CA TRP E 244 -24.82 -5.43 -23.94
C TRP E 244 -25.53 -5.90 -22.67
N ASN E 245 -26.78 -5.47 -22.45
CA ASN E 245 -27.53 -6.00 -21.32
C ASN E 245 -27.74 -7.50 -21.45
N GLU E 246 -28.07 -7.95 -22.66
CA GLU E 246 -28.24 -9.39 -22.90
C GLU E 246 -26.92 -10.12 -22.67
N ILE E 247 -25.81 -9.55 -23.14
CA ILE E 247 -24.51 -10.18 -22.92
C ILE E 247 -24.23 -10.32 -21.44
N LEU E 248 -24.46 -9.24 -20.69
CA LEU E 248 -24.19 -9.28 -19.23
C LEU E 248 -25.08 -10.36 -18.60
N TRP E 249 -26.37 -10.37 -18.91
CA TRP E 249 -27.28 -11.31 -18.25
C TRP E 249 -26.90 -12.74 -18.57
N ALA E 250 -26.77 -13.06 -19.87
CA ALA E 250 -26.48 -14.43 -20.26
C ALA E 250 -25.13 -14.89 -19.74
N GLY E 251 -24.10 -14.08 -19.89
CA GLY E 251 -22.78 -14.51 -19.49
C GLY E 251 -22.46 -14.39 -18.01
N HIS E 252 -23.34 -13.78 -17.23
CA HIS E 252 -23.09 -13.66 -15.79
C HIS E 252 -24.10 -14.40 -14.93
N ALA E 253 -25.40 -14.18 -15.14
CA ALA E 253 -26.36 -14.82 -14.24
C ALA E 253 -26.64 -16.25 -14.68
N VAL E 254 -27.34 -16.42 -15.81
CA VAL E 254 -27.96 -17.71 -16.10
C VAL E 254 -26.92 -18.74 -16.54
N TYR E 255 -26.24 -18.49 -17.66
CA TYR E 255 -25.29 -19.49 -18.17
C TYR E 255 -24.14 -19.68 -17.21
N ASP E 256 -23.60 -18.59 -16.68
CA ASP E 256 -22.49 -18.70 -15.75
C ASP E 256 -22.89 -19.47 -14.50
N ALA E 257 -23.82 -18.93 -13.71
CA ALA E 257 -24.18 -19.53 -12.44
C ALA E 257 -24.80 -20.92 -12.61
N THR E 258 -25.23 -21.31 -13.81
CA THR E 258 -25.57 -22.72 -14.00
C THR E 258 -24.32 -23.53 -14.31
N PHE E 259 -23.74 -23.31 -15.50
CA PHE E 259 -22.72 -24.23 -16.00
C PHE E 259 -21.38 -24.03 -15.29
N GLY E 260 -20.84 -22.81 -15.34
CA GLY E 260 -19.54 -22.59 -14.76
C GLY E 260 -19.55 -22.74 -13.26
N GLN E 261 -20.64 -22.29 -12.62
CA GLN E 261 -20.77 -22.48 -11.18
C GLN E 261 -20.82 -23.96 -10.81
N PHE E 262 -21.66 -24.73 -11.50
CA PHE E 262 -21.70 -26.17 -11.22
C PHE E 262 -20.32 -26.78 -11.41
N ALA E 263 -19.68 -26.52 -12.56
CA ALA E 263 -18.38 -27.11 -12.84
C ALA E 263 -17.39 -26.78 -11.72
N ARG E 264 -17.07 -25.49 -11.55
CA ARG E 264 -16.03 -25.09 -10.61
C ARG E 264 -16.37 -25.51 -9.19
N ARG E 265 -17.58 -25.20 -8.72
CA ARG E 265 -17.89 -25.45 -7.31
C ARG E 265 -18.01 -26.94 -7.02
N GLU E 266 -18.77 -27.69 -7.84
CA GLU E 266 -18.98 -29.09 -7.56
C GLU E 266 -17.82 -29.96 -8.04
N PHE E 267 -17.60 -30.03 -9.36
CA PHE E 267 -16.73 -31.08 -9.88
C PHE E 267 -15.27 -30.78 -9.58
N PHE E 268 -14.73 -29.72 -10.17
CA PHE E 268 -13.30 -29.44 -10.08
C PHE E 268 -12.87 -29.04 -8.68
N GLN E 269 -13.80 -28.93 -7.72
CA GLN E 269 -13.45 -28.69 -6.33
C GLN E 269 -13.65 -29.93 -5.47
N ARG E 270 -14.85 -30.51 -5.45
CA ARG E 270 -15.11 -31.68 -4.62
C ARG E 270 -14.31 -32.88 -5.10
N LEU E 271 -14.37 -33.18 -6.41
CA LEU E 271 -13.63 -34.33 -6.91
C LEU E 271 -12.12 -34.12 -6.77
N ALA E 272 -11.67 -32.86 -6.81
CA ALA E 272 -10.27 -32.58 -6.52
C ALA E 272 -9.95 -32.92 -5.07
N THR E 273 -10.80 -32.49 -4.14
CA THR E 273 -10.54 -32.76 -2.72
C THR E 273 -10.54 -34.26 -2.44
N VAL E 274 -11.56 -34.96 -2.88
CA VAL E 274 -11.73 -36.37 -2.53
C VAL E 274 -10.75 -37.25 -3.28
N TYR E 275 -9.91 -36.64 -4.11
CA TYR E 275 -8.86 -37.35 -4.84
C TYR E 275 -7.47 -36.99 -4.32
N GLY E 276 -7.38 -36.38 -3.15
CA GLY E 276 -6.10 -36.03 -2.56
C GLY E 276 -5.45 -34.79 -3.10
N ASP E 277 -6.13 -34.03 -3.95
CA ASP E 277 -5.58 -32.79 -4.48
C ASP E 277 -5.75 -31.67 -3.47
N THR E 278 -4.71 -30.85 -3.34
CA THR E 278 -4.75 -29.67 -2.48
C THR E 278 -4.33 -28.38 -3.16
N LEU E 279 -3.67 -28.46 -4.33
CA LEU E 279 -3.31 -27.24 -5.06
C LEU E 279 -4.52 -26.62 -5.74
N THR E 280 -5.36 -27.45 -6.36
CA THR E 280 -6.54 -26.95 -7.06
C THR E 280 -7.50 -26.15 -6.18
N PRO E 281 -7.81 -26.55 -4.94
CA PRO E 281 -8.76 -25.75 -4.14
C PRO E 281 -8.40 -24.28 -4.01
N PHE E 282 -7.12 -23.93 -4.01
CA PHE E 282 -6.73 -22.52 -3.99
C PHE E 282 -7.31 -21.77 -5.19
N PHE E 283 -7.06 -22.29 -6.39
CA PHE E 283 -7.52 -21.60 -7.60
C PHE E 283 -9.03 -21.65 -7.70
N THR E 284 -9.65 -22.75 -7.28
CA THR E 284 -11.12 -22.81 -7.28
C THR E 284 -11.70 -21.78 -6.33
N ALA E 285 -11.07 -21.58 -5.16
CA ALA E 285 -11.54 -20.57 -4.22
C ALA E 285 -11.37 -19.17 -4.78
N GLN E 286 -10.25 -18.91 -5.46
CA GLN E 286 -10.06 -17.61 -6.09
C GLN E 286 -11.15 -17.33 -7.12
N SER E 287 -11.41 -18.32 -7.99
CA SER E 287 -12.46 -18.16 -8.99
C SER E 287 -13.82 -17.99 -8.34
N GLN E 288 -14.07 -18.72 -7.25
CA GLN E 288 -15.35 -18.62 -6.57
C GLN E 288 -15.56 -17.24 -5.96
N THR E 289 -14.51 -16.68 -5.35
CA THR E 289 -14.61 -15.32 -4.83
C THR E 289 -14.86 -14.31 -5.93
N TYR E 290 -14.15 -14.46 -7.05
CA TYR E 290 -14.35 -13.54 -8.18
C TYR E 290 -15.78 -13.62 -8.68
N PHE E 291 -16.29 -14.84 -8.83
CA PHE E 291 -17.68 -15.03 -9.27
C PHE E 291 -18.66 -14.47 -8.24
N GLN E 292 -18.37 -14.61 -6.96
CA GLN E 292 -19.26 -14.07 -5.94
C GLN E 292 -19.37 -12.56 -6.07
N THR E 293 -18.24 -11.88 -6.22
CA THR E 293 -18.27 -10.43 -6.39
C THR E 293 -19.03 -10.05 -7.66
N THR E 294 -18.73 -10.73 -8.77
CA THR E 294 -19.40 -10.41 -10.03
C THR E 294 -20.91 -10.66 -9.94
N ARG E 295 -21.30 -11.77 -9.33
CA ARG E 295 -22.72 -12.10 -9.19
C ARG E 295 -23.43 -11.08 -8.32
N GLY E 296 -22.80 -10.65 -7.22
CA GLY E 296 -23.40 -9.62 -6.40
C GLY E 296 -23.63 -8.34 -7.17
N ALA E 297 -22.61 -7.90 -7.92
CA ALA E 297 -22.76 -6.67 -8.70
C ALA E 297 -23.87 -6.81 -9.74
N ILE E 298 -23.89 -7.95 -10.45
CA ILE E 298 -24.83 -8.12 -11.55
C ILE E 298 -26.26 -8.22 -11.04
N GLU E 299 -26.47 -8.99 -9.96
CA GLU E 299 -27.80 -9.10 -9.39
C GLU E 299 -28.27 -7.78 -8.81
N ASP E 300 -27.37 -7.01 -8.18
CA ASP E 300 -27.77 -5.67 -7.73
C ASP E 300 -28.23 -4.83 -8.90
N LEU E 301 -27.41 -4.77 -9.97
CA LEU E 301 -27.82 -4.08 -11.19
C LEU E 301 -29.22 -4.47 -11.61
N PHE E 302 -29.42 -5.73 -11.97
CA PHE E 302 -30.67 -6.12 -12.61
C PHE E 302 -31.85 -5.95 -11.67
N VAL E 303 -31.77 -6.48 -10.45
CA VAL E 303 -32.91 -6.45 -9.54
C VAL E 303 -33.25 -5.02 -9.14
N TYR E 304 -32.25 -4.23 -8.74
CA TYR E 304 -32.56 -2.90 -8.23
C TYR E 304 -33.01 -1.96 -9.33
N CYS E 305 -32.30 -1.95 -10.47
CA CYS E 305 -32.61 -0.98 -11.52
C CYS E 305 -33.69 -1.48 -12.47
N LEU E 306 -33.46 -2.62 -13.11
CA LEU E 306 -34.30 -3.02 -14.23
C LEU E 306 -35.50 -3.86 -13.80
N ALA E 307 -35.27 -4.85 -12.93
CA ALA E 307 -36.36 -5.73 -12.52
C ALA E 307 -37.40 -5.01 -11.66
N ASN E 308 -37.04 -3.91 -11.02
CA ASN E 308 -37.96 -3.17 -10.15
C ASN E 308 -38.00 -1.71 -10.55
N ASP E 309 -37.95 -1.43 -11.84
CA ASP E 309 -38.08 -0.05 -12.30
C ASP E 309 -39.51 0.41 -12.11
N PRO E 310 -39.75 1.55 -11.46
CA PRO E 310 -41.13 1.99 -11.19
C PRO E 310 -41.95 2.23 -12.44
N GLU E 311 -41.28 2.60 -13.54
CA GLU E 311 -41.99 2.94 -14.80
C GLU E 311 -41.92 1.78 -15.79
N PHE E 312 -40.72 1.46 -16.29
CA PHE E 312 -40.62 0.40 -17.34
C PHE E 312 -41.14 -0.90 -16.73
N GLY E 313 -40.76 -1.19 -15.48
CA GLY E 313 -41.44 -2.33 -14.84
C GLY E 313 -41.33 -3.63 -15.59
N ALA E 314 -42.47 -4.23 -15.91
CA ALA E 314 -42.53 -5.56 -16.55
C ALA E 314 -41.84 -5.55 -17.91
N HIS E 315 -41.96 -4.44 -18.65
CA HIS E 315 -41.33 -4.38 -19.99
C HIS E 315 -39.91 -4.91 -19.87
N ASN E 316 -39.15 -4.30 -18.97
CA ASN E 316 -37.74 -4.73 -18.79
C ASN E 316 -37.74 -6.21 -18.39
N ARG E 317 -38.67 -6.62 -17.52
CA ARG E 317 -38.68 -8.01 -17.01
C ARG E 317 -39.03 -8.98 -18.14
N THR E 318 -40.13 -8.75 -18.86
CA THR E 318 -40.57 -9.69 -19.90
C THR E 318 -39.33 -10.09 -20.70
N PHE E 319 -38.52 -9.08 -21.03
CA PHE E 319 -37.30 -9.32 -21.79
C PHE E 319 -36.31 -10.21 -21.03
N LEU E 320 -36.15 -9.97 -19.73
CA LEU E 320 -35.30 -10.82 -18.92
C LEU E 320 -35.83 -12.23 -18.85
N ASN E 321 -37.16 -12.39 -18.80
CA ASN E 321 -37.76 -13.71 -18.79
C ASN E 321 -37.44 -14.48 -20.07
N ALA E 322 -37.57 -13.81 -21.21
CA ALA E 322 -37.28 -14.47 -22.49
C ALA E 322 -35.81 -14.86 -22.58
N TRP E 323 -34.91 -13.93 -22.21
CA TRP E 323 -33.49 -14.23 -22.26
C TRP E 323 -33.15 -15.37 -21.31
N THR E 324 -33.73 -15.35 -20.11
CA THR E 324 -33.48 -16.41 -19.13
C THR E 324 -33.94 -17.75 -19.66
N GLU E 325 -35.12 -17.80 -20.29
CA GLU E 325 -35.61 -19.06 -20.84
C GLU E 325 -34.65 -19.60 -21.90
N HIS E 326 -34.30 -18.76 -22.87
CA HIS E 326 -33.44 -19.22 -23.97
C HIS E 326 -32.08 -19.69 -23.47
N TYR E 327 -31.42 -18.84 -22.68
CA TYR E 327 -30.07 -19.18 -22.24
C TYR E 327 -30.06 -20.25 -21.17
N LEU E 328 -31.16 -20.41 -20.42
CA LEU E 328 -31.28 -21.54 -19.51
C LEU E 328 -31.38 -22.85 -20.26
N ALA E 329 -32.14 -22.86 -21.36
CA ALA E 329 -32.16 -24.05 -22.21
C ALA E 329 -30.78 -24.34 -22.77
N ARG E 330 -30.07 -23.30 -23.23
CA ARG E 330 -28.73 -23.48 -23.75
C ARG E 330 -27.78 -24.05 -22.69
N SER E 331 -27.83 -23.50 -21.48
CA SER E 331 -26.96 -23.95 -20.41
C SER E 331 -27.32 -25.36 -19.95
N VAL E 332 -28.61 -25.71 -19.96
CA VAL E 332 -29.01 -27.07 -19.61
C VAL E 332 -28.46 -28.06 -20.62
N THR E 333 -28.54 -27.72 -21.91
CA THR E 333 -27.95 -28.57 -22.93
C THR E 333 -26.44 -28.71 -22.72
N ALA E 334 -25.77 -27.59 -22.42
CA ALA E 334 -24.32 -27.64 -22.19
C ALA E 334 -23.98 -28.52 -21.00
N LEU E 335 -24.74 -28.40 -19.91
CA LEU E 335 -24.49 -29.23 -18.73
C LEU E 335 -24.74 -30.70 -19.02
N LYS E 336 -25.80 -31.00 -19.77
CA LYS E 336 -26.10 -32.38 -20.12
C LYS E 336 -24.99 -32.98 -20.97
N ASP E 337 -24.41 -32.18 -21.87
CA ASP E 337 -23.29 -32.69 -22.66
C ASP E 337 -22.02 -32.79 -21.82
N PHE E 338 -21.86 -31.93 -20.82
CA PHE E 338 -20.64 -31.90 -20.01
C PHE E 338 -20.58 -33.02 -18.99
N VAL E 339 -21.73 -33.45 -18.46
CA VAL E 339 -21.76 -34.36 -17.32
C VAL E 339 -21.06 -35.69 -17.60
N GLY E 340 -20.74 -35.99 -18.86
CA GLY E 340 -20.06 -37.24 -19.19
C GLY E 340 -18.69 -37.38 -18.57
N ILE E 341 -18.08 -36.27 -18.15
CA ILE E 341 -16.79 -36.36 -17.44
C ILE E 341 -16.94 -37.16 -16.16
N TYR E 342 -18.15 -37.17 -15.57
CA TYR E 342 -18.36 -37.94 -14.36
C TYR E 342 -18.21 -39.43 -14.60
N ALA E 343 -18.70 -39.91 -15.76
CA ALA E 343 -18.44 -41.29 -16.14
C ALA E 343 -17.00 -41.47 -16.60
N LYS E 344 -16.38 -40.41 -17.13
CA LYS E 344 -14.98 -40.50 -17.54
C LYS E 344 -14.07 -40.78 -16.34
N VAL E 345 -14.31 -40.11 -15.22
CA VAL E 345 -13.48 -40.30 -14.04
C VAL E 345 -13.88 -41.58 -13.31
N GLU E 346 -12.92 -42.17 -12.60
CA GLU E 346 -13.16 -43.44 -11.93
C GLU E 346 -14.13 -43.25 -10.77
N LYS E 347 -14.92 -44.30 -10.52
CA LYS E 347 -16.06 -44.19 -9.61
C LYS E 347 -15.61 -44.03 -8.17
N VAL E 348 -16.26 -43.09 -7.47
CA VAL E 348 -16.05 -42.86 -6.04
C VAL E 348 -17.40 -42.62 -5.39
N ALA E 349 -17.59 -43.20 -4.21
CA ALA E 349 -18.84 -43.00 -3.48
C ALA E 349 -18.98 -41.53 -3.09
N GLY E 350 -20.22 -41.11 -2.89
CA GLY E 350 -20.48 -39.71 -2.58
C GLY E 350 -20.76 -38.85 -3.80
N ALA E 351 -19.72 -38.16 -4.29
CA ALA E 351 -19.92 -37.20 -5.38
C ALA E 351 -20.25 -37.89 -6.69
N THR E 352 -19.52 -38.95 -7.04
CA THR E 352 -19.55 -39.47 -8.41
C THR E 352 -20.88 -40.15 -8.72
N ASP E 353 -21.44 -40.91 -7.79
CA ASP E 353 -22.63 -41.70 -8.08
C ASP E 353 -23.84 -40.78 -8.33
N ARG E 354 -24.84 -41.35 -9.00
CA ARG E 354 -25.98 -40.59 -9.52
C ARG E 354 -26.70 -39.78 -8.46
N ALA E 355 -26.90 -40.36 -7.27
CA ALA E 355 -27.63 -39.65 -6.22
C ALA E 355 -26.91 -38.37 -5.81
N GLY E 356 -25.60 -38.44 -5.62
CA GLY E 356 -24.84 -37.24 -5.29
C GLY E 356 -24.87 -36.22 -6.41
N VAL E 357 -24.83 -36.67 -7.66
CA VAL E 357 -24.86 -35.76 -8.80
C VAL E 357 -26.20 -35.04 -8.85
N SER E 358 -27.29 -35.78 -8.63
CA SER E 358 -28.62 -35.18 -8.63
C SER E 358 -28.75 -34.19 -7.47
N GLU E 359 -28.20 -34.52 -6.31
CA GLU E 359 -28.27 -33.60 -5.18
C GLU E 359 -27.48 -32.33 -5.47
N ALA E 360 -26.30 -32.46 -6.09
CA ALA E 360 -25.51 -31.29 -6.44
C ALA E 360 -26.26 -30.41 -7.45
N LEU E 361 -26.87 -31.03 -8.47
CA LEU E 361 -27.65 -30.26 -9.43
C LEU E 361 -28.82 -29.57 -8.77
N GLN E 362 -29.49 -30.27 -7.84
CA GLN E 362 -30.60 -29.67 -7.11
C GLN E 362 -30.14 -28.46 -6.30
N ARG E 363 -29.00 -28.58 -5.62
CA ARG E 363 -28.47 -27.46 -4.86
C ARG E 363 -28.17 -26.28 -5.77
N VAL E 364 -27.50 -26.54 -6.90
CA VAL E 364 -27.10 -25.46 -7.80
C VAL E 364 -28.33 -24.75 -8.33
N PHE E 365 -29.31 -25.52 -8.84
CA PHE E 365 -30.50 -24.90 -9.43
C PHE E 365 -31.36 -24.22 -8.37
N GLY E 366 -31.42 -24.77 -7.15
CA GLY E 366 -32.18 -24.12 -6.11
C GLY E 366 -31.59 -22.78 -5.69
N ASP E 367 -30.26 -22.74 -5.50
CA ASP E 367 -29.64 -21.47 -5.16
C ASP E 367 -29.77 -20.47 -6.30
N TRP E 368 -29.60 -20.92 -7.54
CA TRP E 368 -29.79 -20.02 -8.68
C TRP E 368 -31.22 -19.49 -8.72
N LYS E 369 -32.20 -20.36 -8.48
CA LYS E 369 -33.60 -19.92 -8.50
C LYS E 369 -33.85 -18.89 -7.42
N VAL E 370 -33.49 -19.19 -6.17
CA VAL E 370 -33.75 -18.27 -5.07
C VAL E 370 -32.95 -16.98 -5.21
N ASP E 371 -31.85 -17.00 -5.97
CA ASP E 371 -31.06 -15.80 -6.15
C ASP E 371 -31.57 -14.91 -7.27
N TYR E 372 -32.05 -15.49 -8.38
CA TYR E 372 -32.45 -14.70 -9.52
C TYR E 372 -33.93 -14.83 -9.87
N ALA E 373 -34.44 -16.06 -10.01
CA ALA E 373 -35.74 -16.25 -10.63
C ALA E 373 -36.86 -15.68 -9.78
N ASP E 374 -36.75 -15.83 -8.45
CA ASP E 374 -37.80 -15.30 -7.57
C ASP E 374 -37.90 -13.78 -7.69
N LYS E 375 -36.76 -13.10 -7.78
CA LYS E 375 -36.78 -11.64 -7.91
C LYS E 375 -37.24 -11.22 -9.30
N ILE E 376 -36.73 -11.88 -10.33
CA ILE E 376 -37.12 -11.53 -11.70
C ILE E 376 -38.57 -11.93 -11.96
N GLY E 377 -39.00 -13.07 -11.44
CA GLY E 377 -40.31 -13.61 -11.72
C GLY E 377 -40.31 -14.84 -12.59
N PHE E 378 -39.14 -15.33 -13.01
CA PHE E 378 -39.06 -16.55 -13.79
C PHE E 378 -39.56 -17.73 -12.96
N ASN E 379 -40.40 -18.55 -13.57
CA ASN E 379 -40.95 -19.73 -12.90
C ASN E 379 -40.20 -20.95 -13.38
N ILE E 380 -39.50 -21.61 -12.46
CA ILE E 380 -38.70 -22.79 -12.75
C ILE E 380 -38.91 -23.82 -11.66
N ASP E 381 -39.09 -25.08 -12.07
CA ASP E 381 -39.11 -26.21 -11.15
C ASP E 381 -37.86 -27.04 -11.39
N VAL E 382 -37.07 -27.23 -10.33
CA VAL E 382 -35.74 -27.81 -10.48
C VAL E 382 -35.79 -29.27 -10.89
N ASP E 383 -36.90 -29.97 -10.64
CA ASP E 383 -36.94 -31.41 -10.87
C ASP E 383 -36.75 -31.76 -12.34
N GLN E 384 -37.53 -31.14 -13.23
CA GLN E 384 -37.41 -31.45 -14.65
C GLN E 384 -36.07 -30.99 -15.20
N LYS E 385 -35.58 -29.87 -14.68
CA LYS E 385 -34.27 -29.35 -15.15
C LYS E 385 -33.20 -30.40 -14.84
N VAL E 386 -33.10 -30.77 -13.56
CA VAL E 386 -32.04 -31.70 -13.15
C VAL E 386 -32.22 -33.04 -13.85
N ASP E 387 -33.46 -33.48 -14.09
CA ASP E 387 -33.66 -34.73 -14.83
C ASP E 387 -33.16 -34.61 -16.26
N ALA E 388 -33.43 -33.49 -16.91
CA ALA E 388 -32.97 -33.29 -18.29
C ALA E 388 -31.44 -33.26 -18.34
N VAL E 389 -30.80 -32.57 -17.39
CA VAL E 389 -29.34 -32.54 -17.37
C VAL E 389 -28.78 -33.93 -17.10
N LEU E 390 -29.37 -34.66 -16.14
CA LEU E 390 -28.86 -35.96 -15.74
C LEU E 390 -29.10 -37.03 -16.79
N ALA E 391 -30.07 -36.81 -17.70
CA ALA E 391 -30.33 -37.79 -18.74
C ALA E 391 -29.10 -38.09 -19.59
N GLY E 392 -28.21 -37.11 -19.74
CA GLY E 392 -26.97 -37.33 -20.46
C GLY E 392 -25.89 -38.06 -19.69
N PHE E 393 -26.09 -38.29 -18.40
CA PHE E 393 -25.11 -38.99 -17.59
C PHE E 393 -25.28 -40.50 -17.73
N LYS E 394 -24.16 -41.19 -17.87
CA LYS E 394 -24.17 -42.65 -18.01
C LYS E 394 -23.42 -43.31 -16.85
N ASN F 10 -40.36 22.42 -21.15
CA ASN F 10 -40.66 23.08 -22.41
C ASN F 10 -42.11 22.82 -22.82
N SER F 11 -42.77 23.87 -23.33
CA SER F 11 -44.17 23.71 -23.78
C SER F 11 -44.21 22.63 -24.87
N THR F 12 -43.37 22.78 -25.90
CA THR F 12 -43.44 21.85 -27.01
C THR F 12 -43.26 20.41 -26.53
N ARG F 13 -42.30 20.18 -25.63
CA ARG F 13 -42.10 18.84 -25.08
C ARG F 13 -43.32 18.38 -24.31
N THR F 14 -43.91 19.30 -23.55
CA THR F 14 -45.14 18.94 -22.78
C THR F 14 -46.23 18.51 -23.77
N GLU F 15 -46.49 19.34 -24.78
CA GLU F 15 -47.56 19.03 -25.75
C GLU F 15 -47.29 17.67 -26.39
N TRP F 16 -46.05 17.44 -26.83
CA TRP F 16 -45.75 16.20 -27.54
C TRP F 16 -45.90 14.99 -26.62
N GLU F 17 -45.40 15.10 -25.40
CA GLU F 17 -45.59 13.99 -24.43
C GLU F 17 -47.08 13.76 -24.27
N GLY F 18 -47.86 14.85 -24.11
CA GLY F 18 -49.29 14.71 -23.91
C GLY F 18 -49.97 13.99 -25.07
N LYS F 19 -49.61 14.34 -26.30
CA LYS F 19 -50.22 13.66 -27.44
C LYS F 19 -49.68 12.25 -27.64
N ILE F 20 -48.53 11.93 -27.03
CA ILE F 20 -48.06 10.54 -27.03
C ILE F 20 -49.02 9.65 -26.24
N ALA F 21 -49.65 10.20 -25.20
CA ALA F 21 -50.49 9.40 -24.31
C ALA F 21 -51.68 8.76 -25.02
N LYS F 22 -52.05 9.26 -26.19
CA LYS F 22 -53.19 8.71 -26.93
C LYS F 22 -52.83 7.46 -27.72
N LEU F 23 -51.55 7.11 -27.81
CA LEU F 23 -51.10 5.96 -28.60
C LEU F 23 -51.39 4.68 -27.84
N ASN F 24 -52.51 4.04 -28.17
CA ASN F 24 -52.91 2.78 -27.55
C ASN F 24 -52.84 1.59 -28.49
N SER F 25 -52.50 1.79 -29.76
CA SER F 25 -52.44 0.73 -30.75
C SER F 25 -50.99 0.52 -31.18
N VAL F 26 -50.59 -0.75 -31.27
CA VAL F 26 -49.20 -1.07 -31.62
C VAL F 26 -48.89 -0.60 -33.04
N ASP F 27 -49.78 -0.91 -33.99
CA ASP F 27 -49.55 -0.51 -35.38
C ASP F 27 -49.59 1.01 -35.52
N GLN F 28 -50.54 1.66 -34.85
CA GLN F 28 -50.62 3.12 -34.90
C GLN F 28 -49.38 3.74 -34.28
N ALA F 29 -48.90 3.19 -33.17
CA ALA F 29 -47.67 3.69 -32.55
C ALA F 29 -46.48 3.50 -33.46
N THR F 30 -46.42 2.37 -34.17
CA THR F 30 -45.34 2.13 -35.12
C THR F 30 -45.37 3.16 -36.25
N LYS F 31 -46.56 3.44 -36.78
CA LYS F 31 -46.66 4.47 -37.82
C LYS F 31 -46.25 5.84 -37.29
N PHE F 32 -46.65 6.15 -36.05
CA PHE F 32 -46.32 7.45 -35.47
C PHE F 32 -44.81 7.61 -35.29
N ILE F 33 -44.15 6.58 -34.73
CA ILE F 33 -42.71 6.67 -34.58
C ILE F 33 -42.03 6.73 -35.93
N GLN F 34 -42.52 5.96 -36.90
CA GLN F 34 -41.92 5.95 -38.23
C GLN F 34 -41.95 7.33 -38.87
N ASP F 35 -43.14 7.94 -38.96
CA ASP F 35 -43.22 9.20 -39.67
C ASP F 35 -42.60 10.34 -38.85
N PHE F 36 -42.58 10.22 -37.52
CA PHE F 36 -41.87 11.21 -36.72
C PHE F 36 -40.37 11.15 -36.99
N ARG F 37 -39.80 9.93 -37.06
CA ARG F 37 -38.40 9.79 -37.42
C ARG F 37 -38.13 10.38 -38.79
N VAL F 38 -38.98 10.07 -39.76
CA VAL F 38 -38.79 10.58 -41.11
C VAL F 38 -38.84 12.10 -41.11
N ALA F 39 -39.75 12.68 -40.34
CA ALA F 39 -39.93 14.13 -40.35
C ALA F 39 -38.76 14.86 -39.69
N TYR F 40 -38.35 14.40 -38.50
CA TYR F 40 -37.56 15.26 -37.62
C TYR F 40 -36.21 14.68 -37.17
N SER F 41 -35.82 13.50 -37.64
CA SER F 41 -34.63 12.85 -37.10
C SER F 41 -33.40 12.94 -37.99
N SER F 42 -33.55 12.65 -39.28
CA SER F 42 -32.40 12.49 -40.16
C SER F 42 -31.79 13.85 -40.51
N PRO F 43 -30.52 13.88 -40.93
CA PRO F 43 -29.97 15.12 -41.49
C PRO F 43 -30.77 15.63 -42.68
N PHE F 44 -31.21 14.72 -43.54
CA PHE F 44 -32.24 15.06 -44.51
C PHE F 44 -33.58 15.15 -43.79
N ARG F 45 -34.10 16.36 -43.67
CA ARG F 45 -35.23 16.61 -42.78
C ARG F 45 -36.28 17.43 -43.51
N LYS F 46 -37.53 17.28 -43.08
CA LYS F 46 -38.63 18.00 -43.69
C LYS F 46 -38.79 19.41 -43.13
N SER F 47 -38.55 19.58 -41.82
CA SER F 47 -38.62 20.91 -41.21
C SER F 47 -37.79 20.89 -39.93
N TYR F 48 -37.02 21.95 -39.71
CA TYR F 48 -36.15 22.08 -38.55
C TYR F 48 -36.82 22.80 -37.38
N ASP F 49 -38.12 23.09 -37.48
CA ASP F 49 -38.79 23.87 -36.45
C ASP F 49 -38.72 23.17 -35.08
N LEU F 50 -38.87 21.84 -35.06
CA LEU F 50 -38.80 21.08 -33.83
C LEU F 50 -37.40 20.54 -33.54
N ASP F 51 -36.36 21.23 -33.99
CA ASP F 51 -35.00 20.83 -33.68
C ASP F 51 -34.73 21.00 -32.18
N VAL F 52 -33.56 20.51 -31.75
CA VAL F 52 -33.09 20.62 -30.37
C VAL F 52 -33.92 19.73 -29.46
N ASP F 53 -35.24 19.94 -29.45
CA ASP F 53 -36.13 19.21 -28.55
C ASP F 53 -36.67 17.93 -29.17
N TYR F 54 -36.26 17.58 -30.38
CA TYR F 54 -36.80 16.38 -31.02
C TYR F 54 -36.22 15.11 -30.42
N GLN F 55 -35.01 15.16 -29.88
CA GLN F 55 -34.39 13.97 -29.30
C GLN F 55 -35.15 13.49 -28.07
N TYR F 56 -35.56 14.43 -27.20
CA TYR F 56 -36.30 14.04 -26.00
C TYR F 56 -37.65 13.43 -26.35
N ILE F 57 -38.35 14.03 -27.32
CA ILE F 57 -39.63 13.47 -27.76
C ILE F 57 -39.42 12.11 -28.39
N GLU F 58 -38.32 11.95 -29.14
CA GLU F 58 -38.01 10.65 -29.72
C GLU F 58 -37.80 9.60 -28.64
N ARG F 59 -37.08 9.96 -27.57
CA ARG F 59 -36.89 9.01 -26.47
C ARG F 59 -38.21 8.67 -25.80
N LYS F 60 -39.07 9.67 -25.60
CA LYS F 60 -40.36 9.40 -24.97
C LYS F 60 -41.21 8.47 -25.81
N ILE F 61 -41.24 8.68 -27.13
CA ILE F 61 -42.01 7.78 -27.98
C ILE F 61 -41.36 6.40 -28.07
N GLU F 62 -40.02 6.33 -27.99
CA GLU F 62 -39.34 5.05 -27.85
C GLU F 62 -39.89 4.29 -26.65
N GLU F 63 -39.92 4.97 -25.49
CA GLU F 63 -40.36 4.31 -24.27
C GLU F 63 -41.82 3.90 -24.37
N ARG F 64 -42.67 4.75 -24.93
CA ARG F 64 -44.09 4.42 -25.01
C ARG F 64 -44.34 3.26 -25.97
N LEU F 65 -43.65 3.25 -27.12
CA LEU F 65 -43.79 2.14 -28.05
C LEU F 65 -43.30 0.83 -27.42
N SER F 66 -42.20 0.93 -26.68
CA SER F 66 -41.71 -0.28 -25.97
C SER F 66 -42.78 -0.76 -25.00
N VAL F 67 -43.40 0.17 -24.27
CA VAL F 67 -44.43 -0.20 -23.32
C VAL F 67 -45.59 -0.89 -24.03
N LEU F 68 -46.05 -0.34 -25.15
CA LEU F 68 -47.07 -1.02 -25.94
C LEU F 68 -46.58 -2.36 -26.46
N LYS F 69 -45.30 -2.45 -26.80
CA LYS F 69 -44.71 -3.74 -27.11
C LYS F 69 -44.70 -4.62 -25.86
N THR F 70 -44.74 -5.94 -26.08
CA THR F 70 -44.77 -6.96 -25.04
C THR F 70 -46.11 -7.01 -24.32
N GLU F 71 -47.01 -6.08 -24.65
CA GLU F 71 -48.35 -6.15 -24.09
C GLU F 71 -49.15 -7.29 -24.70
N LYS F 72 -49.05 -7.47 -26.01
CA LYS F 72 -49.74 -8.56 -26.70
C LYS F 72 -48.74 -9.37 -27.53
N LEU F 73 -47.61 -8.74 -27.87
CA LEU F 73 -46.61 -9.40 -28.70
C LEU F 73 -46.00 -10.58 -27.96
N SER F 74 -45.78 -11.68 -28.69
CA SER F 74 -45.23 -12.90 -28.11
C SER F 74 -43.71 -12.87 -28.14
N VAL F 75 -43.09 -13.89 -27.56
CA VAL F 75 -41.64 -13.93 -27.46
C VAL F 75 -41.00 -14.15 -28.83
N ALA F 76 -41.61 -15.00 -29.66
CA ALA F 76 -41.03 -15.30 -30.97
C ALA F 76 -40.95 -14.06 -31.83
N ASP F 77 -42.04 -13.29 -31.89
CA ASP F 77 -42.00 -12.03 -32.64
C ASP F 77 -41.08 -11.03 -31.97
N LEU F 78 -40.98 -11.06 -30.63
CA LEU F 78 -40.08 -10.17 -29.93
C LEU F 78 -38.62 -10.43 -30.30
N VAL F 79 -38.29 -11.68 -30.62
CA VAL F 79 -36.90 -12.04 -30.81
C VAL F 79 -36.51 -12.04 -32.29
N THR F 80 -37.47 -12.32 -33.18
CA THR F 80 -37.10 -12.47 -34.60
C THR F 80 -38.06 -11.80 -35.58
N LYS F 81 -39.02 -11.01 -35.13
CA LYS F 81 -39.98 -10.38 -36.03
C LYS F 81 -40.01 -8.88 -35.78
N ALA F 82 -39.96 -8.10 -36.85
CA ALA F 82 -40.07 -6.65 -36.73
C ALA F 82 -41.48 -6.25 -36.29
N THR F 83 -41.58 -5.04 -35.73
CA THR F 83 -42.87 -4.56 -35.27
C THR F 83 -43.85 -4.38 -36.44
N THR F 84 -43.35 -3.92 -37.59
CA THR F 84 -44.20 -3.76 -38.75
C THR F 84 -44.66 -5.09 -39.33
N GLY F 85 -44.02 -6.19 -38.98
CA GLY F 85 -44.41 -7.51 -39.46
C GLY F 85 -43.46 -8.17 -40.44
N GLU F 86 -42.30 -7.60 -40.68
CA GLU F 86 -41.33 -8.18 -41.60
C GLU F 86 -40.31 -9.02 -40.85
N ASP F 87 -39.89 -10.11 -41.49
CA ASP F 87 -38.91 -11.01 -40.88
C ASP F 87 -37.54 -10.35 -40.82
N ALA F 88 -36.80 -10.66 -39.76
CA ALA F 88 -35.48 -10.08 -39.57
C ALA F 88 -34.53 -10.47 -40.70
N ALA F 89 -34.55 -11.75 -41.10
CA ALA F 89 -33.67 -12.19 -42.19
C ALA F 89 -34.08 -11.56 -43.51
N ALA F 90 -35.37 -11.34 -43.73
CA ALA F 90 -35.81 -10.64 -44.93
C ALA F 90 -35.27 -9.21 -44.97
N VAL F 91 -35.33 -8.53 -43.82
CA VAL F 91 -34.75 -7.19 -43.72
C VAL F 91 -33.25 -7.22 -44.00
N GLU F 92 -32.55 -8.16 -43.38
CA GLU F 92 -31.14 -8.42 -43.66
C GLU F 92 -30.87 -8.47 -45.15
N ALA F 93 -31.49 -9.45 -45.83
CA ALA F 93 -31.19 -9.70 -47.22
C ALA F 93 -31.56 -8.50 -48.09
N ALA F 94 -32.74 -7.91 -47.85
CA ALA F 94 -33.18 -6.80 -48.67
C ALA F 94 -32.22 -5.62 -48.58
N TRP F 95 -31.82 -5.25 -47.35
CA TRP F 95 -30.97 -4.08 -47.22
C TRP F 95 -29.55 -4.33 -47.68
N ILE F 96 -29.01 -5.55 -47.46
CA ILE F 96 -27.68 -5.84 -48.01
C ILE F 96 -27.70 -5.81 -49.53
N ALA F 97 -28.76 -6.38 -50.14
CA ALA F 97 -28.87 -6.35 -51.60
C ALA F 97 -28.98 -4.92 -52.10
N LYS F 98 -29.76 -4.08 -51.41
CA LYS F 98 -29.88 -2.69 -51.81
C LYS F 98 -28.54 -1.95 -51.71
N MET F 99 -27.79 -2.20 -50.64
CA MET F 99 -26.48 -1.58 -50.49
C MET F 99 -25.51 -2.04 -51.57
N LYS F 100 -25.59 -3.32 -51.96
CA LYS F 100 -24.69 -3.83 -52.98
C LYS F 100 -24.91 -3.13 -54.32
N ALA F 101 -26.16 -2.80 -54.64
CA ALA F 101 -26.49 -2.16 -55.90
C ALA F 101 -26.35 -0.65 -55.86
N ALA F 102 -26.02 -0.06 -54.71
CA ALA F 102 -25.89 1.39 -54.58
C ALA F 102 -24.47 1.78 -54.95
N GLU F 103 -24.27 2.17 -56.21
CA GLU F 103 -22.93 2.55 -56.67
C GLU F 103 -22.55 3.94 -56.21
N SER F 104 -23.51 4.86 -56.09
CA SER F 104 -23.21 6.23 -55.74
C SER F 104 -23.10 6.39 -54.23
N LYS F 105 -22.10 7.16 -53.78
CA LYS F 105 -21.92 7.39 -52.36
C LYS F 105 -23.07 8.21 -51.79
N TYR F 106 -23.57 9.18 -52.55
CA TYR F 106 -24.73 9.94 -52.10
C TYR F 106 -25.97 9.05 -52.02
N ALA F 107 -26.18 8.19 -53.02
CA ALA F 107 -27.28 7.24 -52.95
C ALA F 107 -27.08 6.28 -51.78
N ALA F 108 -25.84 5.86 -51.54
CA ALA F 108 -25.57 4.94 -50.44
C ALA F 108 -25.91 5.58 -49.10
N GLU F 109 -25.49 6.82 -48.89
CA GLU F 109 -25.79 7.50 -47.63
C GLU F 109 -27.29 7.74 -47.49
N ARG F 110 -27.95 8.11 -48.60
CA ARG F 110 -29.40 8.30 -48.56
C ARG F 110 -30.11 7.02 -48.13
N ILE F 111 -29.75 5.89 -48.74
CA ILE F 111 -30.45 4.65 -48.46
C ILE F 111 -30.11 4.15 -47.06
N HIS F 112 -28.87 4.34 -46.61
CA HIS F 112 -28.51 3.96 -45.24
C HIS F 112 -29.32 4.77 -44.23
N ILE F 113 -29.39 6.08 -44.44
CA ILE F 113 -30.12 6.93 -43.49
C ILE F 113 -31.61 6.58 -43.49
N GLU F 114 -32.19 6.35 -44.68
CA GLU F 114 -33.62 6.04 -44.70
C GLU F 114 -33.91 4.65 -44.15
N PHE F 115 -32.97 3.71 -44.29
CA PHE F 115 -33.11 2.42 -43.61
C PHE F 115 -33.10 2.61 -42.10
N ARG F 116 -32.21 3.46 -41.60
CA ARG F 116 -32.21 3.75 -40.17
C ARG F 116 -33.52 4.41 -39.74
N GLN F 117 -34.09 5.26 -40.60
CA GLN F 117 -35.39 5.84 -40.32
C GLN F 117 -36.47 4.76 -40.23
N LEU F 118 -36.44 3.79 -41.14
CA LEU F 118 -37.53 2.82 -41.23
C LEU F 118 -37.45 1.77 -40.12
N TYR F 119 -36.30 1.11 -39.99
CA TYR F 119 -36.16 -0.04 -39.09
C TYR F 119 -35.03 0.21 -38.10
N LYS F 120 -35.36 0.78 -36.95
CA LYS F 120 -34.48 0.89 -35.81
C LYS F 120 -35.32 0.67 -34.57
N PRO F 121 -34.70 0.26 -33.45
CA PRO F 121 -35.48 -0.23 -32.32
C PRO F 121 -36.44 0.83 -31.82
N PRO F 122 -37.61 0.42 -31.28
CA PRO F 122 -37.95 -1.00 -31.12
C PRO F 122 -38.68 -1.58 -32.33
N VAL F 123 -38.64 -0.88 -33.46
CA VAL F 123 -39.27 -1.39 -34.68
C VAL F 123 -38.62 -2.71 -35.09
N LEU F 124 -37.30 -2.77 -35.05
CA LEU F 124 -36.54 -3.96 -35.38
C LEU F 124 -35.93 -4.58 -34.12
N PRO F 125 -35.75 -5.90 -34.07
CA PRO F 125 -35.01 -6.50 -32.96
C PRO F 125 -33.58 -5.95 -32.90
N VAL F 126 -33.08 -5.82 -31.67
CA VAL F 126 -31.84 -5.10 -31.45
C VAL F 126 -30.66 -5.78 -32.14
N ASN F 127 -30.53 -7.10 -31.96
CA ASN F 127 -29.35 -7.80 -32.45
C ASN F 127 -29.26 -7.74 -33.97
N VAL F 128 -30.36 -8.06 -34.65
CA VAL F 128 -30.36 -8.00 -36.11
C VAL F 128 -30.15 -6.57 -36.59
N PHE F 129 -30.69 -5.59 -35.85
CA PHE F 129 -30.50 -4.20 -36.24
C PHE F 129 -29.03 -3.80 -36.18
N LEU F 130 -28.33 -4.20 -35.10
CA LEU F 130 -26.90 -3.90 -35.01
C LEU F 130 -26.10 -4.64 -36.07
N ARG F 131 -26.50 -5.88 -36.40
CA ARG F 131 -25.80 -6.59 -37.48
C ARG F 131 -25.97 -5.87 -38.82
N THR F 132 -27.20 -5.42 -39.11
CA THR F 132 -27.43 -4.62 -40.31
C THR F 132 -26.59 -3.35 -40.29
N ASP F 133 -26.52 -2.69 -39.14
CA ASP F 133 -25.74 -1.46 -39.04
C ASP F 133 -24.27 -1.73 -39.31
N ALA F 134 -23.74 -2.83 -38.76
CA ALA F 134 -22.34 -3.16 -39.00
C ALA F 134 -22.07 -3.44 -40.47
N ALA F 135 -22.93 -4.23 -41.11
CA ALA F 135 -22.72 -4.54 -42.52
C ALA F 135 -22.82 -3.28 -43.37
N LEU F 136 -23.83 -2.45 -43.12
CA LEU F 136 -24.00 -1.22 -43.88
C LEU F 136 -22.84 -0.26 -43.65
N GLY F 137 -22.34 -0.17 -42.41
CA GLY F 137 -21.21 0.68 -42.13
C GLY F 137 -19.95 0.21 -42.83
N THR F 138 -19.72 -1.10 -42.87
CA THR F 138 -18.57 -1.63 -43.60
C THR F 138 -18.67 -1.29 -45.08
N ILE F 139 -19.84 -1.52 -45.67
CA ILE F 139 -20.02 -1.23 -47.10
C ILE F 139 -19.82 0.26 -47.36
N LEU F 140 -20.40 1.11 -46.51
CA LEU F 140 -20.32 2.55 -46.71
C LEU F 140 -18.91 3.09 -46.48
N MET F 141 -18.16 2.47 -45.56
CA MET F 141 -16.76 2.86 -45.37
C MET F 141 -15.89 2.46 -46.55
N GLU F 142 -16.09 1.25 -47.10
CA GLU F 142 -15.30 0.88 -48.26
C GLU F 142 -15.71 1.71 -49.48
N LEU F 143 -16.95 2.19 -49.50
CA LEU F 143 -17.48 2.88 -50.67
C LEU F 143 -17.32 4.39 -50.63
N ARG F 144 -17.19 4.98 -49.43
CA ARG F 144 -17.16 6.47 -49.32
C ARG F 144 -15.80 6.97 -48.85
N ASN F 145 -15.09 6.23 -48.01
CA ASN F 145 -13.82 6.78 -47.48
C ASN F 145 -12.84 6.97 -48.64
N THR F 146 -13.06 6.28 -49.76
CA THR F 146 -12.07 6.31 -50.88
C THR F 146 -11.93 7.69 -51.55
N ASP F 147 -10.70 8.10 -51.88
CA ASP F 147 -10.44 9.35 -52.67
C ASP F 147 -11.02 10.60 -52.01
N TYR F 148 -11.02 10.69 -50.68
CA TYR F 148 -11.66 11.89 -50.07
C TYR F 148 -10.88 13.15 -50.47
N TYR F 149 -9.55 13.10 -50.44
CA TYR F 149 -8.69 14.28 -50.75
C TYR F 149 -8.75 14.79 -52.21
N ALA F 150 -8.91 13.88 -53.18
CA ALA F 150 -8.85 14.23 -54.62
C ALA F 150 -9.93 15.22 -55.07
N THR F 151 -11.22 14.91 -54.85
CA THR F 151 -12.30 15.80 -55.37
C THR F 151 -12.15 17.22 -54.83
N PRO F 152 -12.29 18.28 -55.66
CA PRO F 152 -12.12 19.67 -55.22
C PRO F 152 -13.20 20.09 -54.22
N LEU F 153 -12.85 20.93 -53.26
CA LEU F 153 -13.86 21.45 -52.30
C LEU F 153 -15.07 21.90 -53.10
N GLU F 154 -14.86 22.74 -54.12
CA GLU F 154 -16.03 23.22 -54.83
C GLU F 154 -16.79 22.08 -55.50
N GLY F 155 -16.09 21.00 -55.85
CA GLY F 155 -16.78 19.82 -56.34
C GLY F 155 -17.71 19.24 -55.30
N LEU F 156 -17.26 19.14 -54.05
CA LEU F 156 -18.15 18.69 -52.98
C LEU F 156 -19.30 19.67 -52.78
N ARG F 157 -19.00 20.97 -52.85
CA ARG F 157 -20.06 21.97 -52.65
C ARG F 157 -21.15 21.82 -53.71
N LYS F 158 -20.77 21.60 -54.96
CA LYS F 158 -21.77 21.47 -56.02
C LYS F 158 -22.48 20.13 -55.96
N GLU F 159 -21.75 19.04 -55.67
CA GLU F 159 -22.37 17.72 -55.64
C GLU F 159 -23.35 17.59 -54.49
N ARG F 160 -23.02 18.14 -53.32
CA ARG F 160 -23.93 18.10 -52.19
C ARG F 160 -25.20 18.90 -52.45
N GLY F 161 -25.17 19.86 -53.37
CA GLY F 161 -26.31 20.71 -53.62
C GLY F 161 -26.44 21.88 -52.67
N VAL F 162 -25.45 22.11 -51.81
CA VAL F 162 -25.50 23.18 -50.83
C VAL F 162 -25.26 24.51 -51.52
N LYS F 163 -25.97 25.53 -51.08
CA LYS F 163 -25.81 26.89 -51.57
C LYS F 163 -25.09 27.73 -50.52
N VAL F 164 -24.01 28.39 -50.91
CA VAL F 164 -23.19 29.18 -50.01
C VAL F 164 -23.74 30.61 -49.96
N LEU F 165 -23.70 31.21 -48.78
CA LEU F 165 -24.21 32.56 -48.57
C LEU F 165 -23.09 33.58 -48.40
N HIS F 166 -22.18 33.37 -47.45
CA HIS F 166 -21.09 34.29 -47.19
C HIS F 166 -19.77 33.52 -47.17
N LEU F 167 -18.78 34.03 -47.89
CA LEU F 167 -17.44 33.49 -47.89
C LEU F 167 -16.45 34.65 -47.93
N GLN F 168 -15.31 34.47 -47.25
CA GLN F 168 -14.31 35.51 -47.18
C GLN F 168 -12.91 34.93 -47.01
FE FE G . 7.82 3.58 20.57
FE FE H . 6.13 2.95 22.89
FE FE I . -4.38 7.99 -20.29
FE FE J . -3.13 6.53 -22.75
#